data_2CZS
# 
_entry.id   2CZS 
# 
_audit_conform.dict_name       mmcif_pdbx.dic 
_audit_conform.dict_version    5.397 
_audit_conform.dict_location   http://mmcif.pdb.org/dictionaries/ascii/mmcif_pdbx.dic 
# 
loop_
_database_2.database_id 
_database_2.database_code 
_database_2.pdbx_database_accession 
_database_2.pdbx_DOI 
PDB   2CZS         pdb_00002czs 10.2210/pdb2czs/pdb 
RCSB  RCSB024809   ?            ?                   
WWPDB D_1000024809 ?            ?                   
# 
loop_
_pdbx_audit_revision_history.ordinal 
_pdbx_audit_revision_history.data_content_type 
_pdbx_audit_revision_history.major_revision 
_pdbx_audit_revision_history.minor_revision 
_pdbx_audit_revision_history.revision_date 
1 'Structure model' 1 0 2005-10-18 
2 'Structure model' 1 1 2008-04-30 
3 'Structure model' 1 2 2011-07-13 
4 'Structure model' 1 3 2024-10-23 
# 
_pdbx_audit_revision_details.ordinal             1 
_pdbx_audit_revision_details.revision_ordinal    1 
_pdbx_audit_revision_details.data_content_type   'Structure model' 
_pdbx_audit_revision_details.provider            repository 
_pdbx_audit_revision_details.type                'Initial release' 
_pdbx_audit_revision_details.description         ? 
_pdbx_audit_revision_details.details             ? 
# 
loop_
_pdbx_audit_revision_group.ordinal 
_pdbx_audit_revision_group.revision_ordinal 
_pdbx_audit_revision_group.data_content_type 
_pdbx_audit_revision_group.group 
1 2 'Structure model' 'Version format compliance' 
2 3 'Structure model' 'Derived calculations'      
3 3 'Structure model' 'Source and taxonomy'       
4 3 'Structure model' 'Version format compliance' 
5 4 'Structure model' 'Data collection'           
6 4 'Structure model' 'Database references'       
7 4 'Structure model' 'Derived calculations'      
8 4 'Structure model' 'Structure summary'         
# 
loop_
_pdbx_audit_revision_category.ordinal 
_pdbx_audit_revision_category.revision_ordinal 
_pdbx_audit_revision_category.data_content_type 
_pdbx_audit_revision_category.category 
1 4 'Structure model' chem_comp_atom            
2 4 'Structure model' chem_comp_bond            
3 4 'Structure model' database_2                
4 4 'Structure model' diffrn_source             
5 4 'Structure model' pdbx_entry_details        
6 4 'Structure model' pdbx_modification_feature 
7 4 'Structure model' struct_conn               
8 4 'Structure model' struct_ref_seq_dif        
9 4 'Structure model' struct_site               
# 
loop_
_pdbx_audit_revision_item.ordinal 
_pdbx_audit_revision_item.revision_ordinal 
_pdbx_audit_revision_item.data_content_type 
_pdbx_audit_revision_item.item 
1  4 'Structure model' '_database_2.pdbx_DOI'                 
2  4 'Structure model' '_database_2.pdbx_database_accession'  
3  4 'Structure model' '_diffrn_source.pdbx_synchrotron_site' 
4  4 'Structure model' '_struct_conn.conn_type_id'            
5  4 'Structure model' '_struct_conn.id'                      
6  4 'Structure model' '_struct_conn.pdbx_dist_value'         
7  4 'Structure model' '_struct_conn.pdbx_leaving_atom_flag'  
8  4 'Structure model' '_struct_conn.ptnr1_auth_asym_id'      
9  4 'Structure model' '_struct_conn.ptnr1_auth_comp_id'      
10 4 'Structure model' '_struct_conn.ptnr1_auth_seq_id'       
11 4 'Structure model' '_struct_conn.ptnr1_label_asym_id'     
12 4 'Structure model' '_struct_conn.ptnr1_label_atom_id'     
13 4 'Structure model' '_struct_conn.ptnr1_label_comp_id'     
14 4 'Structure model' '_struct_conn.ptnr1_label_seq_id'      
15 4 'Structure model' '_struct_conn.ptnr2_auth_asym_id'      
16 4 'Structure model' '_struct_conn.ptnr2_auth_comp_id'      
17 4 'Structure model' '_struct_conn.ptnr2_auth_seq_id'       
18 4 'Structure model' '_struct_conn.ptnr2_label_asym_id'     
19 4 'Structure model' '_struct_conn.ptnr2_label_atom_id'     
20 4 'Structure model' '_struct_conn.ptnr2_label_comp_id'     
21 4 'Structure model' '_struct_conn.ptnr2_label_seq_id'      
22 4 'Structure model' '_struct_ref_seq_dif.details'          
23 4 'Structure model' '_struct_site.pdbx_auth_asym_id'       
24 4 'Structure model' '_struct_site.pdbx_auth_comp_id'       
25 4 'Structure model' '_struct_site.pdbx_auth_seq_id'        
# 
_pdbx_database_status.status_code                     REL 
_pdbx_database_status.entry_id                        2CZS 
_pdbx_database_status.recvd_initial_deposition_date   2005-07-15 
_pdbx_database_status.deposit_site                    PDBJ 
_pdbx_database_status.process_site                    PDBJ 
_pdbx_database_status.status_code_sf                  REL 
_pdbx_database_status.status_code_mr                  ? 
_pdbx_database_status.SG_entry                        ? 
_pdbx_database_status.status_code_cs                  ? 
_pdbx_database_status.pdb_format_compatible           Y 
_pdbx_database_status.status_code_nmr_data            ? 
_pdbx_database_status.methods_development_category    ? 
# 
loop_
_audit_author.name 
_audit_author.pdbx_ordinal 
'Heitmann, D.' 1 
'Einsle, O.'   2 
# 
_citation.id                        primary 
_citation.title                     
'Structural and Biochemical Characterization of DHC2, a Novel Diheme Cytochrome c from Geobacter sulfurreducens' 
_citation.journal_abbrev            Biochemistry 
_citation.journal_volume            44 
_citation.page_first                12411 
_citation.page_last                 12419 
_citation.year                      2005 
_citation.journal_id_ASTM           BICHAW 
_citation.country                   US 
_citation.journal_id_ISSN           0006-2960 
_citation.journal_id_CSD            0033 
_citation.book_publisher            ? 
_citation.pdbx_database_id_PubMed   16156654 
_citation.pdbx_database_id_DOI      10.1021/bi0509999 
# 
loop_
_citation_author.citation_id 
_citation_author.name 
_citation_author.ordinal 
_citation_author.identifier_ORCID 
primary 'Heitmann, D.' 1 ? 
primary 'Einsle, O.'   2 ? 
# 
loop_
_entity.id 
_entity.type 
_entity.src_method 
_entity.pdbx_description 
_entity.formula_weight 
_entity.pdbx_number_of_molecules 
_entity.pdbx_ec 
_entity.pdbx_mutation 
_entity.pdbx_fragment 
_entity.details 
1 polymer     man 'cytochrome c, putative'          9249.699 2   ? ? ? ? 
2 non-polymer syn 'SULFATE ION'                     96.063   4   ? ? ? ? 
3 non-polymer syn 'SODIUM ION'                      22.990   2   ? ? ? ? 
4 non-polymer syn 'PROTOPORPHYRIN IX CONTAINING FE' 616.487  4   ? ? ? ? 
5 water       nat water                             18.015   153 ? ? ? ? 
# 
_entity_name_com.entity_id   1 
_entity_name_com.name        DHC2 
# 
_entity_poly.entity_id                      1 
_entity_poly.type                           'polypeptide(L)' 
_entity_poly.nstd_linkage                   no 
_entity_poly.nstd_monomer                   no 
_entity_poly.pdbx_seq_one_letter_code       MVSGEVRTKKVPLDTNHKRFYDAFAQGAGKLDLDRQCVECHHEKPGGIPFPKNHPVKPADGPMRCLFCHKFKLEHHHHHH 
_entity_poly.pdbx_seq_one_letter_code_can   MVSGEVRTKKVPLDTNHKRFYDAFAQGAGKLDLDRQCVECHHEKPGGIPFPKNHPVKPADGPMRCLFCHKFKLEHHHHHH 
_entity_poly.pdbx_strand_id                 A,B 
_entity_poly.pdbx_target_identifier         ? 
# 
loop_
_pdbx_entity_nonpoly.entity_id 
_pdbx_entity_nonpoly.name 
_pdbx_entity_nonpoly.comp_id 
2 'SULFATE ION'                     SO4 
3 'SODIUM ION'                      NA  
4 'PROTOPORPHYRIN IX CONTAINING FE' HEM 
5 water                             HOH 
# 
loop_
_entity_poly_seq.entity_id 
_entity_poly_seq.num 
_entity_poly_seq.mon_id 
_entity_poly_seq.hetero 
1 1  MET n 
1 2  VAL n 
1 3  SER n 
1 4  GLY n 
1 5  GLU n 
1 6  VAL n 
1 7  ARG n 
1 8  THR n 
1 9  LYS n 
1 10 LYS n 
1 11 VAL n 
1 12 PRO n 
1 13 LEU n 
1 14 ASP n 
1 15 THR n 
1 16 ASN n 
1 17 HIS n 
1 18 LYS n 
1 19 ARG n 
1 20 PHE n 
1 21 TYR n 
1 22 ASP n 
1 23 ALA n 
1 24 PHE n 
1 25 ALA n 
1 26 GLN n 
1 27 GLY n 
1 28 ALA n 
1 29 GLY n 
1 30 LYS n 
1 31 LEU n 
1 32 ASP n 
1 33 LEU n 
1 34 ASP n 
1 35 ARG n 
1 36 GLN n 
1 37 CYS n 
1 38 VAL n 
1 39 GLU n 
1 40 CYS n 
1 41 HIS n 
1 42 HIS n 
1 43 GLU n 
1 44 LYS n 
1 45 PRO n 
1 46 GLY n 
1 47 GLY n 
1 48 ILE n 
1 49 PRO n 
1 50 PHE n 
1 51 PRO n 
1 52 LYS n 
1 53 ASN n 
1 54 HIS n 
1 55 PRO n 
1 56 VAL n 
1 57 LYS n 
1 58 PRO n 
1 59 ALA n 
1 60 ASP n 
1 61 GLY n 
1 62 PRO n 
1 63 MET n 
1 64 ARG n 
1 65 CYS n 
1 66 LEU n 
1 67 PHE n 
1 68 CYS n 
1 69 HIS n 
1 70 LYS n 
1 71 PHE n 
1 72 LYS n 
1 73 LEU n 
1 74 GLU n 
1 75 HIS n 
1 76 HIS n 
1 77 HIS n 
1 78 HIS n 
1 79 HIS n 
1 80 HIS n 
# 
_entity_src_gen.entity_id                          1 
_entity_src_gen.pdbx_src_id                        1 
_entity_src_gen.pdbx_alt_source_flag               sample 
_entity_src_gen.pdbx_seq_type                      ? 
_entity_src_gen.pdbx_beg_seq_num                   ? 
_entity_src_gen.pdbx_end_seq_num                   ? 
_entity_src_gen.gene_src_common_name               ? 
_entity_src_gen.gene_src_genus                     Geobacter 
_entity_src_gen.pdbx_gene_src_gene                 ? 
_entity_src_gen.gene_src_species                   'Geobacter sulfurreducens' 
_entity_src_gen.gene_src_strain                    PCA 
_entity_src_gen.gene_src_tissue                    ? 
_entity_src_gen.gene_src_tissue_fraction           ? 
_entity_src_gen.gene_src_details                   ? 
_entity_src_gen.pdbx_gene_src_fragment             ? 
_entity_src_gen.pdbx_gene_src_scientific_name      'Geobacter sulfurreducens' 
_entity_src_gen.pdbx_gene_src_ncbi_taxonomy_id     243231 
_entity_src_gen.pdbx_gene_src_variant              ? 
_entity_src_gen.pdbx_gene_src_cell_line            ? 
_entity_src_gen.pdbx_gene_src_atcc                 ? 
_entity_src_gen.pdbx_gene_src_organ                ? 
_entity_src_gen.pdbx_gene_src_organelle            ? 
_entity_src_gen.pdbx_gene_src_cell                 ? 
_entity_src_gen.pdbx_gene_src_cellular_location    ? 
_entity_src_gen.host_org_common_name               ? 
_entity_src_gen.pdbx_host_org_scientific_name      'Escherichia coli' 
_entity_src_gen.pdbx_host_org_ncbi_taxonomy_id     562 
_entity_src_gen.host_org_genus                     Escherichia 
_entity_src_gen.pdbx_host_org_gene                 ? 
_entity_src_gen.pdbx_host_org_organ                ? 
_entity_src_gen.host_org_species                   ? 
_entity_src_gen.pdbx_host_org_tissue               ? 
_entity_src_gen.pdbx_host_org_tissue_fraction      ? 
_entity_src_gen.pdbx_host_org_strain               'BL21(DE3) pEC86' 
_entity_src_gen.pdbx_host_org_variant              ? 
_entity_src_gen.pdbx_host_org_cell_line            ? 
_entity_src_gen.pdbx_host_org_atcc                 ? 
_entity_src_gen.pdbx_host_org_culture_collection   ? 
_entity_src_gen.pdbx_host_org_cell                 ? 
_entity_src_gen.pdbx_host_org_organelle            ? 
_entity_src_gen.pdbx_host_org_cellular_location    ? 
_entity_src_gen.pdbx_host_org_vector_type          Plasmid 
_entity_src_gen.pdbx_host_org_vector               ? 
_entity_src_gen.host_org_details                   ? 
_entity_src_gen.expression_system_id               ? 
_entity_src_gen.plasmid_name                       pET22b 
_entity_src_gen.plasmid_details                    ? 
_entity_src_gen.pdbx_description                   ? 
# 
loop_
_chem_comp.id 
_chem_comp.type 
_chem_comp.mon_nstd_flag 
_chem_comp.name 
_chem_comp.pdbx_synonyms 
_chem_comp.formula 
_chem_comp.formula_weight 
ALA 'L-peptide linking' y ALANINE                           ?    'C3 H7 N O2'       89.093  
ARG 'L-peptide linking' y ARGININE                          ?    'C6 H15 N4 O2 1'   175.209 
ASN 'L-peptide linking' y ASPARAGINE                        ?    'C4 H8 N2 O3'      132.118 
ASP 'L-peptide linking' y 'ASPARTIC ACID'                   ?    'C4 H7 N O4'       133.103 
CYS 'L-peptide linking' y CYSTEINE                          ?    'C3 H7 N O2 S'     121.158 
GLN 'L-peptide linking' y GLUTAMINE                         ?    'C5 H10 N2 O3'     146.144 
GLU 'L-peptide linking' y 'GLUTAMIC ACID'                   ?    'C5 H9 N O4'       147.129 
GLY 'peptide linking'   y GLYCINE                           ?    'C2 H5 N O2'       75.067  
HEM non-polymer         . 'PROTOPORPHYRIN IX CONTAINING FE' HEME 'C34 H32 Fe N4 O4' 616.487 
HIS 'L-peptide linking' y HISTIDINE                         ?    'C6 H10 N3 O2 1'   156.162 
HOH non-polymer         . WATER                             ?    'H2 O'             18.015  
ILE 'L-peptide linking' y ISOLEUCINE                        ?    'C6 H13 N O2'      131.173 
LEU 'L-peptide linking' y LEUCINE                           ?    'C6 H13 N O2'      131.173 
LYS 'L-peptide linking' y LYSINE                            ?    'C6 H15 N2 O2 1'   147.195 
MET 'L-peptide linking' y METHIONINE                        ?    'C5 H11 N O2 S'    149.211 
NA  non-polymer         . 'SODIUM ION'                      ?    'Na 1'             22.990  
PHE 'L-peptide linking' y PHENYLALANINE                     ?    'C9 H11 N O2'      165.189 
PRO 'L-peptide linking' y PROLINE                           ?    'C5 H9 N O2'       115.130 
SER 'L-peptide linking' y SERINE                            ?    'C3 H7 N O3'       105.093 
SO4 non-polymer         . 'SULFATE ION'                     ?    'O4 S -2'          96.063  
THR 'L-peptide linking' y THREONINE                         ?    'C4 H9 N O3'       119.119 
TYR 'L-peptide linking' y TYROSINE                          ?    'C9 H11 N O3'      181.189 
VAL 'L-peptide linking' y VALINE                            ?    'C5 H11 N O2'      117.146 
# 
loop_
_pdbx_poly_seq_scheme.asym_id 
_pdbx_poly_seq_scheme.entity_id 
_pdbx_poly_seq_scheme.seq_id 
_pdbx_poly_seq_scheme.mon_id 
_pdbx_poly_seq_scheme.ndb_seq_num 
_pdbx_poly_seq_scheme.pdb_seq_num 
_pdbx_poly_seq_scheme.auth_seq_num 
_pdbx_poly_seq_scheme.pdb_mon_id 
_pdbx_poly_seq_scheme.auth_mon_id 
_pdbx_poly_seq_scheme.pdb_strand_id 
_pdbx_poly_seq_scheme.pdb_ins_code 
_pdbx_poly_seq_scheme.hetero 
A 1 1  MET 1  23  ?  ?   ?   A . n 
A 1 2  VAL 2  24  ?  ?   ?   A . n 
A 1 3  SER 3  25  ?  ?   ?   A . n 
A 1 4  GLY 4  26  ?  ?   ?   A . n 
A 1 5  GLU 5  27  ?  ?   ?   A . n 
A 1 6  VAL 6  28  28 VAL VAL A . n 
A 1 7  ARG 7  29  29 ARG ARG A . n 
A 1 8  THR 8  30  30 THR THR A . n 
A 1 9  LYS 9  31  31 LYS LYS A . n 
A 1 10 LYS 10 32  32 LYS LYS A . n 
A 1 11 VAL 11 33  33 VAL VAL A . n 
A 1 12 PRO 12 34  34 PRO PRO A . n 
A 1 13 LEU 13 35  35 LEU LEU A . n 
A 1 14 ASP 14 36  36 ASP ASP A . n 
A 1 15 THR 15 37  37 THR THR A . n 
A 1 16 ASN 16 38  38 ASN ASN A . n 
A 1 17 HIS 17 39  39 HIS HIS A . n 
A 1 18 LYS 18 40  40 LYS LYS A . n 
A 1 19 ARG 19 41  41 ARG ARG A . n 
A 1 20 PHE 20 42  42 PHE PHE A . n 
A 1 21 TYR 21 43  43 TYR TYR A . n 
A 1 22 ASP 22 44  44 ASP ASP A . n 
A 1 23 ALA 23 45  45 ALA ALA A . n 
A 1 24 PHE 24 46  46 PHE PHE A . n 
A 1 25 ALA 25 47  47 ALA ALA A . n 
A 1 26 GLN 26 48  48 GLN GLN A . n 
A 1 27 GLY 27 49  49 GLY GLY A . n 
A 1 28 ALA 28 50  50 ALA ALA A . n 
A 1 29 GLY 29 51  51 GLY GLY A . n 
A 1 30 LYS 30 52  52 LYS LYS A . n 
A 1 31 LEU 31 53  53 LEU LEU A . n 
A 1 32 ASP 32 54  54 ASP ASP A . n 
A 1 33 LEU 33 55  55 LEU LEU A . n 
A 1 34 ASP 34 56  56 ASP ASP A . n 
A 1 35 ARG 35 57  57 ARG ARG A . n 
A 1 36 GLN 36 58  58 GLN GLN A . n 
A 1 37 CYS 37 59  59 CYS CYS A . n 
A 1 38 VAL 38 60  60 VAL VAL A . n 
A 1 39 GLU 39 61  61 GLU GLU A . n 
A 1 40 CYS 40 62  62 CYS CYS A . n 
A 1 41 HIS 41 63  63 HIS HIS A . n 
A 1 42 HIS 42 64  64 HIS HIS A . n 
A 1 43 GLU 43 65  65 GLU GLU A . n 
A 1 44 LYS 44 66  66 LYS LYS A . n 
A 1 45 PRO 45 67  67 PRO PRO A . n 
A 1 46 GLY 46 68  68 GLY GLY A . n 
A 1 47 GLY 47 69  69 GLY GLY A . n 
A 1 48 ILE 48 70  70 ILE ILE A . n 
A 1 49 PRO 49 71  71 PRO PRO A . n 
A 1 50 PHE 50 72  72 PHE PHE A . n 
A 1 51 PRO 51 73  73 PRO PRO A . n 
A 1 52 LYS 52 74  74 LYS LYS A . n 
A 1 53 ASN 53 75  75 ASN ASN A . n 
A 1 54 HIS 54 76  76 HIS HIS A . n 
A 1 55 PRO 55 77  77 PRO PRO A . n 
A 1 56 VAL 56 78  78 VAL VAL A . n 
A 1 57 LYS 57 79  79 LYS LYS A . n 
A 1 58 PRO 58 80  80 PRO PRO A . n 
A 1 59 ALA 59 81  81 ALA ALA A . n 
A 1 60 ASP 60 82  82 ASP ASP A . n 
A 1 61 GLY 61 83  83 GLY GLY A . n 
A 1 62 PRO 62 84  84 PRO PRO A . n 
A 1 63 MET 63 85  85 MET MET A . n 
A 1 64 ARG 64 86  86 ARG ARG A . n 
A 1 65 CYS 65 87  87 CYS CYS A . n 
A 1 66 LEU 66 88  88 LEU LEU A . n 
A 1 67 PHE 67 89  89 PHE PHE A . n 
A 1 68 CYS 68 90  90 CYS CYS A . n 
A 1 69 HIS 69 91  91 HIS HIS A . n 
A 1 70 LYS 70 92  92 LYS LYS A . n 
A 1 71 PHE 71 93  93 PHE PHE A . n 
A 1 72 LYS 72 94  94 LYS LYS A . n 
A 1 73 LEU 73 95  95 LEU LEU A . n 
A 1 74 GLU 74 96  96 GLU GLU A . n 
A 1 75 HIS 75 97  97 HIS HIS A . n 
A 1 76 HIS 76 98  ?  ?   ?   A . n 
A 1 77 HIS 77 99  ?  ?   ?   A . n 
A 1 78 HIS 78 100 ?  ?   ?   A . n 
A 1 79 HIS 79 101 ?  ?   ?   A . n 
A 1 80 HIS 80 102 ?  ?   ?   A . n 
B 1 1  MET 1  23  ?  ?   ?   B . n 
B 1 2  VAL 2  24  ?  ?   ?   B . n 
B 1 3  SER 3  25  ?  ?   ?   B . n 
B 1 4  GLY 4  26  ?  ?   ?   B . n 
B 1 5  GLU 5  27  ?  ?   ?   B . n 
B 1 6  VAL 6  28  28 VAL VAL B . n 
B 1 7  ARG 7  29  29 ARG ARG B . n 
B 1 8  THR 8  30  30 THR THR B . n 
B 1 9  LYS 9  31  31 LYS LYS B . n 
B 1 10 LYS 10 32  32 LYS LYS B . n 
B 1 11 VAL 11 33  33 VAL VAL B . n 
B 1 12 PRO 12 34  34 PRO PRO B . n 
B 1 13 LEU 13 35  35 LEU LEU B . n 
B 1 14 ASP 14 36  36 ASP ASP B . n 
B 1 15 THR 15 37  37 THR THR B . n 
B 1 16 ASN 16 38  38 ASN ASN B . n 
B 1 17 HIS 17 39  39 HIS HIS B . n 
B 1 18 LYS 18 40  40 LYS LYS B . n 
B 1 19 ARG 19 41  41 ARG ARG B . n 
B 1 20 PHE 20 42  42 PHE PHE B . n 
B 1 21 TYR 21 43  43 TYR TYR B . n 
B 1 22 ASP 22 44  44 ASP ASP B . n 
B 1 23 ALA 23 45  45 ALA ALA B . n 
B 1 24 PHE 24 46  46 PHE PHE B . n 
B 1 25 ALA 25 47  47 ALA ALA B . n 
B 1 26 GLN 26 48  48 GLN GLN B . n 
B 1 27 GLY 27 49  49 GLY GLY B . n 
B 1 28 ALA 28 50  50 ALA ALA B . n 
B 1 29 GLY 29 51  51 GLY GLY B . n 
B 1 30 LYS 30 52  52 LYS LYS B . n 
B 1 31 LEU 31 53  53 LEU LEU B . n 
B 1 32 ASP 32 54  54 ASP ASP B . n 
B 1 33 LEU 33 55  55 LEU LEU B . n 
B 1 34 ASP 34 56  56 ASP ASP B . n 
B 1 35 ARG 35 57  57 ARG ARG B . n 
B 1 36 GLN 36 58  58 GLN GLN B . n 
B 1 37 CYS 37 59  59 CYS CYS B . n 
B 1 38 VAL 38 60  60 VAL VAL B . n 
B 1 39 GLU 39 61  61 GLU GLU B . n 
B 1 40 CYS 40 62  62 CYS CYS B . n 
B 1 41 HIS 41 63  63 HIS HIS B . n 
B 1 42 HIS 42 64  64 HIS HIS B . n 
B 1 43 GLU 43 65  65 GLU GLU B . n 
B 1 44 LYS 44 66  66 LYS LYS B . n 
B 1 45 PRO 45 67  67 PRO PRO B . n 
B 1 46 GLY 46 68  68 GLY GLY B . n 
B 1 47 GLY 47 69  69 GLY GLY B . n 
B 1 48 ILE 48 70  70 ILE ILE B . n 
B 1 49 PRO 49 71  71 PRO PRO B . n 
B 1 50 PHE 50 72  72 PHE PHE B . n 
B 1 51 PRO 51 73  73 PRO PRO B . n 
B 1 52 LYS 52 74  74 LYS LYS B . n 
B 1 53 ASN 53 75  75 ASN ASN B . n 
B 1 54 HIS 54 76  76 HIS HIS B . n 
B 1 55 PRO 55 77  77 PRO PRO B . n 
B 1 56 VAL 56 78  78 VAL VAL B . n 
B 1 57 LYS 57 79  79 LYS LYS B . n 
B 1 58 PRO 58 80  80 PRO PRO B . n 
B 1 59 ALA 59 81  81 ALA ALA B . n 
B 1 60 ASP 60 82  82 ASP ASP B . n 
B 1 61 GLY 61 83  83 GLY GLY B . n 
B 1 62 PRO 62 84  84 PRO PRO B . n 
B 1 63 MET 63 85  85 MET MET B . n 
B 1 64 ARG 64 86  86 ARG ARG B . n 
B 1 65 CYS 65 87  87 CYS CYS B . n 
B 1 66 LEU 66 88  88 LEU LEU B . n 
B 1 67 PHE 67 89  89 PHE PHE B . n 
B 1 68 CYS 68 90  90 CYS CYS B . n 
B 1 69 HIS 69 91  91 HIS HIS B . n 
B 1 70 LYS 70 92  92 LYS LYS B . n 
B 1 71 PHE 71 93  93 PHE PHE B . n 
B 1 72 LYS 72 94  94 LYS LYS B . n 
B 1 73 LEU 73 95  95 LEU LEU B . n 
B 1 74 GLU 74 96  96 GLU GLU B . n 
B 1 75 HIS 75 97  ?  ?   ?   B . n 
B 1 76 HIS 76 98  ?  ?   ?   B . n 
B 1 77 HIS 77 99  ?  ?   ?   B . n 
B 1 78 HIS 78 100 ?  ?   ?   B . n 
B 1 79 HIS 79 101 ?  ?   ?   B . n 
B 1 80 HIS 80 102 ?  ?   ?   B . n 
# 
loop_
_pdbx_nonpoly_scheme.asym_id 
_pdbx_nonpoly_scheme.entity_id 
_pdbx_nonpoly_scheme.mon_id 
_pdbx_nonpoly_scheme.ndb_seq_num 
_pdbx_nonpoly_scheme.pdb_seq_num 
_pdbx_nonpoly_scheme.auth_seq_num 
_pdbx_nonpoly_scheme.pdb_mon_id 
_pdbx_nonpoly_scheme.auth_mon_id 
_pdbx_nonpoly_scheme.pdb_strand_id 
_pdbx_nonpoly_scheme.pdb_ins_code 
C 2 SO4 1  201 201 SO4 SO4 A . 
D 2 SO4 1  203 203 SO4 SO4 A . 
E 3 NA  1  302 302 NA  NA  A . 
F 4 HEM 1  500 500 HEM HEM A . 
G 4 HEM 1  501 501 HEM HEM A . 
H 2 SO4 1  202 202 SO4 SO4 B . 
I 2 SO4 1  204 204 SO4 SO4 B . 
J 3 NA  1  301 301 NA  NA  B . 
K 4 HEM 1  500 500 HEM HEM B . 
L 4 HEM 1  501 501 HEM HEM B . 
M 5 HOH 1  502 1   HOH HOH A . 
M 5 HOH 2  503 2   HOH HOH A . 
M 5 HOH 3  504 3   HOH HOH A . 
M 5 HOH 4  505 4   HOH HOH A . 
M 5 HOH 5  506 5   HOH HOH A . 
M 5 HOH 6  507 8   HOH HOH A . 
M 5 HOH 7  508 10  HOH HOH A . 
M 5 HOH 8  509 11  HOH HOH A . 
M 5 HOH 9  510 12  HOH HOH A . 
M 5 HOH 10 511 13  HOH HOH A . 
M 5 HOH 11 512 14  HOH HOH A . 
M 5 HOH 12 513 15  HOH HOH A . 
M 5 HOH 13 514 16  HOH HOH A . 
M 5 HOH 14 515 17  HOH HOH A . 
M 5 HOH 15 516 18  HOH HOH A . 
M 5 HOH 16 517 19  HOH HOH A . 
M 5 HOH 17 518 22  HOH HOH A . 
M 5 HOH 18 519 23  HOH HOH A . 
M 5 HOH 19 520 24  HOH HOH A . 
M 5 HOH 20 521 25  HOH HOH A . 
M 5 HOH 21 522 26  HOH HOH A . 
M 5 HOH 22 523 27  HOH HOH A . 
M 5 HOH 23 524 53  HOH HOH A . 
M 5 HOH 24 525 54  HOH HOH A . 
M 5 HOH 25 526 59  HOH HOH A . 
M 5 HOH 26 527 60  HOH HOH A . 
M 5 HOH 27 528 61  HOH HOH A . 
M 5 HOH 28 529 62  HOH HOH A . 
M 5 HOH 29 530 63  HOH HOH A . 
M 5 HOH 30 531 64  HOH HOH A . 
M 5 HOH 31 532 66  HOH HOH A . 
M 5 HOH 32 533 67  HOH HOH A . 
M 5 HOH 33 534 76  HOH HOH A . 
M 5 HOH 34 535 77  HOH HOH A . 
M 5 HOH 35 536 79  HOH HOH A . 
M 5 HOH 36 537 80  HOH HOH A . 
M 5 HOH 37 538 81  HOH HOH A . 
M 5 HOH 38 539 82  HOH HOH A . 
M 5 HOH 39 540 83  HOH HOH A . 
M 5 HOH 40 541 84  HOH HOH A . 
M 5 HOH 41 542 85  HOH HOH A . 
M 5 HOH 42 543 96  HOH HOH A . 
M 5 HOH 43 544 97  HOH HOH A . 
M 5 HOH 44 545 105 HOH HOH A . 
M 5 HOH 45 546 106 HOH HOH A . 
M 5 HOH 46 547 107 HOH HOH A . 
M 5 HOH 47 548 108 HOH HOH A . 
M 5 HOH 48 549 110 HOH HOH A . 
M 5 HOH 49 550 111 HOH HOH A . 
M 5 HOH 50 551 112 HOH HOH A . 
M 5 HOH 51 552 113 HOH HOH A . 
M 5 HOH 52 553 117 HOH HOH A . 
M 5 HOH 53 554 118 HOH HOH A . 
M 5 HOH 54 555 119 HOH HOH A . 
M 5 HOH 55 556 123 HOH HOH A . 
M 5 HOH 56 557 124 HOH HOH A . 
M 5 HOH 57 558 125 HOH HOH A . 
M 5 HOH 58 559 126 HOH HOH A . 
M 5 HOH 59 560 127 HOH HOH A . 
M 5 HOH 60 561 135 HOH HOH A . 
M 5 HOH 61 562 136 HOH HOH A . 
M 5 HOH 62 563 137 HOH HOH A . 
M 5 HOH 63 564 138 HOH HOH A . 
M 5 HOH 64 565 139 HOH HOH A . 
M 5 HOH 65 566 142 HOH HOH A . 
M 5 HOH 66 567 143 HOH HOH A . 
M 5 HOH 67 568 144 HOH HOH A . 
M 5 HOH 68 569 147 HOH HOH A . 
M 5 HOH 69 570 153 HOH HOH A . 
N 5 HOH 1  502 6   HOH HOH B . 
N 5 HOH 2  503 7   HOH HOH B . 
N 5 HOH 3  504 9   HOH HOH B . 
N 5 HOH 4  505 20  HOH HOH B . 
N 5 HOH 5  506 21  HOH HOH B . 
N 5 HOH 6  507 28  HOH HOH B . 
N 5 HOH 7  508 29  HOH HOH B . 
N 5 HOH 8  509 30  HOH HOH B . 
N 5 HOH 9  510 31  HOH HOH B . 
N 5 HOH 10 511 32  HOH HOH B . 
N 5 HOH 11 512 33  HOH HOH B . 
N 5 HOH 12 513 34  HOH HOH B . 
N 5 HOH 13 514 35  HOH HOH B . 
N 5 HOH 14 515 36  HOH HOH B . 
N 5 HOH 15 516 37  HOH HOH B . 
N 5 HOH 16 517 38  HOH HOH B . 
N 5 HOH 17 518 39  HOH HOH B . 
N 5 HOH 18 519 40  HOH HOH B . 
N 5 HOH 19 520 41  HOH HOH B . 
N 5 HOH 20 521 42  HOH HOH B . 
N 5 HOH 21 522 43  HOH HOH B . 
N 5 HOH 22 523 44  HOH HOH B . 
N 5 HOH 23 524 45  HOH HOH B . 
N 5 HOH 24 525 46  HOH HOH B . 
N 5 HOH 25 526 47  HOH HOH B . 
N 5 HOH 26 527 48  HOH HOH B . 
N 5 HOH 27 528 49  HOH HOH B . 
N 5 HOH 28 529 50  HOH HOH B . 
N 5 HOH 29 530 51  HOH HOH B . 
N 5 HOH 30 531 52  HOH HOH B . 
N 5 HOH 31 532 55  HOH HOH B . 
N 5 HOH 32 533 56  HOH HOH B . 
N 5 HOH 33 534 57  HOH HOH B . 
N 5 HOH 34 535 58  HOH HOH B . 
N 5 HOH 35 536 65  HOH HOH B . 
N 5 HOH 36 537 68  HOH HOH B . 
N 5 HOH 37 538 69  HOH HOH B . 
N 5 HOH 38 539 70  HOH HOH B . 
N 5 HOH 39 540 71  HOH HOH B . 
N 5 HOH 40 541 72  HOH HOH B . 
N 5 HOH 41 542 73  HOH HOH B . 
N 5 HOH 42 543 74  HOH HOH B . 
N 5 HOH 43 544 75  HOH HOH B . 
N 5 HOH 44 545 78  HOH HOH B . 
N 5 HOH 45 546 86  HOH HOH B . 
N 5 HOH 46 547 87  HOH HOH B . 
N 5 HOH 47 548 88  HOH HOH B . 
N 5 HOH 48 549 89  HOH HOH B . 
N 5 HOH 49 550 90  HOH HOH B . 
N 5 HOH 50 551 91  HOH HOH B . 
N 5 HOH 51 552 92  HOH HOH B . 
N 5 HOH 52 553 93  HOH HOH B . 
N 5 HOH 53 554 94  HOH HOH B . 
N 5 HOH 54 555 95  HOH HOH B . 
N 5 HOH 55 556 98  HOH HOH B . 
N 5 HOH 56 557 99  HOH HOH B . 
N 5 HOH 57 558 100 HOH HOH B . 
N 5 HOH 58 559 101 HOH HOH B . 
N 5 HOH 59 560 102 HOH HOH B . 
N 5 HOH 60 561 103 HOH HOH B . 
N 5 HOH 61 562 104 HOH HOH B . 
N 5 HOH 62 563 109 HOH HOH B . 
N 5 HOH 63 564 114 HOH HOH B . 
N 5 HOH 64 565 115 HOH HOH B . 
N 5 HOH 65 566 116 HOH HOH B . 
N 5 HOH 66 567 120 HOH HOH B . 
N 5 HOH 67 568 121 HOH HOH B . 
N 5 HOH 68 569 122 HOH HOH B . 
N 5 HOH 69 570 128 HOH HOH B . 
N 5 HOH 70 571 129 HOH HOH B . 
N 5 HOH 71 572 130 HOH HOH B . 
N 5 HOH 72 573 131 HOH HOH B . 
N 5 HOH 73 574 132 HOH HOH B . 
N 5 HOH 74 575 133 HOH HOH B . 
N 5 HOH 75 576 134 HOH HOH B . 
N 5 HOH 76 577 140 HOH HOH B . 
N 5 HOH 77 578 141 HOH HOH B . 
N 5 HOH 78 579 145 HOH HOH B . 
N 5 HOH 79 580 146 HOH HOH B . 
N 5 HOH 80 581 148 HOH HOH B . 
N 5 HOH 81 582 149 HOH HOH B . 
N 5 HOH 82 583 150 HOH HOH B . 
N 5 HOH 83 584 151 HOH HOH B . 
N 5 HOH 84 585 152 HOH HOH B . 
# 
loop_
_software.name 
_software.classification 
_software.version 
_software.citation_id 
_software.pdbx_ordinal 
REFMAC    refinement       5.2.0005 ? 1 
DENZO     'data reduction' .        ? 2 
SCALEPACK 'data scaling'   .        ? 3 
# 
_cell.entry_id           2CZS 
_cell.length_a           39.645 
_cell.length_b           55.679 
_cell.length_c           39.637 
_cell.angle_alpha        90.00 
_cell.angle_beta         105.91 
_cell.angle_gamma        90.00 
_cell.Z_PDB              4 
_cell.pdbx_unique_axis   ? 
_cell.length_a_esd       ? 
_cell.length_b_esd       ? 
_cell.length_c_esd       ? 
_cell.angle_alpha_esd    ? 
_cell.angle_beta_esd     ? 
_cell.angle_gamma_esd    ? 
# 
_symmetry.entry_id                         2CZS 
_symmetry.space_group_name_H-M             'P 1 21 1' 
_symmetry.pdbx_full_space_group_name_H-M   ? 
_symmetry.cell_setting                     ? 
_symmetry.Int_Tables_number                4 
_symmetry.space_group_name_Hall            ? 
# 
_exptl.entry_id          2CZS 
_exptl.method            'X-RAY DIFFRACTION' 
_exptl.crystals_number   2 
# 
_exptl_crystal.id                    1 
_exptl_crystal.density_meas          ? 
_exptl_crystal.density_Matthews      2.3 
_exptl_crystal.density_percent_sol   45.6 
_exptl_crystal.description           ? 
_exptl_crystal.F_000                 ? 
_exptl_crystal.preparation           ? 
# 
_diffrn.id                     1 
_diffrn.ambient_temp           ? 
_diffrn.ambient_temp_details   ? 
_diffrn.crystal_id             1 
# 
_diffrn_detector.diffrn_id              1 
_diffrn_detector.detector               CCD 
_diffrn_detector.type                   MARRESEARCH 
_diffrn_detector.pdbx_collection_date   2004-07-20 
_diffrn_detector.details                ? 
# 
_diffrn_radiation.diffrn_id                        1 
_diffrn_radiation.wavelength_id                    1 
_diffrn_radiation.pdbx_monochromatic_or_laue_m_l   M 
_diffrn_radiation.monochromator                    ? 
_diffrn_radiation.pdbx_diffrn_protocol             MAD 
_diffrn_radiation.pdbx_scattering_type             x-ray 
# 
loop_
_diffrn_radiation_wavelength.id 
_diffrn_radiation_wavelength.wavelength 
_diffrn_radiation_wavelength.wt 
1 0.9941 1.0 
2 1.7394 1.0 
3 1.7414 1.0 
# 
_diffrn_source.diffrn_id                   1 
_diffrn_source.source                      SYNCHROTRON 
_diffrn_source.type                        'EMBL/DESY, HAMBURG BEAMLINE BW7A' 
_diffrn_source.pdbx_synchrotron_site       'EMBL/DESY, HAMBURG' 
_diffrn_source.pdbx_synchrotron_beamline   BW7A 
_diffrn_source.pdbx_wavelength             ? 
_diffrn_source.pdbx_wavelength_list        '0.9941, 1.7394, 1.7414' 
# 
_reflns.entry_id                     2CZS 
_reflns.observed_criterion_sigma_F   ? 
_reflns.observed_criterion_sigma_I   ? 
_reflns.d_resolution_high            1.5 
_reflns.d_resolution_low             38.12 
_reflns.number_all                   ? 
_reflns.number_obs                   26375 
_reflns.percent_possible_obs         ? 
_reflns.pdbx_Rmerge_I_obs            ? 
_reflns.pdbx_Rsym_value              ? 
_reflns.pdbx_netI_over_sigmaI        ? 
_reflns.B_iso_Wilson_estimate        ? 
_reflns.pdbx_redundancy              ? 
_reflns.R_free_details               ? 
_reflns.limit_h_max                  ? 
_reflns.limit_h_min                  ? 
_reflns.limit_k_max                  ? 
_reflns.limit_k_min                  ? 
_reflns.limit_l_max                  ? 
_reflns.limit_l_min                  ? 
_reflns.observed_criterion_F_max     ? 
_reflns.observed_criterion_F_min     ? 
_reflns.pdbx_chi_squared             ? 
_reflns.pdbx_scaling_rejects         ? 
_reflns.pdbx_ordinal                 1 
_reflns.pdbx_diffrn_id               1 
# 
_refine.entry_id                                 2CZS 
_refine.ls_number_reflns_obs                     23298 
_refine.ls_number_reflns_all                     ? 
_refine.pdbx_ls_sigma_I                          ? 
_refine.pdbx_ls_sigma_F                          ? 
_refine.pdbx_data_cutoff_high_absF               ? 
_refine.pdbx_data_cutoff_low_absF                ? 
_refine.pdbx_data_cutoff_high_rms_absF           ? 
_refine.ls_d_res_low                             38.12 
_refine.ls_d_res_high                            1.50 
_refine.ls_percent_reflns_obs                    91.93 
_refine.ls_R_factor_obs                          0.22399 
_refine.ls_R_factor_all                          ? 
_refine.ls_R_factor_R_work                       0.22147 
_refine.ls_R_factor_R_free                       0.27237 
_refine.ls_R_factor_R_free_error                 ? 
_refine.ls_R_factor_R_free_error_details         ? 
_refine.ls_percent_reflns_R_free                 4.9 
_refine.ls_number_reflns_R_free                  1198 
_refine.ls_number_parameters                     ? 
_refine.ls_number_restraints                     ? 
_refine.occupancy_min                            ? 
_refine.occupancy_max                            ? 
_refine.correlation_coeff_Fo_to_Fc               0.954 
_refine.correlation_coeff_Fo_to_Fc_free          0.921 
_refine.B_iso_mean                               29.313 
_refine.aniso_B[1][1]                            0.04 
_refine.aniso_B[2][2]                            0.53 
_refine.aniso_B[3][3]                            -0.46 
_refine.aniso_B[1][2]                            0.00 
_refine.aniso_B[1][3]                            0.20 
_refine.aniso_B[2][3]                            0.00 
_refine.solvent_model_details                    MASK 
_refine.solvent_model_param_ksol                 ? 
_refine.solvent_model_param_bsol                 ? 
_refine.pdbx_solvent_vdw_probe_radii             1.20 
_refine.pdbx_solvent_ion_probe_radii             0.80 
_refine.pdbx_solvent_shrinkage_radii             0.80 
_refine.pdbx_ls_cross_valid_method               THROUGHOUT 
_refine.details                                  'HYDROGENS HAVE BEEN ADDED IN THE RIDING POSITIONS' 
_refine.pdbx_starting_model                      ? 
_refine.pdbx_method_to_determine_struct          MAD 
_refine.pdbx_isotropic_thermal_model             ? 
_refine.pdbx_stereochemistry_target_values       'MAXIMUM LIKELIHOOD' 
_refine.pdbx_stereochem_target_val_spec_case     ? 
_refine.pdbx_R_Free_selection_details            RANDOM 
_refine.pdbx_overall_ESU_R                       0.101 
_refine.pdbx_overall_ESU_R_Free                  0.107 
_refine.overall_SU_ML                            0.078 
_refine.overall_SU_B                             2.043 
_refine.ls_redundancy_reflns_obs                 ? 
_refine.B_iso_min                                ? 
_refine.B_iso_max                                ? 
_refine.overall_SU_R_Cruickshank_DPI             ? 
_refine.overall_SU_R_free                        ? 
_refine.ls_wR_factor_R_free                      ? 
_refine.ls_wR_factor_R_work                      ? 
_refine.overall_FOM_free_R_set                   ? 
_refine.overall_FOM_work_R_set                   ? 
_refine.pdbx_refine_id                           'X-RAY DIFFRACTION' 
_refine.pdbx_overall_phase_error                 ? 
_refine.pdbx_diffrn_id                           1 
_refine.pdbx_TLS_residual_ADP_flag               ? 
_refine.pdbx_overall_SU_R_free_Cruickshank_DPI   ? 
_refine.pdbx_overall_SU_R_Blow_DPI               ? 
_refine.pdbx_overall_SU_R_free_Blow_DPI          ? 
# 
_refine_hist.pdbx_refine_id                   'X-RAY DIFFRACTION' 
_refine_hist.cycle_id                         LAST 
_refine_hist.pdbx_number_atoms_protein        1118 
_refine_hist.pdbx_number_atoms_nucleic_acid   0 
_refine_hist.pdbx_number_atoms_ligand         194 
_refine_hist.number_atoms_solvent             153 
_refine_hist.number_atoms_total               1465 
_refine_hist.d_res_high                       1.50 
_refine_hist.d_res_low                        38.12 
# 
loop_
_refine_ls_restr.type 
_refine_ls_restr.dev_ideal 
_refine_ls_restr.dev_ideal_target 
_refine_ls_restr.weight 
_refine_ls_restr.number 
_refine_ls_restr.pdbx_refine_id 
_refine_ls_restr.pdbx_restraint_function 
r_bond_refined_d             0.014  0.022  ? 1369 'X-RAY DIFFRACTION' ? 
r_bond_other_d               ?      ?      ? ?    'X-RAY DIFFRACTION' ? 
r_angle_refined_deg          1.581  2.358  ? 1901 'X-RAY DIFFRACTION' ? 
r_angle_other_deg            ?      ?      ? ?    'X-RAY DIFFRACTION' ? 
r_dihedral_angle_1_deg       5.973  5.000  ? 137  'X-RAY DIFFRACTION' ? 
r_dihedral_angle_2_deg       28.312 22.909 ? 55   'X-RAY DIFFRACTION' ? 
r_dihedral_angle_3_deg       18.372 15.000 ? 203  'X-RAY DIFFRACTION' ? 
r_dihedral_angle_4_deg       18.395 15.000 ? 8    'X-RAY DIFFRACTION' ? 
r_chiral_restr               0.105  0.200  ? 153  'X-RAY DIFFRACTION' ? 
r_gen_planes_refined         0.008  0.020  ? 1068 'X-RAY DIFFRACTION' ? 
r_gen_planes_other           ?      ?      ? ?    'X-RAY DIFFRACTION' ? 
r_nbd_refined                0.326  0.200  ? 730  'X-RAY DIFFRACTION' ? 
r_nbd_other                  ?      ?      ? ?    'X-RAY DIFFRACTION' ? 
r_nbtor_refined              0.304  0.200  ? 871  'X-RAY DIFFRACTION' ? 
r_nbtor_other                ?      ?      ? ?    'X-RAY DIFFRACTION' ? 
r_xyhbond_nbd_refined        0.144  0.200  ? 103  'X-RAY DIFFRACTION' ? 
r_xyhbond_nbd_other          ?      ?      ? ?    'X-RAY DIFFRACTION' ? 
r_metal_ion_refined          0.048  0.200  ? 2    'X-RAY DIFFRACTION' ? 
r_metal_ion_other            ?      ?      ? ?    'X-RAY DIFFRACTION' ? 
r_symmetry_vdw_refined       0.170  0.200  ? 79   'X-RAY DIFFRACTION' ? 
r_symmetry_vdw_other         ?      ?      ? ?    'X-RAY DIFFRACTION' ? 
r_symmetry_hbond_refined     0.257  0.200  ? 18   'X-RAY DIFFRACTION' ? 
r_symmetry_hbond_other       ?      ?      ? ?    'X-RAY DIFFRACTION' ? 
r_symmetry_metal_ion_refined ?      ?      ? ?    'X-RAY DIFFRACTION' ? 
r_symmetry_metal_ion_other   ?      ?      ? ?    'X-RAY DIFFRACTION' ? 
r_mcbond_it                  0.924  1.500  ? 697  'X-RAY DIFFRACTION' ? 
r_mcbond_other               ?      ?      ? ?    'X-RAY DIFFRACTION' ? 
r_mcangle_it                 1.663  2.000  ? 1124 'X-RAY DIFFRACTION' ? 
r_scbond_it                  2.368  3.000  ? 722  'X-RAY DIFFRACTION' ? 
r_scangle_it                 3.580  4.500  ? 777  'X-RAY DIFFRACTION' ? 
r_rigid_bond_restr           ?      ?      ? ?    'X-RAY DIFFRACTION' ? 
r_sphericity_free            ?      ?      ? ?    'X-RAY DIFFRACTION' ? 
r_sphericity_bonded          ?      ?      ? ?    'X-RAY DIFFRACTION' ? 
# 
_refine_ls_shell.pdbx_total_number_of_bins_used   20 
_refine_ls_shell.d_res_high                       1.500 
_refine_ls_shell.d_res_low                        1.539 
_refine_ls_shell.number_reflns_R_work             1543 
_refine_ls_shell.R_factor_R_work                  0.306 
_refine_ls_shell.percent_reflns_obs               81.89 
_refine_ls_shell.R_factor_R_free                  0.37 
_refine_ls_shell.R_factor_R_free_error            ? 
_refine_ls_shell.percent_reflns_R_free            ? 
_refine_ls_shell.number_reflns_R_free             76 
_refine_ls_shell.number_reflns_obs                ? 
_refine_ls_shell.redundancy_reflns_obs            ? 
_refine_ls_shell.number_reflns_all                ? 
_refine_ls_shell.pdbx_refine_id                   'X-RAY DIFFRACTION' 
_refine_ls_shell.R_factor_all                     ? 
# 
_struct.entry_id                  2CZS 
_struct.title                     'Crystal Structure Analysis of the Diheme c-type Cytochrome DHC2' 
_struct.pdbx_model_details        ? 
_struct.pdbx_CASP_flag            ? 
_struct.pdbx_model_type_details   ? 
# 
_struct_keywords.entry_id        2CZS 
_struct_keywords.pdbx_keywords   'ELECTRON TRANSPORT' 
_struct_keywords.text            'Diheme, C-Type Cytochrome, ELECTRON TRANSPORT' 
# 
loop_
_struct_asym.id 
_struct_asym.pdbx_blank_PDB_chainid_flag 
_struct_asym.pdbx_modified 
_struct_asym.entity_id 
_struct_asym.details 
A N N 1 ? 
B N N 1 ? 
C N N 2 ? 
D N N 2 ? 
E N N 3 ? 
F N N 4 ? 
G N N 4 ? 
H N N 2 ? 
I N N 2 ? 
J N N 3 ? 
K N N 4 ? 
L N N 4 ? 
M N N 5 ? 
N N N 5 ? 
# 
_struct_ref.id                         1 
_struct_ref.db_name                    UNP 
_struct_ref.db_code                    Q748S4_GEOSL 
_struct_ref.pdbx_db_accession          Q748S4 
_struct_ref.entity_id                  1 
_struct_ref.pdbx_seq_one_letter_code   
;MKLAKKDWFFIVLIVVVVGVFWAISGEVRTKKVPLDTNHKRFYDAFAQGAGKLDLDRQCVECHHEKPGGIPFPKNHPVKP
ADGPMRCLFCHKFK
;
_struct_ref.pdbx_align_begin           1 
_struct_ref.pdbx_db_isoform            ? 
# 
loop_
_struct_ref_seq.align_id 
_struct_ref_seq.ref_id 
_struct_ref_seq.pdbx_PDB_id_code 
_struct_ref_seq.pdbx_strand_id 
_struct_ref_seq.seq_align_beg 
_struct_ref_seq.pdbx_seq_align_beg_ins_code 
_struct_ref_seq.seq_align_end 
_struct_ref_seq.pdbx_seq_align_end_ins_code 
_struct_ref_seq.pdbx_db_accession 
_struct_ref_seq.db_align_beg 
_struct_ref_seq.pdbx_db_align_beg_ins_code 
_struct_ref_seq.db_align_end 
_struct_ref_seq.pdbx_db_align_end_ins_code 
_struct_ref_seq.pdbx_auth_seq_align_beg 
_struct_ref_seq.pdbx_auth_seq_align_end 
1 1 2CZS A 3 ? 72 ? Q748S4 25 ? 94 ? 25 94 
2 1 2CZS B 3 ? 72 ? Q748S4 25 ? 94 ? 25 94 
# 
loop_
_struct_ref_seq_dif.align_id 
_struct_ref_seq_dif.pdbx_pdb_id_code 
_struct_ref_seq_dif.mon_id 
_struct_ref_seq_dif.pdbx_pdb_strand_id 
_struct_ref_seq_dif.seq_num 
_struct_ref_seq_dif.pdbx_pdb_ins_code 
_struct_ref_seq_dif.pdbx_seq_db_name 
_struct_ref_seq_dif.pdbx_seq_db_accession_code 
_struct_ref_seq_dif.db_mon_id 
_struct_ref_seq_dif.pdbx_seq_db_seq_num 
_struct_ref_seq_dif.details 
_struct_ref_seq_dif.pdbx_auth_seq_num 
_struct_ref_seq_dif.pdbx_ordinal 
1 2CZS MET A 1  ? UNP Q748S4 ? ? 'cloning artifact' 23  1  
1 2CZS VAL A 2  ? UNP Q748S4 ? ? 'cloning artifact' 24  2  
1 2CZS LEU A 73 ? UNP Q748S4 ? ? 'expression tag'   95  3  
1 2CZS GLU A 74 ? UNP Q748S4 ? ? 'expression tag'   96  4  
1 2CZS HIS A 75 ? UNP Q748S4 ? ? 'expression tag'   97  5  
1 2CZS HIS A 76 ? UNP Q748S4 ? ? 'expression tag'   98  6  
1 2CZS HIS A 77 ? UNP Q748S4 ? ? 'expression tag'   99  7  
1 2CZS HIS A 78 ? UNP Q748S4 ? ? 'expression tag'   100 8  
1 2CZS HIS A 79 ? UNP Q748S4 ? ? 'expression tag'   101 9  
1 2CZS HIS A 80 ? UNP Q748S4 ? ? 'expression tag'   102 10 
2 2CZS MET B 1  ? UNP Q748S4 ? ? 'cloning artifact' 23  11 
2 2CZS VAL B 2  ? UNP Q748S4 ? ? 'cloning artifact' 24  12 
2 2CZS LEU B 73 ? UNP Q748S4 ? ? 'expression tag'   95  13 
2 2CZS GLU B 74 ? UNP Q748S4 ? ? 'expression tag'   96  14 
2 2CZS HIS B 75 ? UNP Q748S4 ? ? 'expression tag'   97  15 
2 2CZS HIS B 76 ? UNP Q748S4 ? ? 'expression tag'   98  16 
2 2CZS HIS B 77 ? UNP Q748S4 ? ? 'expression tag'   99  17 
2 2CZS HIS B 78 ? UNP Q748S4 ? ? 'expression tag'   100 18 
2 2CZS HIS B 79 ? UNP Q748S4 ? ? 'expression tag'   101 19 
2 2CZS HIS B 80 ? UNP Q748S4 ? ? 'expression tag'   102 20 
# 
loop_
_pdbx_struct_assembly.id 
_pdbx_struct_assembly.details 
_pdbx_struct_assembly.method_details 
_pdbx_struct_assembly.oligomeric_details 
_pdbx_struct_assembly.oligomeric_count 
1 author_and_software_defined_assembly PQS  monomeric 1 
2 author_and_software_defined_assembly PQS  monomeric 1 
3 software_defined_assembly            PISA dimeric   2 
# 
loop_
_pdbx_struct_assembly_prop.biol_id 
_pdbx_struct_assembly_prop.type 
_pdbx_struct_assembly_prop.value 
_pdbx_struct_assembly_prop.details 
3 'ABSA (A^2)' 6080 ? 
3 MORE         -165 ? 
3 'SSA (A^2)'  9610 ? 
# 
loop_
_pdbx_struct_assembly_gen.assembly_id 
_pdbx_struct_assembly_gen.oper_expression 
_pdbx_struct_assembly_gen.asym_id_list 
1 1 A,C,D,E,F,G,M 
2 1 B,H,I,J,K,L,N 
3 1 A,C,D,E,F,G,M 
3 2 B,H,I,J,K,L,N 
# 
loop_
_pdbx_struct_oper_list.id 
_pdbx_struct_oper_list.type 
_pdbx_struct_oper_list.name 
_pdbx_struct_oper_list.symmetry_operation 
_pdbx_struct_oper_list.matrix[1][1] 
_pdbx_struct_oper_list.matrix[1][2] 
_pdbx_struct_oper_list.matrix[1][3] 
_pdbx_struct_oper_list.vector[1] 
_pdbx_struct_oper_list.matrix[2][1] 
_pdbx_struct_oper_list.matrix[2][2] 
_pdbx_struct_oper_list.matrix[2][3] 
_pdbx_struct_oper_list.vector[2] 
_pdbx_struct_oper_list.matrix[3][1] 
_pdbx_struct_oper_list.matrix[3][2] 
_pdbx_struct_oper_list.matrix[3][3] 
_pdbx_struct_oper_list.vector[3] 
1 'identity operation'         1_555 x,y,z         1.0000000000  0.0000000000 0.0000000000 0.0000000000  0.0000000000 1.0000000000  0.0000000000 0.0000000000  0.0000000000 0.0000000000 1.0000000000 0.0000000000   
2 'crystal symmetry operation' 2_655 -x+1,y+1/2,-z -0.8301362507 0.1027882751 0.5480039925 11.2735459976 0.1027882751 -0.9378005634 0.3316092184 -1.1153221635 0.5480039925 0.3316092184 0.7679368141 -32.8955573679 
# 
loop_
_struct_biol.id 
_struct_biol.pdbx_parent_biol_id 
_struct_biol.details 
1 ? ? 
2 ? ? 
# 
loop_
_struct_conf.conf_type_id 
_struct_conf.id 
_struct_conf.pdbx_PDB_helix_id 
_struct_conf.beg_label_comp_id 
_struct_conf.beg_label_asym_id 
_struct_conf.beg_label_seq_id 
_struct_conf.pdbx_beg_PDB_ins_code 
_struct_conf.end_label_comp_id 
_struct_conf.end_label_asym_id 
_struct_conf.end_label_seq_id 
_struct_conf.pdbx_end_PDB_ins_code 
_struct_conf.beg_auth_comp_id 
_struct_conf.beg_auth_asym_id 
_struct_conf.beg_auth_seq_id 
_struct_conf.end_auth_comp_id 
_struct_conf.end_auth_asym_id 
_struct_conf.end_auth_seq_id 
_struct_conf.pdbx_PDB_helix_class 
_struct_conf.details 
_struct_conf.pdbx_PDB_helix_length 
HELX_P HELX_P1 1 HIS A 17 ? GLN A 26 ? HIS A 39 GLN A 48 1 ? 10 
HELX_P HELX_P2 2 GLY A 29 ? VAL A 38 ? GLY A 51 VAL A 60 1 ? 10 
HELX_P HELX_P3 3 ARG A 64 ? HIS A 69 ? ARG A 86 HIS A 91 1 ? 6  
HELX_P HELX_P4 4 HIS B 17 ? GLN B 26 ? HIS B 39 GLN B 48 1 ? 10 
HELX_P HELX_P5 5 GLY B 29 ? VAL B 38 ? GLY B 51 VAL B 60 1 ? 10 
HELX_P HELX_P6 6 ARG B 64 ? HIS B 69 ? ARG B 86 HIS B 91 1 ? 6  
# 
_struct_conf_type.id          HELX_P 
_struct_conf_type.criteria    ? 
_struct_conf_type.reference   ? 
# 
loop_
_struct_conn.id 
_struct_conn.conn_type_id 
_struct_conn.pdbx_leaving_atom_flag 
_struct_conn.pdbx_PDB_id 
_struct_conn.ptnr1_label_asym_id 
_struct_conn.ptnr1_label_comp_id 
_struct_conn.ptnr1_label_seq_id 
_struct_conn.ptnr1_label_atom_id 
_struct_conn.pdbx_ptnr1_label_alt_id 
_struct_conn.pdbx_ptnr1_PDB_ins_code 
_struct_conn.pdbx_ptnr1_standard_comp_id 
_struct_conn.ptnr1_symmetry 
_struct_conn.ptnr2_label_asym_id 
_struct_conn.ptnr2_label_comp_id 
_struct_conn.ptnr2_label_seq_id 
_struct_conn.ptnr2_label_atom_id 
_struct_conn.pdbx_ptnr2_label_alt_id 
_struct_conn.pdbx_ptnr2_PDB_ins_code 
_struct_conn.ptnr1_auth_asym_id 
_struct_conn.ptnr1_auth_comp_id 
_struct_conn.ptnr1_auth_seq_id 
_struct_conn.ptnr2_auth_asym_id 
_struct_conn.ptnr2_auth_comp_id 
_struct_conn.ptnr2_auth_seq_id 
_struct_conn.ptnr2_symmetry 
_struct_conn.pdbx_ptnr3_label_atom_id 
_struct_conn.pdbx_ptnr3_label_seq_id 
_struct_conn.pdbx_ptnr3_label_comp_id 
_struct_conn.pdbx_ptnr3_label_asym_id 
_struct_conn.pdbx_ptnr3_label_alt_id 
_struct_conn.pdbx_ptnr3_PDB_ins_code 
_struct_conn.details 
_struct_conn.pdbx_dist_value 
_struct_conn.pdbx_value_order 
_struct_conn.pdbx_role 
covale1  covale none ? A CYS 37 SG  ? ? ? 1_555 F HEM . CAB ? ? A CYS 59 A HEM 500 1_555 ? ? ? ? ? ? ? 1.866 ? ? 
covale2  covale none ? A CYS 40 SG  ? ? ? 1_555 F HEM . CAC ? ? A CYS 62 A HEM 500 1_555 ? ? ? ? ? ? ? 2.095 ? ? 
covale3  covale none ? A CYS 65 SG  ? ? ? 1_555 G HEM . CAB ? ? A CYS 87 A HEM 501 1_555 ? ? ? ? ? ? ? 1.740 ? ? 
covale4  covale none ? A CYS 68 SG  ? ? ? 1_555 G HEM . CAC ? ? A CYS 90 A HEM 501 1_555 ? ? ? ? ? ? ? 2.133 ? ? 
covale5  covale none ? B CYS 37 SG  ? ? ? 1_555 K HEM . CAB ? ? B CYS 59 B HEM 500 1_555 ? ? ? ? ? ? ? 1.875 ? ? 
covale6  covale none ? B CYS 40 SG  ? ? ? 1_555 K HEM . CAC ? ? B CYS 62 B HEM 500 1_555 ? ? ? ? ? ? ? 1.936 ? ? 
covale7  covale none ? B CYS 65 SG  ? ? ? 1_555 L HEM . CAB ? ? B CYS 87 B HEM 501 1_555 ? ? ? ? ? ? ? 1.722 ? ? 
covale8  covale none ? B CYS 68 SG  ? ? ? 1_555 L HEM . CAC ? ? B CYS 90 B HEM 501 1_555 ? ? ? ? ? ? ? 2.098 ? ? 
metalc1  metalc ?    ? A HIS 17 NE2 ? ? ? 1_555 F HEM . FE  ? ? A HIS 39 A HEM 500 1_555 ? ? ? ? ? ? ? 2.033 ? ? 
metalc2  metalc ?    ? A ASP 34 OD2 ? ? ? 1_555 E NA  . NA  ? ? A ASP 56 A NA  302 1_555 ? ? ? ? ? ? ? 2.923 ? ? 
metalc3  metalc ?    ? A HIS 41 NE2 ? ? ? 1_555 F HEM . FE  ? ? A HIS 63 A HEM 500 1_555 ? ? ? ? ? ? ? 2.029 ? ? 
metalc4  metalc ?    ? A HIS 54 NE2 ? ? ? 1_555 G HEM . FE  ? ? A HIS 76 A HEM 501 1_555 ? ? ? ? ? ? ? 2.032 ? ? 
metalc5  metalc ?    ? A HIS 69 NE2 ? ? ? 1_555 G HEM . FE  ? ? A HIS 91 A HEM 501 1_555 ? ? ? ? ? ? ? 2.007 ? ? 
metalc6  metalc ?    ? B HIS 17 NE2 ? ? ? 1_555 K HEM . FE  ? ? B HIS 39 B HEM 500 1_555 ? ? ? ? ? ? ? 1.979 ? ? 
metalc7  metalc ?    ? B ASP 34 OD2 ? ? ? 1_555 J NA  . NA  ? ? B ASP 56 B NA  301 1_555 ? ? ? ? ? ? ? 2.847 ? ? 
metalc8  metalc ?    ? B HIS 41 NE2 ? ? ? 1_555 K HEM . FE  ? ? B HIS 63 B HEM 500 1_555 ? ? ? ? ? ? ? 1.935 ? ? 
metalc9  metalc ?    ? B HIS 54 NE2 ? ? ? 1_555 L HEM . FE  ? ? B HIS 76 B HEM 501 1_555 ? ? ? ? ? ? ? 2.005 ? ? 
metalc10 metalc ?    ? B HIS 69 NE2 ? ? ? 1_555 L HEM . FE  ? ? B HIS 91 B HEM 501 1_555 ? ? ? ? ? ? ? 2.078 ? ? 
# 
loop_
_struct_conn_type.id 
_struct_conn_type.criteria 
_struct_conn_type.reference 
covale ? ? 
metalc ? ? 
# 
loop_
_pdbx_struct_conn_angle.id 
_pdbx_struct_conn_angle.ptnr1_label_atom_id 
_pdbx_struct_conn_angle.ptnr1_label_alt_id 
_pdbx_struct_conn_angle.ptnr1_label_asym_id 
_pdbx_struct_conn_angle.ptnr1_label_comp_id 
_pdbx_struct_conn_angle.ptnr1_label_seq_id 
_pdbx_struct_conn_angle.ptnr1_auth_atom_id 
_pdbx_struct_conn_angle.ptnr1_auth_asym_id 
_pdbx_struct_conn_angle.ptnr1_auth_comp_id 
_pdbx_struct_conn_angle.ptnr1_auth_seq_id 
_pdbx_struct_conn_angle.ptnr1_PDB_ins_code 
_pdbx_struct_conn_angle.ptnr1_symmetry 
_pdbx_struct_conn_angle.ptnr2_label_atom_id 
_pdbx_struct_conn_angle.ptnr2_label_alt_id 
_pdbx_struct_conn_angle.ptnr2_label_asym_id 
_pdbx_struct_conn_angle.ptnr2_label_comp_id 
_pdbx_struct_conn_angle.ptnr2_label_seq_id 
_pdbx_struct_conn_angle.ptnr2_auth_atom_id 
_pdbx_struct_conn_angle.ptnr2_auth_asym_id 
_pdbx_struct_conn_angle.ptnr2_auth_comp_id 
_pdbx_struct_conn_angle.ptnr2_auth_seq_id 
_pdbx_struct_conn_angle.ptnr2_PDB_ins_code 
_pdbx_struct_conn_angle.ptnr2_symmetry 
_pdbx_struct_conn_angle.ptnr3_label_atom_id 
_pdbx_struct_conn_angle.ptnr3_label_alt_id 
_pdbx_struct_conn_angle.ptnr3_label_asym_id 
_pdbx_struct_conn_angle.ptnr3_label_comp_id 
_pdbx_struct_conn_angle.ptnr3_label_seq_id 
_pdbx_struct_conn_angle.ptnr3_auth_atom_id 
_pdbx_struct_conn_angle.ptnr3_auth_asym_id 
_pdbx_struct_conn_angle.ptnr3_auth_comp_id 
_pdbx_struct_conn_angle.ptnr3_auth_seq_id 
_pdbx_struct_conn_angle.ptnr3_PDB_ins_code 
_pdbx_struct_conn_angle.ptnr3_symmetry 
_pdbx_struct_conn_angle.value 
_pdbx_struct_conn_angle.value_esd 
1  NE2 ? A HIS 17 ? A HIS 39  ? 1_555 FE ? F HEM . ? A HEM 500 ? 1_555 NA  ? F HEM .  ? A HEM 500 ? 1_555 97.2  ? 
2  NE2 ? A HIS 17 ? A HIS 39  ? 1_555 FE ? F HEM . ? A HEM 500 ? 1_555 NB  ? F HEM .  ? A HEM 500 ? 1_555 90.0  ? 
3  NA  ? F HEM .  ? A HEM 500 ? 1_555 FE ? F HEM . ? A HEM 500 ? 1_555 NB  ? F HEM .  ? A HEM 500 ? 1_555 91.4  ? 
4  NE2 ? A HIS 17 ? A HIS 39  ? 1_555 FE ? F HEM . ? A HEM 500 ? 1_555 NC  ? F HEM .  ? A HEM 500 ? 1_555 82.9  ? 
5  NA  ? F HEM .  ? A HEM 500 ? 1_555 FE ? F HEM . ? A HEM 500 ? 1_555 NC  ? F HEM .  ? A HEM 500 ? 1_555 178.3 ? 
6  NB  ? F HEM .  ? A HEM 500 ? 1_555 FE ? F HEM . ? A HEM 500 ? 1_555 NC  ? F HEM .  ? A HEM 500 ? 1_555 90.3  ? 
7  NE2 ? A HIS 17 ? A HIS 39  ? 1_555 FE ? F HEM . ? A HEM 500 ? 1_555 ND  ? F HEM .  ? A HEM 500 ? 1_555 91.2  ? 
8  NA  ? F HEM .  ? A HEM 500 ? 1_555 FE ? F HEM . ? A HEM 500 ? 1_555 ND  ? F HEM .  ? A HEM 500 ? 1_555 89.2  ? 
9  NB  ? F HEM .  ? A HEM 500 ? 1_555 FE ? F HEM . ? A HEM 500 ? 1_555 ND  ? F HEM .  ? A HEM 500 ? 1_555 178.6 ? 
10 NC  ? F HEM .  ? A HEM 500 ? 1_555 FE ? F HEM . ? A HEM 500 ? 1_555 ND  ? F HEM .  ? A HEM 500 ? 1_555 89.0  ? 
11 NE2 ? A HIS 17 ? A HIS 39  ? 1_555 FE ? F HEM . ? A HEM 500 ? 1_555 NE2 ? A HIS 41 ? A HIS 63  ? 1_555 173.2 ? 
12 NA  ? F HEM .  ? A HEM 500 ? 1_555 FE ? F HEM . ? A HEM 500 ? 1_555 NE2 ? A HIS 41 ? A HIS 63  ? 1_555 89.4  ? 
13 NB  ? F HEM .  ? A HEM 500 ? 1_555 FE ? F HEM . ? A HEM 500 ? 1_555 NE2 ? A HIS 41 ? A HIS 63  ? 1_555 91.4  ? 
14 NC  ? F HEM .  ? A HEM 500 ? 1_555 FE ? F HEM . ? A HEM 500 ? 1_555 NE2 ? A HIS 41 ? A HIS 63  ? 1_555 90.4  ? 
15 ND  ? F HEM .  ? A HEM 500 ? 1_555 FE ? F HEM . ? A HEM 500 ? 1_555 NE2 ? A HIS 41 ? A HIS 63  ? 1_555 87.4  ? 
16 NE2 ? A HIS 54 ? A HIS 76  ? 1_555 FE ? G HEM . ? A HEM 501 ? 1_555 NA  ? G HEM .  ? A HEM 501 ? 1_555 91.3  ? 
17 NE2 ? A HIS 54 ? A HIS 76  ? 1_555 FE ? G HEM . ? A HEM 501 ? 1_555 NB  ? G HEM .  ? A HEM 501 ? 1_555 89.8  ? 
18 NA  ? G HEM .  ? A HEM 501 ? 1_555 FE ? G HEM . ? A HEM 501 ? 1_555 NB  ? G HEM .  ? A HEM 501 ? 1_555 91.5  ? 
19 NE2 ? A HIS 54 ? A HIS 76  ? 1_555 FE ? G HEM . ? A HEM 501 ? 1_555 NC  ? G HEM .  ? A HEM 501 ? 1_555 90.6  ? 
20 NA  ? G HEM .  ? A HEM 501 ? 1_555 FE ? G HEM . ? A HEM 501 ? 1_555 NC  ? G HEM .  ? A HEM 501 ? 1_555 178.1 ? 
21 NB  ? G HEM .  ? A HEM 501 ? 1_555 FE ? G HEM . ? A HEM 501 ? 1_555 NC  ? G HEM .  ? A HEM 501 ? 1_555 88.5  ? 
22 NE2 ? A HIS 54 ? A HIS 76  ? 1_555 FE ? G HEM . ? A HEM 501 ? 1_555 ND  ? G HEM .  ? A HEM 501 ? 1_555 91.2  ? 
23 NA  ? G HEM .  ? A HEM 501 ? 1_555 FE ? G HEM . ? A HEM 501 ? 1_555 ND  ? G HEM .  ? A HEM 501 ? 1_555 86.0  ? 
24 NB  ? G HEM .  ? A HEM 501 ? 1_555 FE ? G HEM . ? A HEM 501 ? 1_555 ND  ? G HEM .  ? A HEM 501 ? 1_555 177.3 ? 
25 NC  ? G HEM .  ? A HEM 501 ? 1_555 FE ? G HEM . ? A HEM 501 ? 1_555 ND  ? G HEM .  ? A HEM 501 ? 1_555 94.0  ? 
26 NE2 ? A HIS 54 ? A HIS 76  ? 1_555 FE ? G HEM . ? A HEM 501 ? 1_555 NE2 ? A HIS 69 ? A HIS 91  ? 1_555 175.2 ? 
27 NA  ? G HEM .  ? A HEM 501 ? 1_555 FE ? G HEM . ? A HEM 501 ? 1_555 NE2 ? A HIS 69 ? A HIS 91  ? 1_555 86.6  ? 
28 NB  ? G HEM .  ? A HEM 501 ? 1_555 FE ? G HEM . ? A HEM 501 ? 1_555 NE2 ? A HIS 69 ? A HIS 91  ? 1_555 85.9  ? 
29 NC  ? G HEM .  ? A HEM 501 ? 1_555 FE ? G HEM . ? A HEM 501 ? 1_555 NE2 ? A HIS 69 ? A HIS 91  ? 1_555 91.5  ? 
30 ND  ? G HEM .  ? A HEM 501 ? 1_555 FE ? G HEM . ? A HEM 501 ? 1_555 NE2 ? A HIS 69 ? A HIS 91  ? 1_555 93.0  ? 
31 NE2 ? B HIS 17 ? B HIS 39  ? 1_555 FE ? K HEM . ? B HEM 500 ? 1_555 NA  ? K HEM .  ? B HEM 500 ? 1_555 93.1  ? 
32 NE2 ? B HIS 17 ? B HIS 39  ? 1_555 FE ? K HEM . ? B HEM 500 ? 1_555 NB  ? K HEM .  ? B HEM 500 ? 1_555 87.7  ? 
33 NA  ? K HEM .  ? B HEM 500 ? 1_555 FE ? K HEM . ? B HEM 500 ? 1_555 NB  ? K HEM .  ? B HEM 500 ? 1_555 88.8  ? 
34 NE2 ? B HIS 17 ? B HIS 39  ? 1_555 FE ? K HEM . ? B HEM 500 ? 1_555 NC  ? K HEM .  ? B HEM 500 ? 1_555 87.7  ? 
35 NA  ? K HEM .  ? B HEM 500 ? 1_555 FE ? K HEM . ? B HEM 500 ? 1_555 NC  ? K HEM .  ? B HEM 500 ? 1_555 177.2 ? 
36 NB  ? K HEM .  ? B HEM 500 ? 1_555 FE ? K HEM . ? B HEM 500 ? 1_555 NC  ? K HEM .  ? B HEM 500 ? 1_555 88.6  ? 
37 NE2 ? B HIS 17 ? B HIS 39  ? 1_555 FE ? K HEM . ? B HEM 500 ? 1_555 ND  ? K HEM .  ? B HEM 500 ? 1_555 94.7  ? 
38 NA  ? K HEM .  ? B HEM 500 ? 1_555 FE ? K HEM . ? B HEM 500 ? 1_555 ND  ? K HEM .  ? B HEM 500 ? 1_555 90.7  ? 
39 NB  ? K HEM .  ? B HEM 500 ? 1_555 FE ? K HEM . ? B HEM 500 ? 1_555 ND  ? K HEM .  ? B HEM 500 ? 1_555 177.6 ? 
40 NC  ? K HEM .  ? B HEM 500 ? 1_555 FE ? K HEM . ? B HEM 500 ? 1_555 ND  ? K HEM .  ? B HEM 500 ? 1_555 91.8  ? 
41 NE2 ? B HIS 17 ? B HIS 39  ? 1_555 FE ? K HEM . ? B HEM 500 ? 1_555 NE2 ? B HIS 41 ? B HIS 63  ? 1_555 175.3 ? 
42 NA  ? K HEM .  ? B HEM 500 ? 1_555 FE ? K HEM . ? B HEM 500 ? 1_555 NE2 ? B HIS 41 ? B HIS 63  ? 1_555 90.5  ? 
43 NB  ? K HEM .  ? B HEM 500 ? 1_555 FE ? K HEM . ? B HEM 500 ? 1_555 NE2 ? B HIS 41 ? B HIS 63  ? 1_555 89.5  ? 
44 NC  ? K HEM .  ? B HEM 500 ? 1_555 FE ? K HEM . ? B HEM 500 ? 1_555 NE2 ? B HIS 41 ? B HIS 63  ? 1_555 88.5  ? 
45 ND  ? K HEM .  ? B HEM 500 ? 1_555 FE ? K HEM . ? B HEM 500 ? 1_555 NE2 ? B HIS 41 ? B HIS 63  ? 1_555 88.1  ? 
46 NE2 ? B HIS 54 ? B HIS 76  ? 1_555 FE ? L HEM . ? B HEM 501 ? 1_555 NA  ? L HEM .  ? B HEM 501 ? 1_555 93.7  ? 
47 NE2 ? B HIS 54 ? B HIS 76  ? 1_555 FE ? L HEM . ? B HEM 501 ? 1_555 NB  ? L HEM .  ? B HEM 501 ? 1_555 92.4  ? 
48 NA  ? L HEM .  ? B HEM 501 ? 1_555 FE ? L HEM . ? B HEM 501 ? 1_555 NB  ? L HEM .  ? B HEM 501 ? 1_555 92.9  ? 
49 NE2 ? B HIS 54 ? B HIS 76  ? 1_555 FE ? L HEM . ? B HEM 501 ? 1_555 NC  ? L HEM .  ? B HEM 501 ? 1_555 89.4  ? 
50 NA  ? L HEM .  ? B HEM 501 ? 1_555 FE ? L HEM . ? B HEM 501 ? 1_555 NC  ? L HEM .  ? B HEM 501 ? 1_555 175.7 ? 
51 NB  ? L HEM .  ? B HEM 501 ? 1_555 FE ? L HEM . ? B HEM 501 ? 1_555 NC  ? L HEM .  ? B HEM 501 ? 1_555 83.9  ? 
52 NE2 ? B HIS 54 ? B HIS 76  ? 1_555 FE ? L HEM . ? B HEM 501 ? 1_555 ND  ? L HEM .  ? B HEM 501 ? 1_555 91.2  ? 
53 NA  ? L HEM .  ? B HEM 501 ? 1_555 FE ? L HEM . ? B HEM 501 ? 1_555 ND  ? L HEM .  ? B HEM 501 ? 1_555 90.8  ? 
54 NB  ? L HEM .  ? B HEM 501 ? 1_555 FE ? L HEM . ? B HEM 501 ? 1_555 ND  ? L HEM .  ? B HEM 501 ? 1_555 174.7 ? 
55 NC  ? L HEM .  ? B HEM 501 ? 1_555 FE ? L HEM . ? B HEM 501 ? 1_555 ND  ? L HEM .  ? B HEM 501 ? 1_555 92.3  ? 
56 NE2 ? B HIS 54 ? B HIS 76  ? 1_555 FE ? L HEM . ? B HEM 501 ? 1_555 NE2 ? B HIS 69 ? B HIS 91  ? 1_555 175.8 ? 
57 NA  ? L HEM .  ? B HEM 501 ? 1_555 FE ? L HEM . ? B HEM 501 ? 1_555 NE2 ? B HIS 69 ? B HIS 91  ? 1_555 90.4  ? 
58 NB  ? L HEM .  ? B HEM 501 ? 1_555 FE ? L HEM . ? B HEM 501 ? 1_555 NE2 ? B HIS 69 ? B HIS 91  ? 1_555 88.4  ? 
59 NC  ? L HEM .  ? B HEM 501 ? 1_555 FE ? L HEM . ? B HEM 501 ? 1_555 NE2 ? B HIS 69 ? B HIS 91  ? 1_555 86.6  ? 
60 ND  ? L HEM .  ? B HEM 501 ? 1_555 FE ? L HEM . ? B HEM 501 ? 1_555 NE2 ? B HIS 69 ? B HIS 91  ? 1_555 87.7  ? 
# 
loop_
_pdbx_modification_feature.ordinal 
_pdbx_modification_feature.label_comp_id 
_pdbx_modification_feature.label_asym_id 
_pdbx_modification_feature.label_seq_id 
_pdbx_modification_feature.label_alt_id 
_pdbx_modification_feature.modified_residue_label_comp_id 
_pdbx_modification_feature.modified_residue_label_asym_id 
_pdbx_modification_feature.modified_residue_label_seq_id 
_pdbx_modification_feature.modified_residue_label_alt_id 
_pdbx_modification_feature.auth_comp_id 
_pdbx_modification_feature.auth_asym_id 
_pdbx_modification_feature.auth_seq_id 
_pdbx_modification_feature.PDB_ins_code 
_pdbx_modification_feature.symmetry 
_pdbx_modification_feature.modified_residue_auth_comp_id 
_pdbx_modification_feature.modified_residue_auth_asym_id 
_pdbx_modification_feature.modified_residue_auth_seq_id 
_pdbx_modification_feature.modified_residue_PDB_ins_code 
_pdbx_modification_feature.modified_residue_symmetry 
_pdbx_modification_feature.comp_id_linking_atom 
_pdbx_modification_feature.modified_residue_id_linking_atom 
_pdbx_modification_feature.modified_residue_id 
_pdbx_modification_feature.ref_pcm_id 
_pdbx_modification_feature.ref_comp_id 
_pdbx_modification_feature.type 
_pdbx_modification_feature.category 
1 HEM F . ? CYS A 37 ? HEM A 500 ? 1_555 CYS A 59 ? 1_555 CAB SG CYS 2 HEM None Heme/heme-like 
2 HEM F . ? CYS A 40 ? HEM A 500 ? 1_555 CYS A 62 ? 1_555 CAC SG CYS 3 HEM None Heme/heme-like 
3 HEM G . ? CYS A 65 ? HEM A 501 ? 1_555 CYS A 87 ? 1_555 CAB SG CYS 2 HEM None Heme/heme-like 
4 HEM G . ? CYS A 68 ? HEM A 501 ? 1_555 CYS A 90 ? 1_555 CAC SG CYS 3 HEM None Heme/heme-like 
5 HEM K . ? CYS B 37 ? HEM B 500 ? 1_555 CYS B 59 ? 1_555 CAB SG CYS 2 HEM None Heme/heme-like 
6 HEM K . ? CYS B 40 ? HEM B 500 ? 1_555 CYS B 62 ? 1_555 CAC SG CYS 3 HEM None Heme/heme-like 
7 HEM L . ? CYS B 65 ? HEM B 501 ? 1_555 CYS B 87 ? 1_555 CAB SG CYS 2 HEM None Heme/heme-like 
8 HEM L . ? CYS B 68 ? HEM B 501 ? 1_555 CYS B 90 ? 1_555 CAC SG CYS 3 HEM None Heme/heme-like 
# 
loop_
_struct_mon_prot_cis.pdbx_id 
_struct_mon_prot_cis.label_comp_id 
_struct_mon_prot_cis.label_seq_id 
_struct_mon_prot_cis.label_asym_id 
_struct_mon_prot_cis.label_alt_id 
_struct_mon_prot_cis.pdbx_PDB_ins_code 
_struct_mon_prot_cis.auth_comp_id 
_struct_mon_prot_cis.auth_seq_id 
_struct_mon_prot_cis.auth_asym_id 
_struct_mon_prot_cis.pdbx_label_comp_id_2 
_struct_mon_prot_cis.pdbx_label_seq_id_2 
_struct_mon_prot_cis.pdbx_label_asym_id_2 
_struct_mon_prot_cis.pdbx_PDB_ins_code_2 
_struct_mon_prot_cis.pdbx_auth_comp_id_2 
_struct_mon_prot_cis.pdbx_auth_seq_id_2 
_struct_mon_prot_cis.pdbx_auth_asym_id_2 
_struct_mon_prot_cis.pdbx_PDB_model_num 
_struct_mon_prot_cis.pdbx_omega_angle 
1 LYS 44 A . ? LYS 66 A PRO 45 A ? PRO 67 A 1 -1.47 
2 LYS 44 B . ? LYS 66 B PRO 45 B ? PRO 67 B 1 18.34 
# 
loop_
_struct_site.id 
_struct_site.pdbx_evidence_code 
_struct_site.pdbx_auth_asym_id 
_struct_site.pdbx_auth_comp_id 
_struct_site.pdbx_auth_seq_id 
_struct_site.pdbx_auth_ins_code 
_struct_site.pdbx_num_residues 
_struct_site.details 
AC1 Software A SO4 201 ? 3  'BINDING SITE FOR RESIDUE SO4 A 201' 
AC2 Software B SO4 202 ? 3  'BINDING SITE FOR RESIDUE SO4 B 202' 
AC3 Software A SO4 203 ? 2  'BINDING SITE FOR RESIDUE SO4 A 203' 
AC4 Software B SO4 204 ? 2  'BINDING SITE FOR RESIDUE SO4 B 204' 
AC5 Software B NA  301 ? 2  'BINDING SITE FOR RESIDUE NA B 301'  
AC6 Software A NA  302 ? 5  'BINDING SITE FOR RESIDUE NA A 302'  
AC7 Software A HEM 500 ? 18 'BINDING SITE FOR RESIDUE HEM A 500' 
AC8 Software A HEM 501 ? 13 'BINDING SITE FOR RESIDUE HEM A 501' 
AC9 Software B HEM 500 ? 19 'BINDING SITE FOR RESIDUE HEM B 500' 
BC1 Software B HEM 501 ? 15 'BINDING SITE FOR RESIDUE HEM B 501' 
# 
loop_
_struct_site_gen.id 
_struct_site_gen.site_id 
_struct_site_gen.pdbx_num_res 
_struct_site_gen.label_comp_id 
_struct_site_gen.label_asym_id 
_struct_site_gen.label_seq_id 
_struct_site_gen.pdbx_auth_ins_code 
_struct_site_gen.auth_comp_id 
_struct_site_gen.auth_asym_id 
_struct_site_gen.auth_seq_id 
_struct_site_gen.label_atom_id 
_struct_site_gen.label_alt_id 
_struct_site_gen.symmetry 
_struct_site_gen.details 
1  AC1 3  HIS A 42 ? HIS A 64  . ? 1_555 ? 
2  AC1 3  GLU A 43 ? GLU A 65  . ? 1_555 ? 
3  AC1 3  HOH M .  ? HOH A 514 . ? 1_555 ? 
4  AC2 3  HIS B 42 ? HIS B 64  . ? 1_555 ? 
5  AC2 3  GLU B 43 ? GLU B 65  . ? 1_555 ? 
6  AC2 3  HOH N .  ? HOH B 563 . ? 1_555 ? 
7  AC3 2  ARG A 64 ? ARG A 86  . ? 1_555 ? 
8  AC3 2  PHE A 67 ? PHE A 89  . ? 1_555 ? 
9  AC4 2  ARG B 64 ? ARG B 86  . ? 1_555 ? 
10 AC4 2  PHE B 67 ? PHE B 89  . ? 1_555 ? 
11 AC5 2  ASP B 34 ? ASP B 56  . ? 1_555 ? 
12 AC5 2  PHE B 67 ? PHE B 89  . ? 1_555 ? 
13 AC6 5  ASP A 34 ? ASP A 56  . ? 1_555 ? 
14 AC6 5  ARG A 64 ? ARG A 86  . ? 1_555 ? 
15 AC6 5  PHE A 67 ? PHE A 89  . ? 1_555 ? 
16 AC6 5  HOH M .  ? HOH A 511 . ? 1_555 ? 
17 AC6 5  HOH M .  ? HOH A 558 . ? 1_555 ? 
18 AC7 18 LYS A 9  ? LYS A 31  . ? 1_555 ? 
19 AC7 18 VAL A 11 ? VAL A 33  . ? 1_555 ? 
20 AC7 18 PRO A 12 ? PRO A 34  . ? 1_555 ? 
21 AC7 18 ASP A 14 ? ASP A 36  . ? 1_555 ? 
22 AC7 18 ASN A 16 ? ASN A 38  . ? 1_555 ? 
23 AC7 18 HIS A 17 ? HIS A 39  . ? 1_555 ? 
24 AC7 18 PHE A 20 ? PHE A 42  . ? 1_555 ? 
25 AC7 18 CYS A 37 ? CYS A 59  . ? 1_555 ? 
26 AC7 18 CYS A 40 ? CYS A 62  . ? 1_555 ? 
27 AC7 18 HIS A 41 ? HIS A 63  . ? 1_555 ? 
28 AC7 18 ILE A 48 ? ILE A 70  . ? 1_555 ? 
29 AC7 18 CYS A 65 ? CYS A 87  . ? 1_555 ? 
30 AC7 18 HIS A 69 ? HIS A 91  . ? 1_555 ? 
31 AC7 18 HEM G .  ? HEM A 501 . ? 1_555 ? 
32 AC7 18 HOH M .  ? HOH A 527 . ? 1_555 ? 
33 AC7 18 HOH M .  ? HOH A 531 . ? 1_555 ? 
34 AC7 18 HEM K .  ? HEM B 500 . ? 1_555 ? 
35 AC7 18 HEM L .  ? HEM B 501 . ? 1_555 ? 
36 AC8 13 THR A 8  ? THR A 30  . ? 1_555 ? 
37 AC8 13 LYS A 9  ? LYS A 31  . ? 1_555 ? 
38 AC8 13 HIS A 41 ? HIS A 63  . ? 1_555 ? 
39 AC8 13 PHE A 50 ? PHE A 72  . ? 1_555 ? 
40 AC8 13 PRO A 51 ? PRO A 73  . ? 1_555 ? 
41 AC8 13 HIS A 54 ? HIS A 76  . ? 1_555 ? 
42 AC8 13 MET A 63 ? MET A 85  . ? 1_555 ? 
43 AC8 13 ARG A 64 ? ARG A 86  . ? 1_555 ? 
44 AC8 13 CYS A 65 ? CYS A 87  . ? 1_555 ? 
45 AC8 13 CYS A 68 ? CYS A 90  . ? 1_555 ? 
46 AC8 13 HIS A 69 ? HIS A 91  . ? 1_555 ? 
47 AC8 13 HEM F .  ? HEM A 500 . ? 1_555 ? 
48 AC8 13 HOH M .  ? HOH A 519 . ? 1_555 ? 
49 AC9 19 GLY A 47 ? GLY A 69  . ? 1_555 ? 
50 AC9 19 ILE A 48 ? ILE A 70  . ? 1_555 ? 
51 AC9 19 HEM F .  ? HEM A 500 . ? 1_555 ? 
52 AC9 19 LYS B 9  ? LYS B 31  . ? 1_555 ? 
53 AC9 19 VAL B 11 ? VAL B 33  . ? 1_555 ? 
54 AC9 19 PRO B 12 ? PRO B 34  . ? 1_555 ? 
55 AC9 19 ASN B 16 ? ASN B 38  . ? 1_555 ? 
56 AC9 19 HIS B 17 ? HIS B 39  . ? 1_555 ? 
57 AC9 19 PHE B 20 ? PHE B 42  . ? 1_555 ? 
58 AC9 19 CYS B 37 ? CYS B 59  . ? 1_555 ? 
59 AC9 19 CYS B 40 ? CYS B 62  . ? 1_555 ? 
60 AC9 19 HIS B 41 ? HIS B 63  . ? 1_555 ? 
61 AC9 19 ILE B 48 ? ILE B 70  . ? 1_555 ? 
62 AC9 19 CYS B 65 ? CYS B 87  . ? 1_555 ? 
63 AC9 19 HIS B 69 ? HIS B 91  . ? 1_555 ? 
64 AC9 19 HEM L .  ? HEM B 501 . ? 1_555 ? 
65 AC9 19 HOH N .  ? HOH B 507 . ? 1_555 ? 
66 AC9 19 HOH N .  ? HOH B 509 . ? 1_555 ? 
67 AC9 19 HOH N .  ? HOH B 577 . ? 1_555 ? 
68 BC1 15 HEM F .  ? HEM A 500 . ? 1_555 ? 
69 BC1 15 THR B 8  ? THR B 30  . ? 1_555 ? 
70 BC1 15 LYS B 9  ? LYS B 31  . ? 1_555 ? 
71 BC1 15 HIS B 41 ? HIS B 63  . ? 1_555 ? 
72 BC1 15 PHE B 50 ? PHE B 72  . ? 1_555 ? 
73 BC1 15 HIS B 54 ? HIS B 76  . ? 1_555 ? 
74 BC1 15 MET B 63 ? MET B 85  . ? 1_555 ? 
75 BC1 15 ARG B 64 ? ARG B 86  . ? 1_555 ? 
76 BC1 15 CYS B 65 ? CYS B 87  . ? 1_555 ? 
77 BC1 15 CYS B 68 ? CYS B 90  . ? 1_555 ? 
78 BC1 15 HIS B 69 ? HIS B 91  . ? 1_555 ? 
79 BC1 15 HEM K .  ? HEM B 500 . ? 1_555 ? 
80 BC1 15 HOH N .  ? HOH B 507 . ? 1_555 ? 
81 BC1 15 HOH N .  ? HOH B 569 . ? 1_555 ? 
82 BC1 15 HOH N .  ? HOH B 570 . ? 1_555 ? 
# 
_pdbx_entry_details.entry_id                   2CZS 
_pdbx_entry_details.compound_details           ? 
_pdbx_entry_details.source_details             ? 
_pdbx_entry_details.nonpolymer_details         ? 
_pdbx_entry_details.sequence_details           ? 
_pdbx_entry_details.has_ligand_of_interest     ? 
_pdbx_entry_details.has_protein_modification   Y 
# 
_pdbx_validate_symm_contact.id                1 
_pdbx_validate_symm_contact.PDB_model_num     1 
_pdbx_validate_symm_contact.auth_atom_id_1    NH2 
_pdbx_validate_symm_contact.auth_asym_id_1    B 
_pdbx_validate_symm_contact.auth_comp_id_1    ARG 
_pdbx_validate_symm_contact.auth_seq_id_1     41 
_pdbx_validate_symm_contact.PDB_ins_code_1    ? 
_pdbx_validate_symm_contact.label_alt_id_1    ? 
_pdbx_validate_symm_contact.site_symmetry_1   1_555 
_pdbx_validate_symm_contact.auth_atom_id_2    O 
_pdbx_validate_symm_contact.auth_asym_id_2    A 
_pdbx_validate_symm_contact.auth_comp_id_2    HOH 
_pdbx_validate_symm_contact.auth_seq_id_2     559 
_pdbx_validate_symm_contact.PDB_ins_code_2    ? 
_pdbx_validate_symm_contact.label_alt_id_2    ? 
_pdbx_validate_symm_contact.site_symmetry_2   2_645 
_pdbx_validate_symm_contact.dist              2.16 
# 
loop_
_pdbx_validate_torsion.id 
_pdbx_validate_torsion.PDB_model_num 
_pdbx_validate_torsion.auth_comp_id 
_pdbx_validate_torsion.auth_asym_id 
_pdbx_validate_torsion.auth_seq_id 
_pdbx_validate_torsion.PDB_ins_code 
_pdbx_validate_torsion.label_alt_id 
_pdbx_validate_torsion.phi 
_pdbx_validate_torsion.psi 
1 1 LYS A 66 ? ? -38.16 146.38 
2 1 ASN A 75 ? ? 82.14  -11.18 
3 1 ASN B 75 ? ? 83.49  -6.41  
# 
loop_
_pdbx_unobs_or_zero_occ_residues.id 
_pdbx_unobs_or_zero_occ_residues.PDB_model_num 
_pdbx_unobs_or_zero_occ_residues.polymer_flag 
_pdbx_unobs_or_zero_occ_residues.occupancy_flag 
_pdbx_unobs_or_zero_occ_residues.auth_asym_id 
_pdbx_unobs_or_zero_occ_residues.auth_comp_id 
_pdbx_unobs_or_zero_occ_residues.auth_seq_id 
_pdbx_unobs_or_zero_occ_residues.PDB_ins_code 
_pdbx_unobs_or_zero_occ_residues.label_asym_id 
_pdbx_unobs_or_zero_occ_residues.label_comp_id 
_pdbx_unobs_or_zero_occ_residues.label_seq_id 
1  1 Y 1 A MET 23  ? A MET 1  
2  1 Y 1 A VAL 24  ? A VAL 2  
3  1 Y 1 A SER 25  ? A SER 3  
4  1 Y 1 A GLY 26  ? A GLY 4  
5  1 Y 1 A GLU 27  ? A GLU 5  
6  1 Y 1 A HIS 98  ? A HIS 76 
7  1 Y 1 A HIS 99  ? A HIS 77 
8  1 Y 1 A HIS 100 ? A HIS 78 
9  1 Y 1 A HIS 101 ? A HIS 79 
10 1 Y 1 A HIS 102 ? A HIS 80 
11 1 Y 1 B MET 23  ? B MET 1  
12 1 Y 1 B VAL 24  ? B VAL 2  
13 1 Y 1 B SER 25  ? B SER 3  
14 1 Y 1 B GLY 26  ? B GLY 4  
15 1 Y 1 B GLU 27  ? B GLU 5  
16 1 Y 1 B HIS 97  ? B HIS 75 
17 1 Y 1 B HIS 98  ? B HIS 76 
18 1 Y 1 B HIS 99  ? B HIS 77 
19 1 Y 1 B HIS 100 ? B HIS 78 
20 1 Y 1 B HIS 101 ? B HIS 79 
21 1 Y 1 B HIS 102 ? B HIS 80 
# 
loop_
_chem_comp_atom.comp_id 
_chem_comp_atom.atom_id 
_chem_comp_atom.type_symbol 
_chem_comp_atom.pdbx_aromatic_flag 
_chem_comp_atom.pdbx_stereo_config 
_chem_comp_atom.pdbx_ordinal 
ALA N    N  N N 1   
ALA CA   C  N S 2   
ALA C    C  N N 3   
ALA O    O  N N 4   
ALA CB   C  N N 5   
ALA OXT  O  N N 6   
ALA H    H  N N 7   
ALA H2   H  N N 8   
ALA HA   H  N N 9   
ALA HB1  H  N N 10  
ALA HB2  H  N N 11  
ALA HB3  H  N N 12  
ALA HXT  H  N N 13  
ARG N    N  N N 14  
ARG CA   C  N S 15  
ARG C    C  N N 16  
ARG O    O  N N 17  
ARG CB   C  N N 18  
ARG CG   C  N N 19  
ARG CD   C  N N 20  
ARG NE   N  N N 21  
ARG CZ   C  N N 22  
ARG NH1  N  N N 23  
ARG NH2  N  N N 24  
ARG OXT  O  N N 25  
ARG H    H  N N 26  
ARG H2   H  N N 27  
ARG HA   H  N N 28  
ARG HB2  H  N N 29  
ARG HB3  H  N N 30  
ARG HG2  H  N N 31  
ARG HG3  H  N N 32  
ARG HD2  H  N N 33  
ARG HD3  H  N N 34  
ARG HE   H  N N 35  
ARG HH11 H  N N 36  
ARG HH12 H  N N 37  
ARG HH21 H  N N 38  
ARG HH22 H  N N 39  
ARG HXT  H  N N 40  
ASN N    N  N N 41  
ASN CA   C  N S 42  
ASN C    C  N N 43  
ASN O    O  N N 44  
ASN CB   C  N N 45  
ASN CG   C  N N 46  
ASN OD1  O  N N 47  
ASN ND2  N  N N 48  
ASN OXT  O  N N 49  
ASN H    H  N N 50  
ASN H2   H  N N 51  
ASN HA   H  N N 52  
ASN HB2  H  N N 53  
ASN HB3  H  N N 54  
ASN HD21 H  N N 55  
ASN HD22 H  N N 56  
ASN HXT  H  N N 57  
ASP N    N  N N 58  
ASP CA   C  N S 59  
ASP C    C  N N 60  
ASP O    O  N N 61  
ASP CB   C  N N 62  
ASP CG   C  N N 63  
ASP OD1  O  N N 64  
ASP OD2  O  N N 65  
ASP OXT  O  N N 66  
ASP H    H  N N 67  
ASP H2   H  N N 68  
ASP HA   H  N N 69  
ASP HB2  H  N N 70  
ASP HB3  H  N N 71  
ASP HD2  H  N N 72  
ASP HXT  H  N N 73  
CYS N    N  N N 74  
CYS CA   C  N R 75  
CYS C    C  N N 76  
CYS O    O  N N 77  
CYS CB   C  N N 78  
CYS SG   S  N N 79  
CYS OXT  O  N N 80  
CYS H    H  N N 81  
CYS H2   H  N N 82  
CYS HA   H  N N 83  
CYS HB2  H  N N 84  
CYS HB3  H  N N 85  
CYS HG   H  N N 86  
CYS HXT  H  N N 87  
GLN N    N  N N 88  
GLN CA   C  N S 89  
GLN C    C  N N 90  
GLN O    O  N N 91  
GLN CB   C  N N 92  
GLN CG   C  N N 93  
GLN CD   C  N N 94  
GLN OE1  O  N N 95  
GLN NE2  N  N N 96  
GLN OXT  O  N N 97  
GLN H    H  N N 98  
GLN H2   H  N N 99  
GLN HA   H  N N 100 
GLN HB2  H  N N 101 
GLN HB3  H  N N 102 
GLN HG2  H  N N 103 
GLN HG3  H  N N 104 
GLN HE21 H  N N 105 
GLN HE22 H  N N 106 
GLN HXT  H  N N 107 
GLU N    N  N N 108 
GLU CA   C  N S 109 
GLU C    C  N N 110 
GLU O    O  N N 111 
GLU CB   C  N N 112 
GLU CG   C  N N 113 
GLU CD   C  N N 114 
GLU OE1  O  N N 115 
GLU OE2  O  N N 116 
GLU OXT  O  N N 117 
GLU H    H  N N 118 
GLU H2   H  N N 119 
GLU HA   H  N N 120 
GLU HB2  H  N N 121 
GLU HB3  H  N N 122 
GLU HG2  H  N N 123 
GLU HG3  H  N N 124 
GLU HE2  H  N N 125 
GLU HXT  H  N N 126 
GLY N    N  N N 127 
GLY CA   C  N N 128 
GLY C    C  N N 129 
GLY O    O  N N 130 
GLY OXT  O  N N 131 
GLY H    H  N N 132 
GLY H2   H  N N 133 
GLY HA2  H  N N 134 
GLY HA3  H  N N 135 
GLY HXT  H  N N 136 
HEM CHA  C  N N 137 
HEM CHB  C  N N 138 
HEM CHC  C  N N 139 
HEM CHD  C  N N 140 
HEM C1A  C  Y N 141 
HEM C2A  C  Y N 142 
HEM C3A  C  Y N 143 
HEM C4A  C  Y N 144 
HEM CMA  C  N N 145 
HEM CAA  C  N N 146 
HEM CBA  C  N N 147 
HEM CGA  C  N N 148 
HEM O1A  O  N N 149 
HEM O2A  O  N N 150 
HEM C1B  C  N N 151 
HEM C2B  C  N N 152 
HEM C3B  C  N N 153 
HEM C4B  C  N N 154 
HEM CMB  C  N N 155 
HEM CAB  C  N N 156 
HEM CBB  C  N N 157 
HEM C1C  C  Y N 158 
HEM C2C  C  Y N 159 
HEM C3C  C  Y N 160 
HEM C4C  C  Y N 161 
HEM CMC  C  N N 162 
HEM CAC  C  N N 163 
HEM CBC  C  N N 164 
HEM C1D  C  N N 165 
HEM C2D  C  N N 166 
HEM C3D  C  N N 167 
HEM C4D  C  N N 168 
HEM CMD  C  N N 169 
HEM CAD  C  N N 170 
HEM CBD  C  N N 171 
HEM CGD  C  N N 172 
HEM O1D  O  N N 173 
HEM O2D  O  N N 174 
HEM NA   N  Y N 175 
HEM NB   N  N N 176 
HEM NC   N  Y N 177 
HEM ND   N  N N 178 
HEM FE   FE N N 179 
HEM HHB  H  N N 180 
HEM HHC  H  N N 181 
HEM HHD  H  N N 182 
HEM HMA  H  N N 183 
HEM HMAA H  N N 184 
HEM HMAB H  N N 185 
HEM HAA  H  N N 186 
HEM HAAA H  N N 187 
HEM HBA  H  N N 188 
HEM HBAA H  N N 189 
HEM HMB  H  N N 190 
HEM HMBA H  N N 191 
HEM HMBB H  N N 192 
HEM HAB  H  N N 193 
HEM HBB  H  N N 194 
HEM HBBA H  N N 195 
HEM HMC  H  N N 196 
HEM HMCA H  N N 197 
HEM HMCB H  N N 198 
HEM HAC  H  N N 199 
HEM HBC  H  N N 200 
HEM HBCA H  N N 201 
HEM HMD  H  N N 202 
HEM HMDA H  N N 203 
HEM HMDB H  N N 204 
HEM HAD  H  N N 205 
HEM HADA H  N N 206 
HEM HBD  H  N N 207 
HEM HBDA H  N N 208 
HEM H2A  H  N N 209 
HEM H2D  H  N N 210 
HEM HHA  H  N N 211 
HIS N    N  N N 212 
HIS CA   C  N S 213 
HIS C    C  N N 214 
HIS O    O  N N 215 
HIS CB   C  N N 216 
HIS CG   C  Y N 217 
HIS ND1  N  Y N 218 
HIS CD2  C  Y N 219 
HIS CE1  C  Y N 220 
HIS NE2  N  Y N 221 
HIS OXT  O  N N 222 
HIS H    H  N N 223 
HIS H2   H  N N 224 
HIS HA   H  N N 225 
HIS HB2  H  N N 226 
HIS HB3  H  N N 227 
HIS HD1  H  N N 228 
HIS HD2  H  N N 229 
HIS HE1  H  N N 230 
HIS HE2  H  N N 231 
HIS HXT  H  N N 232 
HOH O    O  N N 233 
HOH H1   H  N N 234 
HOH H2   H  N N 235 
ILE N    N  N N 236 
ILE CA   C  N S 237 
ILE C    C  N N 238 
ILE O    O  N N 239 
ILE CB   C  N S 240 
ILE CG1  C  N N 241 
ILE CG2  C  N N 242 
ILE CD1  C  N N 243 
ILE OXT  O  N N 244 
ILE H    H  N N 245 
ILE H2   H  N N 246 
ILE HA   H  N N 247 
ILE HB   H  N N 248 
ILE HG12 H  N N 249 
ILE HG13 H  N N 250 
ILE HG21 H  N N 251 
ILE HG22 H  N N 252 
ILE HG23 H  N N 253 
ILE HD11 H  N N 254 
ILE HD12 H  N N 255 
ILE HD13 H  N N 256 
ILE HXT  H  N N 257 
LEU N    N  N N 258 
LEU CA   C  N S 259 
LEU C    C  N N 260 
LEU O    O  N N 261 
LEU CB   C  N N 262 
LEU CG   C  N N 263 
LEU CD1  C  N N 264 
LEU CD2  C  N N 265 
LEU OXT  O  N N 266 
LEU H    H  N N 267 
LEU H2   H  N N 268 
LEU HA   H  N N 269 
LEU HB2  H  N N 270 
LEU HB3  H  N N 271 
LEU HG   H  N N 272 
LEU HD11 H  N N 273 
LEU HD12 H  N N 274 
LEU HD13 H  N N 275 
LEU HD21 H  N N 276 
LEU HD22 H  N N 277 
LEU HD23 H  N N 278 
LEU HXT  H  N N 279 
LYS N    N  N N 280 
LYS CA   C  N S 281 
LYS C    C  N N 282 
LYS O    O  N N 283 
LYS CB   C  N N 284 
LYS CG   C  N N 285 
LYS CD   C  N N 286 
LYS CE   C  N N 287 
LYS NZ   N  N N 288 
LYS OXT  O  N N 289 
LYS H    H  N N 290 
LYS H2   H  N N 291 
LYS HA   H  N N 292 
LYS HB2  H  N N 293 
LYS HB3  H  N N 294 
LYS HG2  H  N N 295 
LYS HG3  H  N N 296 
LYS HD2  H  N N 297 
LYS HD3  H  N N 298 
LYS HE2  H  N N 299 
LYS HE3  H  N N 300 
LYS HZ1  H  N N 301 
LYS HZ2  H  N N 302 
LYS HZ3  H  N N 303 
LYS HXT  H  N N 304 
MET N    N  N N 305 
MET CA   C  N S 306 
MET C    C  N N 307 
MET O    O  N N 308 
MET CB   C  N N 309 
MET CG   C  N N 310 
MET SD   S  N N 311 
MET CE   C  N N 312 
MET OXT  O  N N 313 
MET H    H  N N 314 
MET H2   H  N N 315 
MET HA   H  N N 316 
MET HB2  H  N N 317 
MET HB3  H  N N 318 
MET HG2  H  N N 319 
MET HG3  H  N N 320 
MET HE1  H  N N 321 
MET HE2  H  N N 322 
MET HE3  H  N N 323 
MET HXT  H  N N 324 
NA  NA   NA N N 325 
PHE N    N  N N 326 
PHE CA   C  N S 327 
PHE C    C  N N 328 
PHE O    O  N N 329 
PHE CB   C  N N 330 
PHE CG   C  Y N 331 
PHE CD1  C  Y N 332 
PHE CD2  C  Y N 333 
PHE CE1  C  Y N 334 
PHE CE2  C  Y N 335 
PHE CZ   C  Y N 336 
PHE OXT  O  N N 337 
PHE H    H  N N 338 
PHE H2   H  N N 339 
PHE HA   H  N N 340 
PHE HB2  H  N N 341 
PHE HB3  H  N N 342 
PHE HD1  H  N N 343 
PHE HD2  H  N N 344 
PHE HE1  H  N N 345 
PHE HE2  H  N N 346 
PHE HZ   H  N N 347 
PHE HXT  H  N N 348 
PRO N    N  N N 349 
PRO CA   C  N S 350 
PRO C    C  N N 351 
PRO O    O  N N 352 
PRO CB   C  N N 353 
PRO CG   C  N N 354 
PRO CD   C  N N 355 
PRO OXT  O  N N 356 
PRO H    H  N N 357 
PRO HA   H  N N 358 
PRO HB2  H  N N 359 
PRO HB3  H  N N 360 
PRO HG2  H  N N 361 
PRO HG3  H  N N 362 
PRO HD2  H  N N 363 
PRO HD3  H  N N 364 
PRO HXT  H  N N 365 
SER N    N  N N 366 
SER CA   C  N S 367 
SER C    C  N N 368 
SER O    O  N N 369 
SER CB   C  N N 370 
SER OG   O  N N 371 
SER OXT  O  N N 372 
SER H    H  N N 373 
SER H2   H  N N 374 
SER HA   H  N N 375 
SER HB2  H  N N 376 
SER HB3  H  N N 377 
SER HG   H  N N 378 
SER HXT  H  N N 379 
SO4 S    S  N N 380 
SO4 O1   O  N N 381 
SO4 O2   O  N N 382 
SO4 O3   O  N N 383 
SO4 O4   O  N N 384 
THR N    N  N N 385 
THR CA   C  N S 386 
THR C    C  N N 387 
THR O    O  N N 388 
THR CB   C  N R 389 
THR OG1  O  N N 390 
THR CG2  C  N N 391 
THR OXT  O  N N 392 
THR H    H  N N 393 
THR H2   H  N N 394 
THR HA   H  N N 395 
THR HB   H  N N 396 
THR HG1  H  N N 397 
THR HG21 H  N N 398 
THR HG22 H  N N 399 
THR HG23 H  N N 400 
THR HXT  H  N N 401 
TYR N    N  N N 402 
TYR CA   C  N S 403 
TYR C    C  N N 404 
TYR O    O  N N 405 
TYR CB   C  N N 406 
TYR CG   C  Y N 407 
TYR CD1  C  Y N 408 
TYR CD2  C  Y N 409 
TYR CE1  C  Y N 410 
TYR CE2  C  Y N 411 
TYR CZ   C  Y N 412 
TYR OH   O  N N 413 
TYR OXT  O  N N 414 
TYR H    H  N N 415 
TYR H2   H  N N 416 
TYR HA   H  N N 417 
TYR HB2  H  N N 418 
TYR HB3  H  N N 419 
TYR HD1  H  N N 420 
TYR HD2  H  N N 421 
TYR HE1  H  N N 422 
TYR HE2  H  N N 423 
TYR HH   H  N N 424 
TYR HXT  H  N N 425 
VAL N    N  N N 426 
VAL CA   C  N S 427 
VAL C    C  N N 428 
VAL O    O  N N 429 
VAL CB   C  N N 430 
VAL CG1  C  N N 431 
VAL CG2  C  N N 432 
VAL OXT  O  N N 433 
VAL H    H  N N 434 
VAL H2   H  N N 435 
VAL HA   H  N N 436 
VAL HB   H  N N 437 
VAL HG11 H  N N 438 
VAL HG12 H  N N 439 
VAL HG13 H  N N 440 
VAL HG21 H  N N 441 
VAL HG22 H  N N 442 
VAL HG23 H  N N 443 
VAL HXT  H  N N 444 
# 
loop_
_chem_comp_bond.comp_id 
_chem_comp_bond.atom_id_1 
_chem_comp_bond.atom_id_2 
_chem_comp_bond.value_order 
_chem_comp_bond.pdbx_aromatic_flag 
_chem_comp_bond.pdbx_stereo_config 
_chem_comp_bond.pdbx_ordinal 
ALA N   CA   sing N N 1   
ALA N   H    sing N N 2   
ALA N   H2   sing N N 3   
ALA CA  C    sing N N 4   
ALA CA  CB   sing N N 5   
ALA CA  HA   sing N N 6   
ALA C   O    doub N N 7   
ALA C   OXT  sing N N 8   
ALA CB  HB1  sing N N 9   
ALA CB  HB2  sing N N 10  
ALA CB  HB3  sing N N 11  
ALA OXT HXT  sing N N 12  
ARG N   CA   sing N N 13  
ARG N   H    sing N N 14  
ARG N   H2   sing N N 15  
ARG CA  C    sing N N 16  
ARG CA  CB   sing N N 17  
ARG CA  HA   sing N N 18  
ARG C   O    doub N N 19  
ARG C   OXT  sing N N 20  
ARG CB  CG   sing N N 21  
ARG CB  HB2  sing N N 22  
ARG CB  HB3  sing N N 23  
ARG CG  CD   sing N N 24  
ARG CG  HG2  sing N N 25  
ARG CG  HG3  sing N N 26  
ARG CD  NE   sing N N 27  
ARG CD  HD2  sing N N 28  
ARG CD  HD3  sing N N 29  
ARG NE  CZ   sing N N 30  
ARG NE  HE   sing N N 31  
ARG CZ  NH1  sing N N 32  
ARG CZ  NH2  doub N N 33  
ARG NH1 HH11 sing N N 34  
ARG NH1 HH12 sing N N 35  
ARG NH2 HH21 sing N N 36  
ARG NH2 HH22 sing N N 37  
ARG OXT HXT  sing N N 38  
ASN N   CA   sing N N 39  
ASN N   H    sing N N 40  
ASN N   H2   sing N N 41  
ASN CA  C    sing N N 42  
ASN CA  CB   sing N N 43  
ASN CA  HA   sing N N 44  
ASN C   O    doub N N 45  
ASN C   OXT  sing N N 46  
ASN CB  CG   sing N N 47  
ASN CB  HB2  sing N N 48  
ASN CB  HB3  sing N N 49  
ASN CG  OD1  doub N N 50  
ASN CG  ND2  sing N N 51  
ASN ND2 HD21 sing N N 52  
ASN ND2 HD22 sing N N 53  
ASN OXT HXT  sing N N 54  
ASP N   CA   sing N N 55  
ASP N   H    sing N N 56  
ASP N   H2   sing N N 57  
ASP CA  C    sing N N 58  
ASP CA  CB   sing N N 59  
ASP CA  HA   sing N N 60  
ASP C   O    doub N N 61  
ASP C   OXT  sing N N 62  
ASP CB  CG   sing N N 63  
ASP CB  HB2  sing N N 64  
ASP CB  HB3  sing N N 65  
ASP CG  OD1  doub N N 66  
ASP CG  OD2  sing N N 67  
ASP OD2 HD2  sing N N 68  
ASP OXT HXT  sing N N 69  
CYS N   CA   sing N N 70  
CYS N   H    sing N N 71  
CYS N   H2   sing N N 72  
CYS CA  C    sing N N 73  
CYS CA  CB   sing N N 74  
CYS CA  HA   sing N N 75  
CYS C   O    doub N N 76  
CYS C   OXT  sing N N 77  
CYS CB  SG   sing N N 78  
CYS CB  HB2  sing N N 79  
CYS CB  HB3  sing N N 80  
CYS SG  HG   sing N N 81  
CYS OXT HXT  sing N N 82  
GLN N   CA   sing N N 83  
GLN N   H    sing N N 84  
GLN N   H2   sing N N 85  
GLN CA  C    sing N N 86  
GLN CA  CB   sing N N 87  
GLN CA  HA   sing N N 88  
GLN C   O    doub N N 89  
GLN C   OXT  sing N N 90  
GLN CB  CG   sing N N 91  
GLN CB  HB2  sing N N 92  
GLN CB  HB3  sing N N 93  
GLN CG  CD   sing N N 94  
GLN CG  HG2  sing N N 95  
GLN CG  HG3  sing N N 96  
GLN CD  OE1  doub N N 97  
GLN CD  NE2  sing N N 98  
GLN NE2 HE21 sing N N 99  
GLN NE2 HE22 sing N N 100 
GLN OXT HXT  sing N N 101 
GLU N   CA   sing N N 102 
GLU N   H    sing N N 103 
GLU N   H2   sing N N 104 
GLU CA  C    sing N N 105 
GLU CA  CB   sing N N 106 
GLU CA  HA   sing N N 107 
GLU C   O    doub N N 108 
GLU C   OXT  sing N N 109 
GLU CB  CG   sing N N 110 
GLU CB  HB2  sing N N 111 
GLU CB  HB3  sing N N 112 
GLU CG  CD   sing N N 113 
GLU CG  HG2  sing N N 114 
GLU CG  HG3  sing N N 115 
GLU CD  OE1  doub N N 116 
GLU CD  OE2  sing N N 117 
GLU OE2 HE2  sing N N 118 
GLU OXT HXT  sing N N 119 
GLY N   CA   sing N N 120 
GLY N   H    sing N N 121 
GLY N   H2   sing N N 122 
GLY CA  C    sing N N 123 
GLY CA  HA2  sing N N 124 
GLY CA  HA3  sing N N 125 
GLY C   O    doub N N 126 
GLY C   OXT  sing N N 127 
GLY OXT HXT  sing N N 128 
HEM CHA C1A  sing N N 129 
HEM CHA C4D  doub N N 130 
HEM CHA HHA  sing N N 131 
HEM CHB C4A  sing N N 132 
HEM CHB C1B  doub N N 133 
HEM CHB HHB  sing N N 134 
HEM CHC C4B  sing N N 135 
HEM CHC C1C  doub N N 136 
HEM CHC HHC  sing N N 137 
HEM CHD C4C  doub N N 138 
HEM CHD C1D  sing N N 139 
HEM CHD HHD  sing N N 140 
HEM C1A C2A  doub Y N 141 
HEM C1A NA   sing Y N 142 
HEM C2A C3A  sing Y N 143 
HEM C2A CAA  sing N N 144 
HEM C3A C4A  doub Y N 145 
HEM C3A CMA  sing N N 146 
HEM C4A NA   sing Y N 147 
HEM CMA HMA  sing N N 148 
HEM CMA HMAA sing N N 149 
HEM CMA HMAB sing N N 150 
HEM CAA CBA  sing N N 151 
HEM CAA HAA  sing N N 152 
HEM CAA HAAA sing N N 153 
HEM CBA CGA  sing N N 154 
HEM CBA HBA  sing N N 155 
HEM CBA HBAA sing N N 156 
HEM CGA O1A  doub N N 157 
HEM CGA O2A  sing N N 158 
HEM C1B C2B  sing N N 159 
HEM C1B NB   sing N N 160 
HEM C2B C3B  doub N N 161 
HEM C2B CMB  sing N N 162 
HEM C3B C4B  sing N N 163 
HEM C3B CAB  sing N N 164 
HEM C4B NB   doub N N 165 
HEM CMB HMB  sing N N 166 
HEM CMB HMBA sing N N 167 
HEM CMB HMBB sing N N 168 
HEM CAB CBB  doub N N 169 
HEM CAB HAB  sing N N 170 
HEM CBB HBB  sing N N 171 
HEM CBB HBBA sing N N 172 
HEM C1C C2C  sing Y N 173 
HEM C1C NC   sing Y N 174 
HEM C2C C3C  doub Y N 175 
HEM C2C CMC  sing N N 176 
HEM C3C C4C  sing Y N 177 
HEM C3C CAC  sing N N 178 
HEM C4C NC   sing Y N 179 
HEM CMC HMC  sing N N 180 
HEM CMC HMCA sing N N 181 
HEM CMC HMCB sing N N 182 
HEM CAC CBC  doub N N 183 
HEM CAC HAC  sing N N 184 
HEM CBC HBC  sing N N 185 
HEM CBC HBCA sing N N 186 
HEM C1D C2D  sing N N 187 
HEM C1D ND   doub N N 188 
HEM C2D C3D  doub N N 189 
HEM C2D CMD  sing N N 190 
HEM C3D C4D  sing N N 191 
HEM C3D CAD  sing N N 192 
HEM C4D ND   sing N N 193 
HEM CMD HMD  sing N N 194 
HEM CMD HMDA sing N N 195 
HEM CMD HMDB sing N N 196 
HEM CAD CBD  sing N N 197 
HEM CAD HAD  sing N N 198 
HEM CAD HADA sing N N 199 
HEM CBD CGD  sing N N 200 
HEM CBD HBD  sing N N 201 
HEM CBD HBDA sing N N 202 
HEM CGD O1D  doub N N 203 
HEM CGD O2D  sing N N 204 
HEM O2A H2A  sing N N 205 
HEM O2D H2D  sing N N 206 
HEM FE  NA   sing N N 207 
HEM FE  NB   sing N N 208 
HEM FE  NC   sing N N 209 
HEM FE  ND   sing N N 210 
HIS N   CA   sing N N 211 
HIS N   H    sing N N 212 
HIS N   H2   sing N N 213 
HIS CA  C    sing N N 214 
HIS CA  CB   sing N N 215 
HIS CA  HA   sing N N 216 
HIS C   O    doub N N 217 
HIS C   OXT  sing N N 218 
HIS CB  CG   sing N N 219 
HIS CB  HB2  sing N N 220 
HIS CB  HB3  sing N N 221 
HIS CG  ND1  sing Y N 222 
HIS CG  CD2  doub Y N 223 
HIS ND1 CE1  doub Y N 224 
HIS ND1 HD1  sing N N 225 
HIS CD2 NE2  sing Y N 226 
HIS CD2 HD2  sing N N 227 
HIS CE1 NE2  sing Y N 228 
HIS CE1 HE1  sing N N 229 
HIS NE2 HE2  sing N N 230 
HIS OXT HXT  sing N N 231 
HOH O   H1   sing N N 232 
HOH O   H2   sing N N 233 
ILE N   CA   sing N N 234 
ILE N   H    sing N N 235 
ILE N   H2   sing N N 236 
ILE CA  C    sing N N 237 
ILE CA  CB   sing N N 238 
ILE CA  HA   sing N N 239 
ILE C   O    doub N N 240 
ILE C   OXT  sing N N 241 
ILE CB  CG1  sing N N 242 
ILE CB  CG2  sing N N 243 
ILE CB  HB   sing N N 244 
ILE CG1 CD1  sing N N 245 
ILE CG1 HG12 sing N N 246 
ILE CG1 HG13 sing N N 247 
ILE CG2 HG21 sing N N 248 
ILE CG2 HG22 sing N N 249 
ILE CG2 HG23 sing N N 250 
ILE CD1 HD11 sing N N 251 
ILE CD1 HD12 sing N N 252 
ILE CD1 HD13 sing N N 253 
ILE OXT HXT  sing N N 254 
LEU N   CA   sing N N 255 
LEU N   H    sing N N 256 
LEU N   H2   sing N N 257 
LEU CA  C    sing N N 258 
LEU CA  CB   sing N N 259 
LEU CA  HA   sing N N 260 
LEU C   O    doub N N 261 
LEU C   OXT  sing N N 262 
LEU CB  CG   sing N N 263 
LEU CB  HB2  sing N N 264 
LEU CB  HB3  sing N N 265 
LEU CG  CD1  sing N N 266 
LEU CG  CD2  sing N N 267 
LEU CG  HG   sing N N 268 
LEU CD1 HD11 sing N N 269 
LEU CD1 HD12 sing N N 270 
LEU CD1 HD13 sing N N 271 
LEU CD2 HD21 sing N N 272 
LEU CD2 HD22 sing N N 273 
LEU CD2 HD23 sing N N 274 
LEU OXT HXT  sing N N 275 
LYS N   CA   sing N N 276 
LYS N   H    sing N N 277 
LYS N   H2   sing N N 278 
LYS CA  C    sing N N 279 
LYS CA  CB   sing N N 280 
LYS CA  HA   sing N N 281 
LYS C   O    doub N N 282 
LYS C   OXT  sing N N 283 
LYS CB  CG   sing N N 284 
LYS CB  HB2  sing N N 285 
LYS CB  HB3  sing N N 286 
LYS CG  CD   sing N N 287 
LYS CG  HG2  sing N N 288 
LYS CG  HG3  sing N N 289 
LYS CD  CE   sing N N 290 
LYS CD  HD2  sing N N 291 
LYS CD  HD3  sing N N 292 
LYS CE  NZ   sing N N 293 
LYS CE  HE2  sing N N 294 
LYS CE  HE3  sing N N 295 
LYS NZ  HZ1  sing N N 296 
LYS NZ  HZ2  sing N N 297 
LYS NZ  HZ3  sing N N 298 
LYS OXT HXT  sing N N 299 
MET N   CA   sing N N 300 
MET N   H    sing N N 301 
MET N   H2   sing N N 302 
MET CA  C    sing N N 303 
MET CA  CB   sing N N 304 
MET CA  HA   sing N N 305 
MET C   O    doub N N 306 
MET C   OXT  sing N N 307 
MET CB  CG   sing N N 308 
MET CB  HB2  sing N N 309 
MET CB  HB3  sing N N 310 
MET CG  SD   sing N N 311 
MET CG  HG2  sing N N 312 
MET CG  HG3  sing N N 313 
MET SD  CE   sing N N 314 
MET CE  HE1  sing N N 315 
MET CE  HE2  sing N N 316 
MET CE  HE3  sing N N 317 
MET OXT HXT  sing N N 318 
PHE N   CA   sing N N 319 
PHE N   H    sing N N 320 
PHE N   H2   sing N N 321 
PHE CA  C    sing N N 322 
PHE CA  CB   sing N N 323 
PHE CA  HA   sing N N 324 
PHE C   O    doub N N 325 
PHE C   OXT  sing N N 326 
PHE CB  CG   sing N N 327 
PHE CB  HB2  sing N N 328 
PHE CB  HB3  sing N N 329 
PHE CG  CD1  doub Y N 330 
PHE CG  CD2  sing Y N 331 
PHE CD1 CE1  sing Y N 332 
PHE CD1 HD1  sing N N 333 
PHE CD2 CE2  doub Y N 334 
PHE CD2 HD2  sing N N 335 
PHE CE1 CZ   doub Y N 336 
PHE CE1 HE1  sing N N 337 
PHE CE2 CZ   sing Y N 338 
PHE CE2 HE2  sing N N 339 
PHE CZ  HZ   sing N N 340 
PHE OXT HXT  sing N N 341 
PRO N   CA   sing N N 342 
PRO N   CD   sing N N 343 
PRO N   H    sing N N 344 
PRO CA  C    sing N N 345 
PRO CA  CB   sing N N 346 
PRO CA  HA   sing N N 347 
PRO C   O    doub N N 348 
PRO C   OXT  sing N N 349 
PRO CB  CG   sing N N 350 
PRO CB  HB2  sing N N 351 
PRO CB  HB3  sing N N 352 
PRO CG  CD   sing N N 353 
PRO CG  HG2  sing N N 354 
PRO CG  HG3  sing N N 355 
PRO CD  HD2  sing N N 356 
PRO CD  HD3  sing N N 357 
PRO OXT HXT  sing N N 358 
SER N   CA   sing N N 359 
SER N   H    sing N N 360 
SER N   H2   sing N N 361 
SER CA  C    sing N N 362 
SER CA  CB   sing N N 363 
SER CA  HA   sing N N 364 
SER C   O    doub N N 365 
SER C   OXT  sing N N 366 
SER CB  OG   sing N N 367 
SER CB  HB2  sing N N 368 
SER CB  HB3  sing N N 369 
SER OG  HG   sing N N 370 
SER OXT HXT  sing N N 371 
SO4 S   O1   doub N N 372 
SO4 S   O2   doub N N 373 
SO4 S   O3   sing N N 374 
SO4 S   O4   sing N N 375 
THR N   CA   sing N N 376 
THR N   H    sing N N 377 
THR N   H2   sing N N 378 
THR CA  C    sing N N 379 
THR CA  CB   sing N N 380 
THR CA  HA   sing N N 381 
THR C   O    doub N N 382 
THR C   OXT  sing N N 383 
THR CB  OG1  sing N N 384 
THR CB  CG2  sing N N 385 
THR CB  HB   sing N N 386 
THR OG1 HG1  sing N N 387 
THR CG2 HG21 sing N N 388 
THR CG2 HG22 sing N N 389 
THR CG2 HG23 sing N N 390 
THR OXT HXT  sing N N 391 
TYR N   CA   sing N N 392 
TYR N   H    sing N N 393 
TYR N   H2   sing N N 394 
TYR CA  C    sing N N 395 
TYR CA  CB   sing N N 396 
TYR CA  HA   sing N N 397 
TYR C   O    doub N N 398 
TYR C   OXT  sing N N 399 
TYR CB  CG   sing N N 400 
TYR CB  HB2  sing N N 401 
TYR CB  HB3  sing N N 402 
TYR CG  CD1  doub Y N 403 
TYR CG  CD2  sing Y N 404 
TYR CD1 CE1  sing Y N 405 
TYR CD1 HD1  sing N N 406 
TYR CD2 CE2  doub Y N 407 
TYR CD2 HD2  sing N N 408 
TYR CE1 CZ   doub Y N 409 
TYR CE1 HE1  sing N N 410 
TYR CE2 CZ   sing Y N 411 
TYR CE2 HE2  sing N N 412 
TYR CZ  OH   sing N N 413 
TYR OH  HH   sing N N 414 
TYR OXT HXT  sing N N 415 
VAL N   CA   sing N N 416 
VAL N   H    sing N N 417 
VAL N   H2   sing N N 418 
VAL CA  C    sing N N 419 
VAL CA  CB   sing N N 420 
VAL CA  HA   sing N N 421 
VAL C   O    doub N N 422 
VAL C   OXT  sing N N 423 
VAL CB  CG1  sing N N 424 
VAL CB  CG2  sing N N 425 
VAL CB  HB   sing N N 426 
VAL CG1 HG11 sing N N 427 
VAL CG1 HG12 sing N N 428 
VAL CG1 HG13 sing N N 429 
VAL CG2 HG21 sing N N 430 
VAL CG2 HG22 sing N N 431 
VAL CG2 HG23 sing N N 432 
VAL OXT HXT  sing N N 433 
# 
_atom_sites.entry_id                    2CZS 
_atom_sites.fract_transf_matrix[1][1]   0.00991163 
_atom_sites.fract_transf_matrix[1][2]   0.02312571 
_atom_sites.fract_transf_matrix[1][3]   -0.00740994 
_atom_sites.fract_transf_matrix[2][1]   -0.00523410 
_atom_sites.fract_transf_matrix[2][2]   -0.00316727 
_atom_sites.fract_transf_matrix[2][3]   -0.01688592 
_atom_sites.fract_transf_matrix[3][1]   -0.01945337 
_atom_sites.fract_transf_matrix[3][2]   0.01738154 
_atom_sites.fract_transf_matrix[3][3]   0.00276970 
_atom_sites.fract_transf_vector[1]      0.335152 
_atom_sites.fract_transf_vector[2]      0.004016 
_atom_sites.fract_transf_vector[3]      0.164903 
# 
loop_
_atom_type.symbol 
C  
FE 
N  
NA 
O  
S  
# 
loop_
_atom_site.group_PDB 
_atom_site.id 
_atom_site.type_symbol 
_atom_site.label_atom_id 
_atom_site.label_alt_id 
_atom_site.label_comp_id 
_atom_site.label_asym_id 
_atom_site.label_entity_id 
_atom_site.label_seq_id 
_atom_site.pdbx_PDB_ins_code 
_atom_site.Cartn_x 
_atom_site.Cartn_y 
_atom_site.Cartn_z 
_atom_site.occupancy 
_atom_site.B_iso_or_equiv 
_atom_site.pdbx_formal_charge 
_atom_site.auth_seq_id 
_atom_site.auth_comp_id 
_atom_site.auth_asym_id 
_atom_site.auth_atom_id 
_atom_site.pdbx_PDB_model_num 
ATOM   1    N  N   . VAL A 1 6  ? -14.739 -16.472 1.054   1.00 41.35 ? 28  VAL A N   1 
ATOM   2    C  CA  . VAL A 1 6  ? -15.152 -15.042 1.185   1.00 41.09 ? 28  VAL A CA  1 
ATOM   3    C  C   . VAL A 1 6  ? -14.841 -14.239 -0.089  1.00 40.51 ? 28  VAL A C   1 
ATOM   4    O  O   . VAL A 1 6  ? -14.250 -14.763 -1.054  1.00 40.75 ? 28  VAL A O   1 
ATOM   5    C  CB  . VAL A 1 6  ? -14.479 -14.340 2.400   1.00 41.23 ? 28  VAL A CB  1 
ATOM   6    C  CG1 . VAL A 1 6  ? -15.468 -13.373 3.066   1.00 42.09 ? 28  VAL A CG1 1 
ATOM   7    C  CG2 . VAL A 1 6  ? -13.942 -15.365 3.415   1.00 41.97 ? 28  VAL A CG2 1 
ATOM   8    N  N   . ARG A 1 7  ? -15.225 -12.966 -0.075  1.00 39.48 ? 29  ARG A N   1 
ATOM   9    C  CA  . ARG A 1 7  ? -15.073 -12.089 -1.236  1.00 38.04 ? 29  ARG A CA  1 
ATOM   10   C  C   . ARG A 1 7  ? -13.639 -11.584 -1.340  1.00 36.35 ? 29  ARG A C   1 
ATOM   11   O  O   . ARG A 1 7  ? -13.028 -11.219 -0.336  1.00 36.77 ? 29  ARG A O   1 
ATOM   12   C  CB  . ARG A 1 7  ? -16.050 -10.917 -1.140  1.00 38.45 ? 29  ARG A CB  1 
ATOM   13   C  CG  . ARG A 1 7  ? -17.527 -11.314 -1.191  1.00 40.68 ? 29  ARG A CG  1 
ATOM   14   C  CD  . ARG A 1 7  ? -18.394 -10.262 -0.485  1.00 43.94 ? 29  ARG A CD  1 
ATOM   15   N  NE  . ARG A 1 7  ? -19.807 -10.650 -0.402  1.00 47.72 ? 29  ARG A NE  1 
ATOM   16   C  CZ  . ARG A 1 7  ? -20.735 -10.317 -1.299  1.00 49.46 ? 29  ARG A CZ  1 
ATOM   17   N  NH1 . ARG A 1 7  ? -20.414 -9.588  -2.364  1.00 50.02 ? 29  ARG A NH1 1 
ATOM   18   N  NH2 . ARG A 1 7  ? -21.993 -10.719 -1.135  1.00 49.84 ? 29  ARG A NH2 1 
ATOM   19   N  N   . THR A 1 8  ? -13.095 -11.581 -2.552  1.00 33.95 ? 30  THR A N   1 
ATOM   20   C  CA  . THR A 1 8  ? -11.750 -11.037 -2.759  1.00 31.78 ? 30  THR A CA  1 
ATOM   21   C  C   . THR A 1 8  ? -11.857 -9.548  -3.120  1.00 30.19 ? 30  THR A C   1 
ATOM   22   O  O   . THR A 1 8  ? -12.824 -9.105  -3.753  1.00 30.01 ? 30  THR A O   1 
ATOM   23   C  CB  . THR A 1 8  ? -10.837 -11.917 -3.705  1.00 31.88 ? 30  THR A CB  1 
ATOM   24   O  OG1 . THR A 1 8  ? -10.262 -11.154 -4.777  1.00 32.39 ? 30  THR A OG1 1 
ATOM   25   C  CG2 . THR A 1 8  ? -11.559 -13.134 -4.184  1.00 30.30 ? 30  THR A CG2 1 
ATOM   26   N  N   . LYS A 1 9  ? -10.883 -8.784  -2.653  1.00 28.01 ? 31  LYS A N   1 
ATOM   27   C  CA  . LYS A 1 9  ? -11.005 -7.344  -2.672  1.00 26.57 ? 31  LYS A CA  1 
ATOM   28   C  C   . LYS A 1 9  ? -10.964 -6.722  -4.068  1.00 26.61 ? 31  LYS A C   1 
ATOM   29   O  O   . LYS A 1 9  ? -10.223 -7.170  -4.980  1.00 25.65 ? 31  LYS A O   1 
ATOM   30   C  CB  . LYS A 1 9  ? -9.994  -6.717  -1.732  1.00 27.40 ? 31  LYS A CB  1 
ATOM   31   C  CG  . LYS A 1 9  ? -10.255 -7.068  -0.273  1.00 28.92 ? 31  LYS A CG  1 
ATOM   32   C  CD  . LYS A 1 9  ? -9.123  -6.609  0.611   1.00 33.19 ? 31  LYS A CD  1 
ATOM   33   C  CE  . LYS A 1 9  ? -9.599  -6.260  2.007   1.00 34.55 ? 31  LYS A CE  1 
ATOM   34   N  NZ  . LYS A 1 9  ? -8.580  -5.399  2.673   1.00 36.16 ? 31  LYS A NZ  1 
ATOM   35   N  N   . LYS A 1 10 ? -11.813 -5.711  -4.244  1.00 25.83 ? 32  LYS A N   1 
ATOM   36   C  CA  . LYS A 1 10 ? -11.899 -5.003  -5.509  1.00 25.39 ? 32  LYS A CA  1 
ATOM   37   C  C   . LYS A 1 10 ? -10.806 -3.960  -5.588  1.00 23.74 ? 32  LYS A C   1 
ATOM   38   O  O   . LYS A 1 10 ? -10.173 -3.623  -4.590  1.00 23.88 ? 32  LYS A O   1 
ATOM   39   C  CB  . LYS A 1 10 ? -13.278 -4.362  -5.666  1.00 26.70 ? 32  LYS A CB  1 
ATOM   40   C  CG  . LYS A 1 10 ? -14.341 -5.375  -6.057  1.00 29.51 ? 32  LYS A CG  1 
ATOM   41   C  CD  . LYS A 1 10 ? -15.735 -4.825  -5.919  1.00 33.35 ? 32  LYS A CD  1 
ATOM   42   C  CE  . LYS A 1 10 ? -16.731 -5.798  -6.519  1.00 35.76 ? 32  LYS A CE  1 
ATOM   43   N  NZ  . LYS A 1 10 ? -16.837 -7.049  -5.712  1.00 36.08 ? 32  LYS A NZ  1 
ATOM   44   N  N   . VAL A 1 11 ? -10.556 -3.471  -6.805  1.00 23.08 ? 33  VAL A N   1 
ATOM   45   C  CA  . VAL A 1 11 ? -9.576  -2.421  -6.993  1.00 22.20 ? 33  VAL A CA  1 
ATOM   46   C  C   . VAL A 1 11 ? -10.060 -1.125  -6.337  1.00 23.58 ? 33  VAL A C   1 
ATOM   47   O  O   . VAL A 1 11 ? -11.142 -0.668  -6.653  1.00 24.23 ? 33  VAL A O   1 
ATOM   48   C  CB  . VAL A 1 11 ? -9.300  -2.189  -8.526  1.00 21.80 ? 33  VAL A CB  1 
ATOM   49   C  CG1 . VAL A 1 11 ? -8.264  -1.091  -8.739  1.00 21.74 ? 33  VAL A CG1 1 
ATOM   50   C  CG2 . VAL A 1 11 ? -8.848  -3.477  -9.207  1.00 20.67 ? 33  VAL A CG2 1 
ATOM   51   N  N   . PRO A 1 12 ? -9.270  -0.544  -5.411  1.00 24.38 ? 34  PRO A N   1 
ATOM   52   C  CA  . PRO A 1 12 ? -9.708  0.728   -4.801  1.00 24.79 ? 34  PRO A CA  1 
ATOM   53   C  C   . PRO A 1 12 ? -10.009 1.825   -5.820  1.00 24.77 ? 34  PRO A C   1 
ATOM   54   O  O   . PRO A 1 12 ? -9.257  1.987   -6.780  1.00 23.32 ? 34  PRO A O   1 
ATOM   55   C  CB  . PRO A 1 12 ? -8.508  1.130   -3.933  1.00 25.19 ? 34  PRO A CB  1 
ATOM   56   C  CG  . PRO A 1 12 ? -7.886  -0.128  -3.596  1.00 25.54 ? 34  PRO A CG  1 
ATOM   57   C  CD  . PRO A 1 12 ? -7.997  -0.992  -4.826  1.00 24.80 ? 34  PRO A CD  1 
ATOM   58   N  N   . LEU A 1 13 ? -11.110 2.561   -5.633  1.00 25.20 ? 35  LEU A N   1 
ATOM   59   C  CA  . LEU A 1 13 ? -11.335 3.748   -6.444  1.00 25.34 ? 35  LEU A CA  1 
ATOM   60   C  C   . LEU A 1 13 ? -10.737 4.915   -5.720  1.00 25.37 ? 35  LEU A C   1 
ATOM   61   O  O   . LEU A 1 13 ? -11.392 5.580   -4.882  1.00 25.62 ? 35  LEU A O   1 
ATOM   62   C  CB  . LEU A 1 13 ? -12.806 4.011   -6.775  1.00 25.25 ? 35  LEU A CB  1 
ATOM   63   C  CG  . LEU A 1 13 ? -13.033 5.254   -7.665  1.00 25.47 ? 35  LEU A CG  1 
ATOM   64   C  CD1 . LEU A 1 13 ? -12.257 5.199   -9.020  1.00 23.94 ? 35  LEU A CD1 1 
ATOM   65   C  CD2 . LEU A 1 13 ? -14.545 5.599   -7.871  1.00 27.70 ? 35  LEU A CD2 1 
ATOM   66   N  N   . ASP A 1 14 ? -9.467  5.141   -6.022  1.00 25.15 ? 36  ASP A N   1 
ATOM   67   C  CA  . ASP A 1 14 ? -8.696  6.187   -5.344  1.00 25.77 ? 36  ASP A CA  1 
ATOM   68   C  C   . ASP A 1 14 ? -7.665  6.735   -6.296  1.00 25.74 ? 36  ASP A C   1 
ATOM   69   O  O   . ASP A 1 14 ? -7.625  6.314   -7.443  1.00 25.63 ? 36  ASP A O   1 
ATOM   70   C  CB  . ASP A 1 14 ? -8.072  5.667   -4.038  1.00 26.19 ? 36  ASP A CB  1 
ATOM   71   C  CG  . ASP A 1 14 ? -7.080  4.529   -4.243  1.00 28.32 ? 36  ASP A CG  1 
ATOM   72   O  OD1 . ASP A 1 14 ? -6.702  3.927   -3.218  1.00 31.32 ? 36  ASP A OD1 1 
ATOM   73   O  OD2 . ASP A 1 14 ? -6.662  4.269   -5.386  1.00 26.43 ? 36  ASP A OD2 1 
ATOM   74   N  N   . THR A 1 15 ? -6.865  7.712   -5.863  1.00 26.73 ? 37  THR A N   1 
ATOM   75   C  CA  . THR A 1 15 ? -5.901  8.338   -6.769  1.00 28.14 ? 37  THR A CA  1 
ATOM   76   C  C   . THR A 1 15 ? -4.896  7.329   -7.365  1.00 27.54 ? 37  THR A C   1 
ATOM   77   O  O   . THR A 1 15 ? -4.495  7.457   -8.514  1.00 28.32 ? 37  THR A O   1 
ATOM   78   C  CB  . THR A 1 15 ? -5.142  9.534   -6.115  1.00 28.67 ? 37  THR A CB  1 
ATOM   79   O  OG1 . THR A 1 15 ? -6.054  10.296  -5.323  1.00 32.66 ? 37  THR A OG1 1 
ATOM   80   C  CG2 . THR A 1 15 ? -4.544  10.457  -7.190  1.00 31.09 ? 37  THR A CG2 1 
ATOM   81   N  N   . ASN A 1 16 ? -4.519  6.322   -6.581  1.00 27.91 ? 38  ASN A N   1 
ATOM   82   C  CA  . ASN A 1 16 ? -3.602  5.297   -7.050  1.00 27.13 ? 38  ASN A CA  1 
ATOM   83   C  C   . ASN A 1 16 ? -4.106  4.385   -8.152  1.00 26.57 ? 38  ASN A C   1 
ATOM   84   O  O   . ASN A 1 16 ? -3.297  3.765   -8.840  1.00 26.67 ? 38  ASN A O   1 
ATOM   85   C  CB  . ASN A 1 16 ? -3.094  4.454   -5.886  1.00 27.49 ? 38  ASN A CB  1 
ATOM   86   C  CG  . ASN A 1 16 ? -1.947  5.107   -5.172  1.00 29.86 ? 38  ASN A CG  1 
ATOM   87   O  OD1 . ASN A 1 16 ? -1.263  5.968   -5.733  1.00 33.51 ? 38  ASN A OD1 1 
ATOM   88   N  ND2 . ASN A 1 16 ? -1.733  4.712   -3.938  1.00 30.95 ? 38  ASN A ND2 1 
ATOM   89   N  N   . HIS A 1 17 ? -5.424  4.296   -8.321  1.00 24.02 ? 39  HIS A N   1 
ATOM   90   C  CA  . HIS A 1 17 ? -5.979  3.350   -9.296  1.00 23.98 ? 39  HIS A CA  1 
ATOM   91   C  C   . HIS A 1 17 ? -6.902  3.979   -10.301 1.00 23.74 ? 39  HIS A C   1 
ATOM   92   O  O   . HIS A 1 17 ? -7.393  3.284   -11.208 1.00 22.38 ? 39  HIS A O   1 
ATOM   93   C  CB  . HIS A 1 17 ? -6.707  2.264   -8.540  1.00 22.82 ? 39  HIS A CB  1 
ATOM   94   C  CG  . HIS A 1 17 ? -5.826  1.518   -7.600  1.00 20.35 ? 39  HIS A CG  1 
ATOM   95   N  ND1 . HIS A 1 17 ? -5.627  1.901   -6.289  1.00 23.21 ? 39  HIS A ND1 1 
ATOM   96   C  CD2 . HIS A 1 17 ? -5.083  0.406   -7.788  1.00 17.86 ? 39  HIS A CD2 1 
ATOM   97   C  CE1 . HIS A 1 17 ? -4.816  1.039   -5.702  1.00 21.59 ? 39  HIS A CE1 1 
ATOM   98   N  NE2 . HIS A 1 17 ? -4.460  0.125   -6.591  1.00 18.08 ? 39  HIS A NE2 1 
ATOM   99   N  N   . LYS A 1 18 ? -7.165  5.272   -10.137 1.00 24.02 ? 40  LYS A N   1 
ATOM   100  C  CA  . LYS A 1 18 ? -8.066  5.959   -11.070 1.00 24.24 ? 40  LYS A CA  1 
ATOM   101  C  C   . LYS A 1 18 ? -7.700  5.761   -12.535 1.00 23.55 ? 40  LYS A C   1 
ATOM   102  O  O   . LYS A 1 18 ? -8.598  5.564   -13.366 1.00 21.47 ? 40  LYS A O   1 
ATOM   103  C  CB  . LYS A 1 18 ? -8.204  7.462   -10.731 1.00 24.92 ? 40  LYS A CB  1 
ATOM   104  C  CG  . LYS A 1 18 ? -9.084  8.254   -11.723 1.00 26.28 ? 40  LYS A CG  1 
ATOM   105  C  CD  . LYS A 1 18 ? -9.493  9.620   -11.176 1.00 29.78 ? 40  LYS A CD  1 
ATOM   106  C  CE  . LYS A 1 18 ? -8.402  10.633  -11.338 1.00 32.22 ? 40  LYS A CE  1 
ATOM   107  N  NZ  . LYS A 1 18 ? -8.730  11.850  -10.557 1.00 35.72 ? 40  LYS A NZ  1 
ATOM   108  N  N   . ARG A 1 19 ? -6.414  5.843   -12.877 1.00 22.70 ? 41  ARG A N   1 
ATOM   109  C  CA  . ARG A 1 19 ? -6.013  5.750   -14.286 1.00 23.72 ? 41  ARG A CA  1 
ATOM   110  C  C   . ARG A 1 19 ? -6.385  4.405   -14.884 1.00 22.89 ? 41  ARG A C   1 
ATOM   111  O  O   . ARG A 1 19 ? -6.675  4.327   -16.059 1.00 23.76 ? 41  ARG A O   1 
ATOM   112  C  CB  . ARG A 1 19 ? -4.537  6.072   -14.503 1.00 24.92 ? 41  ARG A CB  1 
ATOM   113  C  CG  . ARG A 1 19 ? -3.567  5.015   -14.023 1.00 27.63 ? 41  ARG A CG  1 
ATOM   114  C  CD  . ARG A 1 19 ? -2.130  5.506   -14.193 1.00 33.69 ? 41  ARG A CD  1 
ATOM   115  N  NE  . ARG A 1 19 ? -1.144  4.424   -14.243 1.00 38.62 ? 41  ARG A NE  1 
ATOM   116  C  CZ  . ARG A 1 19 ? -0.673  3.885   -15.368 1.00 39.25 ? 41  ARG A CZ  1 
ATOM   117  N  NH1 . ARG A 1 19 ? -1.106  4.311   -16.553 1.00 41.93 ? 41  ARG A NH1 1 
ATOM   118  N  NH2 . ARG A 1 19 ? 0.232   2.917   -15.311 1.00 40.46 ? 41  ARG A NH2 1 
ATOM   119  N  N   . PHE A 1 20 ? -6.411  3.356   -14.067 1.00 22.24 ? 42  PHE A N   1 
ATOM   120  C  CA  . PHE A 1 20 ? -6.834  2.047   -14.575 1.00 21.01 ? 42  PHE A CA  1 
ATOM   121  C  C   . PHE A 1 20 ? -8.350  1.963   -14.805 1.00 20.37 ? 42  PHE A C   1 
ATOM   122  O  O   . PHE A 1 20 ? -8.793  1.408   -15.787 1.00 21.13 ? 42  PHE A O   1 
ATOM   123  C  CB  . PHE A 1 20 ? -6.326  0.933   -13.678 1.00 20.59 ? 42  PHE A CB  1 
ATOM   124  C  CG  . PHE A 1 20 ? -4.876  1.053   -13.368 1.00 22.86 ? 42  PHE A CG  1 
ATOM   125  C  CD1 . PHE A 1 20 ? -4.453  1.423   -12.106 1.00 22.12 ? 42  PHE A CD1 1 
ATOM   126  C  CD2 . PHE A 1 20 ? -3.930  0.879   -14.370 1.00 22.86 ? 42  PHE A CD2 1 
ATOM   127  C  CE1 . PHE A 1 20 ? -3.101  1.548   -11.811 1.00 24.18 ? 42  PHE A CE1 1 
ATOM   128  C  CE2 . PHE A 1 20 ? -2.568  1.036   -14.102 1.00 22.96 ? 42  PHE A CE2 1 
ATOM   129  C  CZ  . PHE A 1 20 ? -2.169  1.351   -12.797 1.00 23.08 ? 42  PHE A CZ  1 
ATOM   130  N  N   . TYR A 1 21 ? -9.127  2.549   -13.898 1.00 19.68 ? 43  TYR A N   1 
ATOM   131  C  CA  . TYR A 1 21 ? -10.567 2.731   -14.116 1.00 19.11 ? 43  TYR A CA  1 
ATOM   132  C  C   . TYR A 1 21 ? -10.844 3.481   -15.422 1.00 19.99 ? 43  TYR A C   1 
ATOM   133  O  O   . TYR A 1 21 ? -11.686 3.057   -16.221 1.00 21.19 ? 43  TYR A O   1 
ATOM   134  C  CB  . TYR A 1 21 ? -11.189 3.503   -12.946 1.00 19.73 ? 43  TYR A CB  1 
ATOM   135  C  CG  . TYR A 1 21 ? -11.583 2.655   -11.757 1.00 19.03 ? 43  TYR A CG  1 
ATOM   136  C  CD1 . TYR A 1 21 ? -10.648 2.302   -10.769 1.00 19.03 ? 43  TYR A CD1 1 
ATOM   137  C  CD2 . TYR A 1 21 ? -12.887 2.190   -11.614 1.00 21.63 ? 43  TYR A CD2 1 
ATOM   138  C  CE1 . TYR A 1 21 ? -11.018 1.511   -9.673  1.00 20.85 ? 43  TYR A CE1 1 
ATOM   139  C  CE2 . TYR A 1 21 ? -13.263 1.414   -10.515 1.00 20.25 ? 43  TYR A CE2 1 
ATOM   140  C  CZ  . TYR A 1 21 ? -12.321 1.085   -9.551  1.00 18.95 ? 43  TYR A CZ  1 
ATOM   141  O  OH  . TYR A 1 21 ? -12.729 0.315   -8.503  1.00 24.20 ? 43  TYR A OH  1 
ATOM   142  N  N   . ASP A 1 22 ? -10.119 4.583   -15.628 1.00 20.77 ? 44  ASP A N   1 
ATOM   143  C  CA  . ASP A 1 22 ? -10.305 5.425   -16.817 1.00 20.61 ? 44  ASP A CA  1 
ATOM   144  C  C   . ASP A 1 22 ? -9.905  4.662   -18.085 1.00 20.94 ? 44  ASP A C   1 
ATOM   145  O  O   . ASP A 1 22 ? -10.666 4.646   -19.053 1.00 22.37 ? 44  ASP A O   1 
ATOM   146  C  CB  . ASP A 1 22 ? -9.511  6.746   -16.741 1.00 20.63 ? 44  ASP A CB  1 
ATOM   147  C  CG  . ASP A 1 22 ? -10.045 7.743   -15.693 1.00 21.58 ? 44  ASP A CG  1 
ATOM   148  O  OD1 . ASP A 1 22 ? -11.226 7.677   -15.317 1.00 22.40 ? 44  ASP A OD1 1 
ATOM   149  O  OD2 . ASP A 1 22 ? -9.263  8.599   -15.233 1.00 23.76 ? 44  ASP A OD2 1 
ATOM   150  N  N   . ALA A 1 23 ? -8.753  3.989   -18.055 1.00 21.42 ? 45  ALA A N   1 
ATOM   151  C  CA  . ALA A 1 23 ? -8.253  3.204   -19.195 1.00 22.50 ? 45  ALA A CA  1 
ATOM   152  C  C   . ALA A 1 23 ? -9.230  2.092   -19.548 1.00 23.01 ? 45  ALA A C   1 
ATOM   153  O  O   . ALA A 1 23 ? -9.573  1.895   -20.711 1.00 22.70 ? 45  ALA A O   1 
ATOM   154  C  CB  . ALA A 1 23 ? -6.884  2.606   -18.894 1.00 22.08 ? 45  ALA A CB  1 
ATOM   155  N  N   . PHE A 1 24 ? -9.694  1.376   -18.528 1.00 22.94 ? 46  PHE A N   1 
ATOM   156  C  CA  . PHE A 1 24 ? -10.700 0.333   -18.703 1.00 24.37 ? 46  PHE A CA  1 
ATOM   157  C  C   . PHE A 1 24 ? -11.975 0.858   -19.382 1.00 24.87 ? 46  PHE A C   1 
ATOM   158  O  O   . PHE A 1 24 ? -12.462 0.247   -20.351 1.00 24.52 ? 46  PHE A O   1 
ATOM   159  C  CB  . PHE A 1 24 ? -11.021 -0.334  -17.372 1.00 24.27 ? 46  PHE A CB  1 
ATOM   160  C  CG  . PHE A 1 24 ? -11.889 -1.557  -17.526 1.00 25.22 ? 46  PHE A CG  1 
ATOM   161  C  CD1 . PHE A 1 24 ? -11.457 -2.636  -18.312 1.00 27.51 ? 46  PHE A CD1 1 
ATOM   162  C  CD2 . PHE A 1 24 ? -13.143 -1.625  -16.911 1.00 27.80 ? 46  PHE A CD2 1 
ATOM   163  C  CE1 . PHE A 1 24 ? -12.258 -3.772  -18.478 1.00 29.86 ? 46  PHE A CE1 1 
ATOM   164  C  CE2 . PHE A 1 24 ? -13.943 -2.759  -17.070 1.00 29.73 ? 46  PHE A CE2 1 
ATOM   165  C  CZ  . PHE A 1 24 ? -13.496 -3.829  -17.856 1.00 28.76 ? 46  PHE A CZ  1 
ATOM   166  N  N   . ALA A 1 25 ? -12.448 2.012   -18.899 1.00 25.21 ? 47  ALA A N   1 
ATOM   167  C  CA  . ALA A 1 25 ? -13.637 2.694   -19.457 1.00 25.72 ? 47  ALA A CA  1 
ATOM   168  C  C   . ALA A 1 25 ? -13.433 3.084   -20.921 1.00 27.45 ? 47  ALA A C   1 
ATOM   169  O  O   . ALA A 1 25 ? -14.395 3.244   -21.671 1.00 27.32 ? 47  ALA A O   1 
ATOM   170  C  CB  . ALA A 1 25 ? -13.972 3.930   -18.636 1.00 25.99 ? 47  ALA A CB  1 
ATOM   171  N  N   . GLN A 1 26 ? -12.175 3.237   -21.312 1.00 27.88 ? 48  GLN A N   1 
ATOM   172  C  CA  . GLN A 1 26 ? -11.824 3.697   -22.654 1.00 28.65 ? 48  GLN A CA  1 
ATOM   173  C  C   . GLN A 1 26 ? -11.565 2.531   -23.612 1.00 29.62 ? 48  GLN A C   1 
ATOM   174  O  O   . GLN A 1 26 ? -11.281 2.750   -24.797 1.00 30.74 ? 48  GLN A O   1 
ATOM   175  C  CB  . GLN A 1 26 ? -10.612 4.633   -22.587 1.00 28.54 ? 48  GLN A CB  1 
ATOM   176  C  CG  . GLN A 1 26 ? -10.898 5.961   -21.863 1.00 31.51 ? 48  GLN A CG  1 
ATOM   177  C  CD  . GLN A 1 26 ? -9.631  6.724   -21.439 1.00 35.70 ? 48  GLN A CD  1 
ATOM   178  O  OE1 . GLN A 1 26 ? -9.718  7.831   -20.885 1.00 36.91 ? 48  GLN A OE1 1 
ATOM   179  N  NE2 . GLN A 1 26 ? -8.454  6.139   -21.693 1.00 37.59 ? 48  GLN A NE2 1 
ATOM   180  N  N   . GLY A 1 27 ? -11.655 1.298   -23.100 1.00 29.50 ? 49  GLY A N   1 
ATOM   181  C  CA  . GLY A 1 27 ? -11.428 0.087   -23.906 1.00 29.37 ? 49  GLY A CA  1 
ATOM   182  C  C   . GLY A 1 27 ? -10.105 -0.651  -23.724 1.00 28.62 ? 49  GLY A C   1 
ATOM   183  O  O   . GLY A 1 27 ? -9.858  -1.647  -24.426 1.00 29.45 ? 49  GLY A O   1 
ATOM   184  N  N   . ALA A 1 28 ? -9.253  -0.207  -22.799 1.00 27.64 ? 50  ALA A N   1 
ATOM   185  C  CA  . ALA A 1 28 ? -7.997  -0.931  -22.561 1.00 26.75 ? 50  ALA A CA  1 
ATOM   186  C  C   . ALA A 1 28 ? -8.263  -2.401  -22.197 1.00 26.11 ? 50  ALA A C   1 
ATOM   187  O  O   . ALA A 1 28 ? -9.186  -2.726  -21.449 1.00 27.00 ? 50  ALA A O   1 
ATOM   188  C  CB  . ALA A 1 28 ? -7.149  -0.254  -21.489 1.00 26.85 ? 50  ALA A CB  1 
ATOM   189  N  N   . GLY A 1 29 ? -7.433  -3.292  -22.738 1.00 24.73 ? 51  GLY A N   1 
ATOM   190  C  CA  . GLY A 1 29 ? -7.486  -4.693  -22.369 1.00 24.38 ? 51  GLY A CA  1 
ATOM   191  C  C   . GLY A 1 29 ? -6.977  -4.952  -20.962 1.00 23.75 ? 51  GLY A C   1 
ATOM   192  O  O   . GLY A 1 29 ? -6.010  -4.323  -20.510 1.00 23.04 ? 51  GLY A O   1 
ATOM   193  N  N   . LYS A 1 30 ? -7.613  -5.908  -20.284 1.00 24.25 ? 52  LYS A N   1 
ATOM   194  C  CA  . LYS A 1 30 ? -7.229  -6.263  -18.926 1.00 24.61 ? 52  LYS A CA  1 
ATOM   195  C  C   . LYS A 1 30 ? -5.812  -6.825  -18.780 1.00 24.21 ? 52  LYS A C   1 
ATOM   196  O  O   . LYS A 1 30 ? -5.178  -6.569  -17.784 1.00 22.34 ? 52  LYS A O   1 
ATOM   197  C  CB  . LYS A 1 30 ? -8.262  -7.193  -18.295 1.00 25.65 ? 52  LYS A CB  1 
ATOM   198  C  CG  . LYS A 1 30 ? -9.618  -6.515  -18.036 1.00 29.35 ? 52  LYS A CG  1 
ATOM   199  C  CD  . LYS A 1 30 ? -10.659 -7.547  -17.627 1.00 32.34 ? 52  LYS A CD  1 
ATOM   200  C  CE  . LYS A 1 30 ? -11.930 -6.883  -17.067 1.00 34.17 ? 52  LYS A CE  1 
ATOM   201  N  NZ  . LYS A 1 30 ? -11.680 -6.183  -15.763 1.00 34.27 ? 52  LYS A NZ  1 
ATOM   202  N  N   . LEU A 1 31 ? -5.293  -7.545  -19.779 1.00 24.13 ? 53  LEU A N   1 
ATOM   203  C  CA  . LEU A 1 31 ? -3.909  -8.005  -19.698 1.00 24.49 ? 53  LEU A CA  1 
ATOM   204  C  C   . LEU A 1 31 ? -2.924  -6.828  -19.733 1.00 23.81 ? 53  LEU A C   1 
ATOM   205  O  O   . LEU A 1 31 ? -1.962  -6.793  -18.964 1.00 24.13 ? 53  LEU A O   1 
ATOM   206  C  CB  . LEU A 1 31 ? -3.567  -9.017  -20.804 1.00 26.09 ? 53  LEU A CB  1 
ATOM   207  C  CG  . LEU A 1 31 ? -3.988  -10.476 -20.625 1.00 26.38 ? 53  LEU A CG  1 
ATOM   208  C  CD1 . LEU A 1 31 ? -3.431  -11.239 -21.814 1.00 25.47 ? 53  LEU A CD1 1 
ATOM   209  C  CD2 . LEU A 1 31 ? -3.502  -11.108 -19.301 1.00 25.19 ? 53  LEU A CD2 1 
ATOM   210  N  N   . ASP A 1 32 ? -3.171  -5.851  -20.602 1.00 23.51 ? 54  ASP A N   1 
ATOM   211  C  CA  . ASP A 1 32 ? -2.301  -4.661  -20.649 1.00 24.53 ? 54  ASP A CA  1 
ATOM   212  C  C   . ASP A 1 32 ? -2.328  -3.897  -19.324 1.00 23.49 ? 54  ASP A C   1 
ATOM   213  O  O   . ASP A 1 32 ? -1.294  -3.444  -18.827 1.00 24.59 ? 54  ASP A O   1 
ATOM   214  C  CB  . ASP A 1 32 ? -2.669  -3.740  -21.800 1.00 26.13 ? 54  ASP A CB  1 
ATOM   215  C  CG  . ASP A 1 32 ? -2.360  -4.347  -23.136 1.00 28.72 ? 54  ASP A CG  1 
ATOM   216  O  OD1 . ASP A 1 32 ? -1.476  -5.222  -23.186 1.00 33.19 ? 54  ASP A OD1 1 
ATOM   217  O  OD2 . ASP A 1 32 ? -3.034  -3.982  -24.121 1.00 31.52 ? 54  ASP A OD2 1 
ATOM   218  N  N   . LEU A 1 33 ? -3.526  -3.779  -18.744 1.00 22.58 ? 55  LEU A N   1 
ATOM   219  C  CA  . LEU A 1 33 ? -3.654  -3.165  -17.432 1.00 21.70 ? 55  LEU A CA  1 
ATOM   220  C  C   . LEU A 1 33 ? -2.958  -3.958  -16.348 1.00 20.38 ? 55  LEU A C   1 
ATOM   221  O  O   . LEU A 1 33 ? -2.251  -3.379  -15.506 1.00 20.97 ? 55  LEU A O   1 
ATOM   222  C  CB  . LEU A 1 33 ? -5.120  -2.911  -17.103 1.00 21.19 ? 55  LEU A CB  1 
ATOM   223  C  CG  . LEU A 1 33 ? -5.772  -1.913  -18.057 1.00 22.26 ? 55  LEU A CG  1 
ATOM   224  C  CD1 . LEU A 1 33 ? -7.264  -1.831  -17.790 1.00 24.66 ? 55  LEU A CD1 1 
ATOM   225  C  CD2 . LEU A 1 33 ? -5.142  -0.528  -17.969 1.00 25.49 ? 55  LEU A CD2 1 
ATOM   226  N  N   . ASP A 1 34 ? -3.109  -5.281  -16.350 1.00 19.19 ? 56  ASP A N   1 
ATOM   227  C  CA  . ASP A 1 34 ? -2.472  -6.123  -15.371 1.00 20.10 ? 56  ASP A CA  1 
ATOM   228  C  C   . ASP A 1 34 ? -0.948  -5.900  -15.336 1.00 21.50 ? 56  ASP A C   1 
ATOM   229  O  O   . ASP A 1 34 ? -0.338  -5.941  -14.280 1.00 20.73 ? 56  ASP A O   1 
ATOM   230  C  CB  . ASP A 1 34 ? -2.697  -7.594  -15.692 1.00 19.00 ? 56  ASP A CB  1 
ATOM   231  C  CG  . ASP A 1 34 ? -4.108  -8.064  -15.509 1.00 18.81 ? 56  ASP A CG  1 
ATOM   232  O  OD1 . ASP A 1 34 ? -4.840  -7.572  -14.638 1.00 19.38 ? 56  ASP A OD1 1 
ATOM   233  O  OD2 . ASP A 1 34 ? -4.463  -9.025  -16.211 1.00 19.90 ? 56  ASP A OD2 1 
ATOM   234  N  N   . ARG A 1 35 ? -0.335  -5.680  -16.504 1.00 22.60 ? 57  ARG A N   1 
ATOM   235  C  CA  . ARG A 1 35 ? 1.114   -5.501  -16.572 1.00 24.63 ? 57  ARG A CA  1 
ATOM   236  C  C   . ARG A 1 35 ? 1.497   -4.251  -15.800 1.00 24.13 ? 57  ARG A C   1 
ATOM   237  O  O   . ARG A 1 35 ? 2.558   -4.230  -15.178 1.00 26.55 ? 57  ARG A O   1 
ATOM   238  C  CB  . ARG A 1 35 ? 1.607   -5.385  -18.031 1.00 24.84 ? 57  ARG A CB  1 
ATOM   239  C  CG  . ARG A 1 35 ? 0.976   -6.379  -19.019 1.00 27.59 ? 57  ARG A CG  1 
ATOM   240  C  CD  . ARG A 1 35 ? 1.294   -6.102  -20.527 1.00 29.09 ? 57  ARG A CD  1 
ATOM   241  N  NE  . ARG A 1 35 ? 0.860   -7.202  -21.416 1.00 26.69 ? 57  ARG A NE  1 
ATOM   242  C  CZ  . ARG A 1 35 ? 1.440   -8.398  -21.396 0.50 22.58 ? 57  ARG A CZ  1 
ATOM   243  N  NH1 . ARG A 1 35 ? 2.436   -8.604  -20.551 0.50 23.76 ? 57  ARG A NH1 1 
ATOM   244  N  NH2 . ARG A 1 35 ? 1.039   -9.377  -22.185 0.50 21.65 ? 57  ARG A NH2 1 
ATOM   245  N  N   . GLN A 1 36 ? 0.648   -3.205  -15.850 1.00 24.21 ? 58  GLN A N   1 
ATOM   246  C  CA  . GLN A 1 36 ? 0.922   -1.951  -15.132 1.00 23.29 ? 58  GLN A CA  1 
ATOM   247  C  C   . GLN A 1 36 ? 0.783   -2.062  -13.615 1.00 22.88 ? 58  GLN A C   1 
ATOM   248  O  O   . GLN A 1 36 ? 1.421   -1.312  -12.878 1.00 22.75 ? 58  GLN A O   1 
ATOM   249  C  CB  . GLN A 1 36 ? 0.076   -0.783  -15.674 1.00 24.03 ? 58  GLN A CB  1 
ATOM   250  C  CG  . GLN A 1 36 ? 0.371   -0.431  -17.148 1.00 27.72 ? 58  GLN A CG  1 
ATOM   251  C  CD  . GLN A 1 36 ? -0.764  0.305   -17.842 1.00 33.41 ? 58  GLN A CD  1 
ATOM   252  O  OE1 . GLN A 1 36 ? -1.316  1.261   -17.322 1.00 36.15 ? 58  GLN A OE1 1 
ATOM   253  N  NE2 . GLN A 1 36 ? -1.094  -0.131  -19.048 1.00 33.25 ? 58  GLN A NE2 1 
ATOM   254  N  N   . CYS A 1 37 ? 0.011   -3.026  -13.123 1.00 22.10 ? 59  CYS A N   1 
ATOM   255  C  CA  . CYS A 1 37 ? -0.135  -3.198  -11.651 1.00 20.92 ? 59  CYS A CA  1 
ATOM   256  C  C   . CYS A 1 37 ? 1.174   -3.530  -10.903 1.00 22.23 ? 59  CYS A C   1 
ATOM   257  O  O   . CYS A 1 37 ? 1.296   -3.180  -9.731  1.00 21.64 ? 59  CYS A O   1 
ATOM   258  C  CB  . CYS A 1 37 ? -1.173  -4.254  -11.287 1.00 20.26 ? 59  CYS A CB  1 
ATOM   259  S  SG  . CYS A 1 37 ? -2.681  -4.226  -12.259 1.00 18.23 ? 59  CYS A SG  1 
ATOM   260  N  N   . VAL A 1 38 ? 2.062   -4.249  -11.593 1.00 23.24 ? 60  VAL A N   1 
ATOM   261  C  CA  . VAL A 1 38 ? 3.359   -4.770  -11.081 1.00 24.71 ? 60  VAL A CA  1 
ATOM   262  C  C   . VAL A 1 38 ? 4.288   -3.654  -10.677 1.00 25.87 ? 60  VAL A C   1 
ATOM   263  O  O   . VAL A 1 38 ? 5.201   -3.856  -9.863  1.00 26.72 ? 60  VAL A O   1 
ATOM   264  C  CB  . VAL A 1 38 ? 4.096   -5.651  -12.155 1.00 25.06 ? 60  VAL A CB  1 
ATOM   265  C  CG1 . VAL A 1 38 ? 5.119   -6.601  -11.483 1.00 24.76 ? 60  VAL A CG1 1 
ATOM   266  C  CG2 . VAL A 1 38 ? 3.112   -6.481  -12.953 1.00 25.07 ? 60  VAL A CG2 1 
ATOM   267  N  N   . GLU A 1 39 ? 4.082   -2.479  -11.257 1.00 25.25 ? 61  GLU A N   1 
ATOM   268  C  CA  . GLU A 1 39 ? 4.875   -1.298  -10.899 1.00 26.90 ? 61  GLU A CA  1 
ATOM   269  C  C   . GLU A 1 39 ? 4.918   -1.084  -9.414  1.00 26.40 ? 61  GLU A C   1 
ATOM   270  O  O   . GLU A 1 39 ? 5.969   -0.732  -8.876  1.00 27.72 ? 61  GLU A O   1 
ATOM   271  C  CB  . GLU A 1 39 ? 4.301   -0.041  -11.532 1.00 26.29 ? 61  GLU A CB  1 
ATOM   272  C  CG  . GLU A 1 39 ? 4.448   -0.015  -13.035 1.00 32.43 ? 61  GLU A CG  1 
ATOM   273  C  CD  . GLU A 1 39 ? 3.824   1.220   -13.636 1.00 36.26 ? 61  GLU A CD  1 
ATOM   274  O  OE1 . GLU A 1 39 ? 4.027   1.458   -14.845 1.00 39.38 ? 61  GLU A OE1 1 
ATOM   275  O  OE2 . GLU A 1 39 ? 3.129   1.959   -12.895 1.00 40.40 ? 61  GLU A OE2 1 
ATOM   276  N  N   . CYS A 1 40 ? 3.776   -1.294  -8.763  1.00 25.59 ? 62  CYS A N   1 
ATOM   277  C  CA  . CYS A 1 40 ? 3.630   -1.107  -7.327  1.00 24.98 ? 62  CYS A CA  1 
ATOM   278  C  C   . CYS A 1 40 ? 3.485   -2.411  -6.565  1.00 25.19 ? 62  CYS A C   1 
ATOM   279  O  O   . CYS A 1 40 ? 4.018   -2.562  -5.467  1.00 24.23 ? 62  CYS A O   1 
ATOM   280  C  CB  . CYS A 1 40 ? 2.453   -0.184  -7.043  1.00 26.30 ? 62  CYS A CB  1 
ATOM   281  S  SG  . CYS A 1 40 ? 2.684   1.420   -7.785  1.00 27.93 ? 62  CYS A SG  1 
ATOM   282  N  N   . HIS A 1 41 ? 2.748   -3.352  -7.145  1.00 24.32 ? 63  HIS A N   1 
ATOM   283  C  CA  . HIS A 1 41 ? 2.452   -4.603  -6.498  1.00 24.53 ? 63  HIS A CA  1 
ATOM   284  C  C   . HIS A 1 41 ? 3.479   -5.651  -6.883  1.00 25.65 ? 63  HIS A C   1 
ATOM   285  O  O   . HIS A 1 41 ? 3.348   -6.303  -7.895  1.00 25.58 ? 63  HIS A O   1 
ATOM   286  C  CB  . HIS A 1 41 ? 1.036   -5.047  -6.869  1.00 23.70 ? 63  HIS A CB  1 
ATOM   287  C  CG  . HIS A 1 41 ? -0.045  -4.165  -6.311  1.00 22.04 ? 63  HIS A CG  1 
ATOM   288  N  ND1 . HIS A 1 41 ? -0.479  -4.275  -5.009  1.00 22.87 ? 63  HIS A ND1 1 
ATOM   289  C  CD2 . HIS A 1 41 ? -0.801  -3.195  -6.881  1.00 19.82 ? 63  HIS A CD2 1 
ATOM   290  C  CE1 . HIS A 1 41 ? -1.456  -3.408  -4.794  1.00 22.14 ? 63  HIS A CE1 1 
ATOM   291  N  NE2 . HIS A 1 41 ? -1.663  -2.731  -5.909  1.00 21.60 ? 63  HIS A NE2 1 
ATOM   292  N  N   . HIS A 1 42 ? 4.514   -5.783  -6.066  1.00 26.28 ? 64  HIS A N   1 
ATOM   293  C  CA  . HIS A 1 42 ? 5.565   -6.731  -6.365  1.00 28.07 ? 64  HIS A CA  1 
ATOM   294  C  C   . HIS A 1 42 ? 6.220   -7.181  -5.085  1.00 29.69 ? 64  HIS A C   1 
ATOM   295  O  O   . HIS A 1 42 ? 5.868   -6.727  -4.007  1.00 30.22 ? 64  HIS A O   1 
ATOM   296  C  CB  . HIS A 1 42 ? 6.586   -6.122  -7.338  1.00 27.25 ? 64  HIS A CB  1 
ATOM   297  C  CG  . HIS A 1 42 ? 7.272   -4.902  -6.815  1.00 26.01 ? 64  HIS A CG  1 
ATOM   298  N  ND1 . HIS A 1 42 ? 6.935   -3.626  -7.204  1.00 24.41 ? 64  HIS A ND1 1 
ATOM   299  C  CD2 . HIS A 1 42 ? 8.304   -4.762  -5.950  1.00 20.43 ? 64  HIS A CD2 1 
ATOM   300  C  CE1 . HIS A 1 42 ? 7.717   -2.754  -6.602  1.00 23.68 ? 64  HIS A CE1 1 
ATOM   301  N  NE2 . HIS A 1 42 ? 8.556   -3.418  -5.837  1.00 21.52 ? 64  HIS A NE2 1 
ATOM   302  N  N   . GLU A 1 43 ? 7.179   -8.085  -5.214  1.00 31.60 ? 65  GLU A N   1 
ATOM   303  C  CA  . GLU A 1 43 ? 7.863   -8.631  -4.057  1.00 33.45 ? 65  GLU A CA  1 
ATOM   304  C  C   . GLU A 1 43 ? 8.996   -7.694  -3.632  1.00 33.44 ? 65  GLU A C   1 
ATOM   305  O  O   . GLU A 1 43 ? 9.442   -6.833  -4.400  1.00 33.00 ? 65  GLU A O   1 
ATOM   306  C  CB  . GLU A 1 43 ? 8.362   -10.051 -4.372  1.00 33.54 ? 65  GLU A CB  1 
ATOM   307  C  CG  . GLU A 1 43 ? 7.457   -11.200 -3.854  1.00 36.60 ? 65  GLU A CG  1 
ATOM   308  C  CD  . GLU A 1 43 ? 6.271   -11.594 -4.761  1.00 38.87 ? 65  GLU A CD  1 
ATOM   309  O  OE1 . GLU A 1 43 ? 6.317   -11.390 -5.989  1.00 41.06 ? 65  GLU A OE1 1 
ATOM   310  O  OE2 . GLU A 1 43 ? 5.285   -12.158 -4.232  1.00 41.40 ? 65  GLU A OE2 1 
ATOM   311  N  N   . LYS A 1 44 ? 9.432   -7.839  -2.386  1.00 34.71 ? 66  LYS A N   1 
ATOM   312  C  CA  . LYS A 1 44 ? 10.606  -7.152  -1.860  1.00 35.86 ? 66  LYS A CA  1 
ATOM   313  C  C   . LYS A 1 44 ? 11.781  -7.014  -2.837  1.00 36.01 ? 66  LYS A C   1 
ATOM   314  O  O   . LYS A 1 44 ? 12.022  -7.908  -3.647  1.00 36.89 ? 66  LYS A O   1 
ATOM   315  C  CB  . LYS A 1 44 ? 11.121  -7.908  -0.641  1.00 36.45 ? 66  LYS A CB  1 
ATOM   316  C  CG  . LYS A 1 44 ? 10.659  -7.375  0.691   1.00 38.39 ? 66  LYS A CG  1 
ATOM   317  C  CD  . LYS A 1 44 ? 11.567  -7.907  1.783   1.00 40.77 ? 66  LYS A CD  1 
ATOM   318  C  CE  . LYS A 1 44 ? 11.850  -9.404  1.586   1.00 42.22 ? 66  LYS A CE  1 
ATOM   319  N  NZ  . LYS A 1 44 ? 12.859  -9.954  2.544   1.00 42.94 ? 66  LYS A NZ  1 
ATOM   320  N  N   . PRO A 1 45 ? 12.534  -5.901  -2.738  1.00 36.29 ? 67  PRO A N   1 
ATOM   321  C  CA  . PRO A 1 45 ? 12.267  -4.836  -1.791  1.00 35.90 ? 67  PRO A CA  1 
ATOM   322  C  C   . PRO A 1 45 ? 11.439  -3.701  -2.388  1.00 35.13 ? 67  PRO A C   1 
ATOM   323  O  O   . PRO A 1 45 ? 11.321  -3.575  -3.624  1.00 34.86 ? 67  PRO A O   1 
ATOM   324  C  CB  . PRO A 1 45 ? 13.676  -4.362  -1.417  1.00 36.26 ? 67  PRO A CB  1 
ATOM   325  C  CG  . PRO A 1 45 ? 14.498  -4.589  -2.673  1.00 35.96 ? 67  PRO A CG  1 
ATOM   326  C  CD  . PRO A 1 45 ? 13.742  -5.610  -3.531  1.00 36.11 ? 67  PRO A CD  1 
ATOM   327  N  N   . GLY A 1 46 ? 10.846  -2.899  -1.510  1.00 33.81 ? 68  GLY A N   1 
ATOM   328  C  CA  . GLY A 1 46 ? 10.019  -1.778  -1.913  1.00 32.92 ? 68  GLY A CA  1 
ATOM   329  C  C   . GLY A 1 46 ? 8.686   -2.245  -2.473  1.00 31.93 ? 68  GLY A C   1 
ATOM   330  O  O   . GLY A 1 46 ? 8.423   -3.443  -2.588  1.00 32.55 ? 68  GLY A O   1 
ATOM   331  N  N   . GLY A 1 47 ? 7.838   -1.286  -2.820  1.00 31.04 ? 69  GLY A N   1 
ATOM   332  C  CA  . GLY A 1 47 ? 6.533   -1.606  -3.383  1.00 30.20 ? 69  GLY A CA  1 
ATOM   333  C  C   . GLY A 1 47 ? 5.603   -2.198  -2.346  1.00 29.30 ? 69  GLY A C   1 
ATOM   334  O  O   . GLY A 1 47 ? 5.823   -2.066  -1.138  1.00 29.36 ? 69  GLY A O   1 
ATOM   335  N  N   . ILE A 1 48 ? 4.554   -2.858  -2.829  1.00 28.39 ? 70  ILE A N   1 
ATOM   336  C  CA  . ILE A 1 48 ? 3.522   -3.414  -1.966  1.00 28.89 ? 70  ILE A CA  1 
ATOM   337  C  C   . ILE A 1 48 ? 3.523   -4.922  -2.096  1.00 29.61 ? 70  ILE A C   1 
ATOM   338  O  O   . ILE A 1 48 ? 3.075   -5.481  -3.111  1.00 27.99 ? 70  ILE A O   1 
ATOM   339  C  CB  . ILE A 1 48 ? 2.135   -2.835  -2.297  1.00 29.04 ? 70  ILE A CB  1 
ATOM   340  C  CG1 . ILE A 1 48 ? 2.195   -1.311  -2.241  1.00 29.21 ? 70  ILE A CG1 1 
ATOM   341  C  CG2 . ILE A 1 48 ? 1.081   -3.387  -1.315  1.00 29.78 ? 70  ILE A CG2 1 
ATOM   342  C  CD1 . ILE A 1 48 ? 0.961   -0.637  -2.691  1.00 30.61 ? 70  ILE A CD1 1 
ATOM   343  N  N   . PRO A 1 49 ? 4.081   -5.601  -1.092  1.00 29.84 ? 71  PRO A N   1 
ATOM   344  C  CA  . PRO A 1 49 ? 4.205   -7.041  -1.282  1.00 31.02 ? 71  PRO A CA  1 
ATOM   345  C  C   . PRO A 1 49 ? 2.855   -7.712  -1.191  1.00 31.58 ? 71  PRO A C   1 
ATOM   346  O  O   . PRO A 1 49 ? 1.963   -7.211  -0.517  1.00 32.84 ? 71  PRO A O   1 
ATOM   347  C  CB  . PRO A 1 49 ? 5.113   -7.474  -0.129  1.00 30.79 ? 71  PRO A CB  1 
ATOM   348  C  CG  . PRO A 1 49 ? 4.829   -6.454  0.948   1.00 30.81 ? 71  PRO A CG  1 
ATOM   349  C  CD  . PRO A 1 49 ? 4.604   -5.161  0.218   1.00 30.14 ? 71  PRO A CD  1 
ATOM   350  N  N   . PHE A 1 50 ? 2.708   -8.841  -1.868  1.00 31.92 ? 72  PHE A N   1 
ATOM   351  C  CA  . PHE A 1 50 ? 1.505   -9.650  -1.760  1.00 33.00 ? 72  PHE A CA  1 
ATOM   352  C  C   . PHE A 1 50 ? 1.469   -10.313 -0.394  1.00 34.38 ? 72  PHE A C   1 
ATOM   353  O  O   . PHE A 1 50 ? 2.527   -10.489 0.221   1.00 35.16 ? 72  PHE A O   1 
ATOM   354  C  CB  . PHE A 1 50 ? 1.518   -10.722 -2.840  1.00 32.51 ? 72  PHE A CB  1 
ATOM   355  C  CG  . PHE A 1 50 ? 1.485   -10.183 -4.234  1.00 31.57 ? 72  PHE A CG  1 
ATOM   356  C  CD1 . PHE A 1 50 ? 2.647   -10.114 -4.998  1.00 29.55 ? 72  PHE A CD1 1 
ATOM   357  C  CD2 . PHE A 1 50 ? 0.285   -9.737  -4.791  1.00 29.84 ? 72  PHE A CD2 1 
ATOM   358  C  CE1 . PHE A 1 50 ? 2.612   -9.626  -6.298  1.00 30.99 ? 72  PHE A CE1 1 
ATOM   359  C  CE2 . PHE A 1 50 ? 0.250   -9.238  -6.082  1.00 29.04 ? 72  PHE A CE2 1 
ATOM   360  C  CZ  . PHE A 1 50 ? 1.401   -9.187  -6.841  1.00 26.99 ? 72  PHE A CZ  1 
ATOM   361  N  N   . PRO A 1 51 ? 0.269   -10.704 0.091   1.00 35.33 ? 73  PRO A N   1 
ATOM   362  C  CA  . PRO A 1 51 ? 0.301   -11.359 1.391   1.00 35.98 ? 73  PRO A CA  1 
ATOM   363  C  C   . PRO A 1 51 ? 0.925   -12.738 1.258   1.00 36.44 ? 73  PRO A C   1 
ATOM   364  O  O   . PRO A 1 51 ? 1.090   -13.249 0.137   1.00 35.90 ? 73  PRO A O   1 
ATOM   365  C  CB  . PRO A 1 51 ? -1.182  -11.490 1.775   1.00 35.69 ? 73  PRO A CB  1 
ATOM   366  C  CG  . PRO A 1 51 ? -1.954  -10.696 0.773   1.00 35.58 ? 73  PRO A CG  1 
ATOM   367  C  CD  . PRO A 1 51 ? -1.104  -10.615 -0.448  1.00 35.35 ? 73  PRO A CD  1 
ATOM   368  N  N   . LYS A 1 52 ? 1.296   -13.336 2.386   1.00 36.87 ? 74  LYS A N   1 
ATOM   369  C  CA  . LYS A 1 52 ? 1.682   -14.736 2.385   1.00 37.40 ? 74  LYS A CA  1 
ATOM   370  C  C   . LYS A 1 52 ? 0.511   -15.519 1.777   1.00 37.13 ? 74  LYS A C   1 
ATOM   371  O  O   . LYS A 1 52 ? -0.668  -15.223 2.045   1.00 37.26 ? 74  LYS A O   1 
ATOM   372  C  CB  . LYS A 1 52 ? 2.012   -15.231 3.803   1.00 37.87 ? 74  LYS A CB  1 
ATOM   373  C  CG  . LYS A 1 52 ? 0.924   -16.095 4.460   1.00 39.21 ? 74  LYS A CG  1 
ATOM   374  C  CD  . LYS A 1 52 ? -0.274  -15.293 4.995   1.00 41.63 ? 74  LYS A CD  1 
ATOM   375  C  CE  . LYS A 1 52 ? -0.130  -15.049 6.475   1.00 43.21 ? 74  LYS A CE  1 
ATOM   376  N  NZ  . LYS A 1 52 ? 0.211   -16.311 7.205   1.00 44.89 ? 74  LYS A NZ  1 
ATOM   377  N  N   . ASN A 1 53 ? 0.857   -16.504 0.957   1.00 36.64 ? 75  ASN A N   1 
ATOM   378  C  CA  . ASN A 1 53 ? -0.111  -17.392 0.303   1.00 36.50 ? 75  ASN A CA  1 
ATOM   379  C  C   . ASN A 1 53 ? -0.741  -16.819 -0.961  1.00 35.69 ? 75  ASN A C   1 
ATOM   380  O  O   . ASN A 1 53 ? -1.371  -17.546 -1.727  1.00 36.12 ? 75  ASN A O   1 
ATOM   381  C  CB  . ASN A 1 53 ? -1.186  -17.866 1.293   1.00 37.05 ? 75  ASN A CB  1 
ATOM   382  C  CG  . ASN A 1 53 ? -0.677  -18.953 2.226   1.00 38.60 ? 75  ASN A CG  1 
ATOM   383  O  OD1 . ASN A 1 53 ? -0.262  -20.029 1.782   1.00 41.18 ? 75  ASN A OD1 1 
ATOM   384  N  ND2 . ASN A 1 53 ? -0.719  -18.685 3.526   1.00 40.36 ? 75  ASN A ND2 1 
ATOM   385  N  N   . HIS A 1 54 ? -0.535  -15.527 -1.206  1.00 34.93 ? 76  HIS A N   1 
ATOM   386  C  CA  . HIS A 1 54 ? -1.000  -14.931 -2.470  1.00 33.33 ? 76  HIS A CA  1 
ATOM   387  C  C   . HIS A 1 54 ? -0.463  -15.722 -3.649  1.00 33.43 ? 76  HIS A C   1 
ATOM   388  O  O   . HIS A 1 54 ? 0.665   -16.212 -3.596  1.00 33.80 ? 76  HIS A O   1 
ATOM   389  C  CB  . HIS A 1 54 ? -0.585  -13.468 -2.625  1.00 33.16 ? 76  HIS A CB  1 
ATOM   390  C  CG  . HIS A 1 54 ? -1.338  -12.756 -3.707  1.00 30.31 ? 76  HIS A CG  1 
ATOM   391  N  ND1 . HIS A 1 54 ? -0.964  -12.792 -5.035  1.00 27.38 ? 76  HIS A ND1 1 
ATOM   392  C  CD2 . HIS A 1 54 ? -2.490  -12.050 -3.659  1.00 29.03 ? 76  HIS A CD2 1 
ATOM   393  C  CE1 . HIS A 1 54 ? -1.839  -12.112 -5.757  1.00 25.99 ? 76  HIS A CE1 1 
ATOM   394  N  NE2 . HIS A 1 54 ? -2.776  -11.654 -4.945  1.00 25.19 ? 76  HIS A NE2 1 
ATOM   395  N  N   . PRO A 1 55 ? -1.270  -15.872 -4.709  1.00 33.04 ? 77  PRO A N   1 
ATOM   396  C  CA  . PRO A 1 55 ? -0.728  -16.449 -5.929  1.00 33.44 ? 77  PRO A CA  1 
ATOM   397  C  C   . PRO A 1 55 ? 0.568   -15.766 -6.396  1.00 34.40 ? 77  PRO A C   1 
ATOM   398  O  O   . PRO A 1 55 ? 0.779   -14.576 -6.152  1.00 34.48 ? 77  PRO A O   1 
ATOM   399  C  CB  . PRO A 1 55 ? -1.826  -16.183 -6.955  1.00 33.27 ? 77  PRO A CB  1 
ATOM   400  C  CG  . PRO A 1 55 ? -3.078  -16.042 -6.179  1.00 32.31 ? 77  PRO A CG  1 
ATOM   401  C  CD  . PRO A 1 55 ? -2.708  -15.544 -4.828  1.00 32.97 ? 77  PRO A CD  1 
ATOM   402  N  N   . VAL A 1 56 ? 1.417   -16.529 -7.074  1.00 35.93 ? 78  VAL A N   1 
ATOM   403  C  CA  . VAL A 1 56 ? 2.672   -16.009 -7.627  1.00 36.69 ? 78  VAL A CA  1 
ATOM   404  C  C   . VAL A 1 56 ? 2.540   -15.893 -9.152  1.00 37.19 ? 78  VAL A C   1 
ATOM   405  O  O   . VAL A 1 56 ? 1.606   -16.425 -9.717  1.00 37.07 ? 78  VAL A O   1 
ATOM   406  C  CB  . VAL A 1 56 ? 3.876   -16.906 -7.231  1.00 36.97 ? 78  VAL A CB  1 
ATOM   407  C  CG1 . VAL A 1 56 ? 5.141   -16.083 -7.187  1.00 37.51 ? 78  VAL A CG1 1 
ATOM   408  C  CG2 . VAL A 1 56 ? 3.663   -17.532 -5.851  1.00 37.12 ? 78  VAL A CG2 1 
ATOM   409  N  N   . LYS A 1 57 ? 3.451   -15.183 -9.819  1.00 37.84 ? 79  LYS A N   1 
ATOM   410  C  CA  . LYS A 1 57 ? 3.328   -14.956 -11.268 1.00 38.20 ? 79  LYS A CA  1 
ATOM   411  C  C   . LYS A 1 57 ? 3.561   -16.220 -12.126 1.00 38.51 ? 79  LYS A C   1 
ATOM   412  O  O   . LYS A 1 57 ? 4.409   -17.061 -11.786 1.00 38.10 ? 79  LYS A O   1 
ATOM   413  C  CB  . LYS A 1 57 ? 4.208   -13.763 -11.689 1.00 38.94 ? 79  LYS A CB  1 
ATOM   414  C  CG  . LYS A 1 57 ? 4.985   -13.898 -12.998 1.00 40.08 ? 79  LYS A CG  1 
ATOM   415  C  CD  . LYS A 1 57 ? 4.322   -13.196 -14.187 1.00 41.25 ? 79  LYS A CD  1 
ATOM   416  C  CE  . LYS A 1 57 ? 5.193   -13.336 -15.431 1.00 41.61 ? 79  LYS A CE  1 
ATOM   417  N  NZ  . LYS A 1 57 ? 4.955   -12.287 -16.458 1.00 42.23 ? 79  LYS A NZ  1 
ATOM   418  N  N   . PRO A 1 58 ? 2.778   -16.372 -13.212 1.00 38.34 ? 80  PRO A N   1 
ATOM   419  C  CA  . PRO A 1 58 ? 2.888   -17.471 -14.164 1.00 39.07 ? 80  PRO A CA  1 
ATOM   420  C  C   . PRO A 1 58 ? 4.095   -17.335 -15.089 1.00 39.60 ? 80  PRO A C   1 
ATOM   421  O  O   . PRO A 1 58 ? 4.733   -16.288 -15.111 1.00 39.75 ? 80  PRO A O   1 
ATOM   422  C  CB  . PRO A 1 58 ? 1.608   -17.333 -14.993 1.00 38.80 ? 80  PRO A CB  1 
ATOM   423  C  CG  . PRO A 1 58 ? 1.281   -15.919 -14.931 1.00 37.83 ? 80  PRO A CG  1 
ATOM   424  C  CD  . PRO A 1 58 ? 1.672   -15.464 -13.571 1.00 38.82 ? 80  PRO A CD  1 
ATOM   425  N  N   . ALA A 1 59 ? 4.382   -18.378 -15.861 1.00 40.35 ? 81  ALA A N   1 
ATOM   426  C  CA  . ALA A 1 59 ? 5.475   -18.325 -16.834 1.00 40.53 ? 81  ALA A CA  1 
ATOM   427  C  C   . ALA A 1 59 ? 5.099   -17.517 -18.085 1.00 40.72 ? 81  ALA A C   1 
ATOM   428  O  O   . ALA A 1 59 ? 5.910   -16.724 -18.596 1.00 41.20 ? 81  ALA A O   1 
ATOM   429  C  CB  . ALA A 1 59 ? 5.921   -19.745 -17.214 1.00 40.75 ? 81  ALA A CB  1 
ATOM   430  N  N   . ASP A 1 60 ? 3.874   -17.726 -18.568 1.00 40.49 ? 82  ASP A N   1 
ATOM   431  C  CA  . ASP A 1 60 ? 3.358   -17.061 -19.768 1.00 40.46 ? 82  ASP A CA  1 
ATOM   432  C  C   . ASP A 1 60 ? 2.394   -15.934 -19.420 1.00 39.44 ? 82  ASP A C   1 
ATOM   433  O  O   . ASP A 1 60 ? 1.301   -16.180 -18.896 1.00 39.78 ? 82  ASP A O   1 
ATOM   434  C  CB  . ASP A 1 60 ? 2.610   -18.060 -20.651 1.00 41.09 ? 82  ASP A CB  1 
ATOM   435  C  CG  . ASP A 1 60 ? 3.517   -19.105 -21.235 1.00 42.94 ? 82  ASP A CG  1 
ATOM   436  O  OD1 . ASP A 1 60 ? 3.940   -18.927 -22.401 1.00 45.70 ? 82  ASP A OD1 1 
ATOM   437  O  OD2 . ASP A 1 60 ? 3.818   -20.094 -20.529 1.00 45.33 ? 82  ASP A OD2 1 
ATOM   438  N  N   . GLY A 1 61 ? 2.796   -14.711 -19.747 1.00 37.81 ? 83  GLY A N   1 
ATOM   439  C  CA  . GLY A 1 61 ? 1.973   -13.527 -19.555 1.00 35.25 ? 83  GLY A CA  1 
ATOM   440  C  C   . GLY A 1 61 ? 1.936   -13.088 -18.104 1.00 32.19 ? 83  GLY A C   1 
ATOM   441  O  O   . GLY A 1 61 ? 2.456   -13.781 -17.239 1.00 33.00 ? 83  GLY A O   1 
ATOM   442  N  N   . PRO A 1 62 ? 1.327   -11.921 -17.841 1.00 30.87 ? 84  PRO A N   1 
ATOM   443  C  CA  . PRO A 1 62 ? 1.301   -11.353 -16.501 1.00 28.67 ? 84  PRO A CA  1 
ATOM   444  C  C   . PRO A 1 62 ? 0.347   -12.109 -15.560 1.00 27.14 ? 84  PRO A C   1 
ATOM   445  O  O   . PRO A 1 62 ? -0.577  -12.796 -16.013 1.00 27.37 ? 84  PRO A O   1 
ATOM   446  C  CB  . PRO A 1 62 ? 0.782   -9.935  -16.739 1.00 28.78 ? 84  PRO A CB  1 
ATOM   447  C  CG  . PRO A 1 62 ? -0.072  -10.058 -17.948 1.00 29.49 ? 84  PRO A CG  1 
ATOM   448  C  CD  . PRO A 1 62 ? 0.588   -11.095 -18.809 1.00 30.44 ? 84  PRO A CD  1 
ATOM   449  N  N   . MET A 1 63 ? 0.588   -11.981 -14.255 1.00 25.28 ? 85  MET A N   1 
ATOM   450  C  CA  . MET A 1 63 ? -0.415  -12.407 -13.264 1.00 23.26 ? 85  MET A CA  1 
ATOM   451  C  C   . MET A 1 63 ? -1.717  -11.657 -13.541 1.00 21.59 ? 85  MET A C   1 
ATOM   452  O  O   . MET A 1 63 ? -1.718  -10.426 -13.711 1.00 21.16 ? 85  MET A O   1 
ATOM   453  C  CB  . MET A 1 63 ? 0.052   -12.144 -11.855 1.00 23.25 ? 85  MET A CB  1 
ATOM   454  C  CG  . MET A 1 63 ? -0.640  -13.019 -10.815 1.00 25.18 ? 85  MET A CG  1 
ATOM   455  S  SD  . MET A 1 63 ? -0.349  -12.417 -9.156  1.00 32.39 ? 85  MET A SD  1 
ATOM   456  C  CE  . MET A 1 63 ? 1.427   -12.679 -8.979  1.00 32.90 ? 85  MET A CE  1 
ATOM   457  N  N   . ARG A 1 64 ? -2.820  -12.396 -13.585 1.00 20.15 ? 86  ARG A N   1 
ATOM   458  C  CA  . ARG A 1 64 ? -4.069  -11.829 -14.110 1.00 20.72 ? 86  ARG A CA  1 
ATOM   459  C  C   . ARG A 1 64 ? -4.824  -11.105 -12.970 1.00 20.49 ? 86  ARG A C   1 
ATOM   460  O  O   . ARG A 1 64 ? -5.841  -11.612 -12.463 1.00 20.35 ? 86  ARG A O   1 
ATOM   461  C  CB  . ARG A 1 64 ? -4.957  -12.906 -14.770 1.00 23.07 ? 86  ARG A CB  1 
ATOM   462  C  CG  . ARG A 1 64 ? -4.425  -13.509 -16.063 1.00 24.56 ? 86  ARG A CG  1 
ATOM   463  C  CD  . ARG A 1 64 ? -5.440  -14.491 -16.650 1.00 29.58 ? 86  ARG A CD  1 
ATOM   464  N  NE  . ARG A 1 64 ? -6.705  -13.854 -17.012 1.00 32.34 ? 86  ARG A NE  1 
ATOM   465  C  CZ  . ARG A 1 64 ? -7.866  -14.497 -17.180 1.00 33.02 ? 86  ARG A CZ  1 
ATOM   466  N  NH1 . ARG A 1 64 ? -7.953  -15.813 -17.002 1.00 35.13 ? 86  ARG A NH1 1 
ATOM   467  N  NH2 . ARG A 1 64 ? -8.958  -13.820 -17.513 1.00 33.76 ? 86  ARG A NH2 1 
ATOM   468  N  N   . CYS A 1 65 ? -4.330  -9.925  -12.596 1.00 19.22 ? 87  CYS A N   1 
ATOM   469  C  CA  . CYS A 1 65 ? -4.890  -9.251  -11.409 1.00 18.41 ? 87  CYS A CA  1 
ATOM   470  C  C   . CYS A 1 65 ? -6.397  -9.082  -11.519 1.00 18.40 ? 87  CYS A C   1 
ATOM   471  O  O   . CYS A 1 65 ? -7.153  -9.352  -10.559 1.00 19.08 ? 87  CYS A O   1 
ATOM   472  C  CB  . CYS A 1 65 ? -4.286  -7.869  -11.228 1.00 19.57 ? 87  CYS A CB  1 
ATOM   473  S  SG  . CYS A 1 65 ? -2.497  -7.794  -11.299 1.00 19.81 ? 87  CYS A SG  1 
ATOM   474  N  N   . LEU A 1 66 ? -6.825  -8.586  -12.673 1.00 18.52 ? 88  LEU A N   1 
ATOM   475  C  CA  . LEU A 1 66 ? -8.180  -8.119  -12.889 1.00 20.19 ? 88  LEU A CA  1 
ATOM   476  C  C   . LEU A 1 66 ? -9.147  -9.244  -13.056 1.00 21.05 ? 88  LEU A C   1 
ATOM   477  O  O   . LEU A 1 66 ? -10.343 -9.011  -13.107 1.00 23.21 ? 88  LEU A O   1 
ATOM   478  C  CB  . LEU A 1 66 ? -8.259  -7.104  -14.033 1.00 19.35 ? 88  LEU A CB  1 
ATOM   479  C  CG  . LEU A 1 66 ? -7.548  -5.785  -13.683 1.00 17.22 ? 88  LEU A CG  1 
ATOM   480  C  CD1 . LEU A 1 66 ? -7.429  -4.943  -14.958 1.00 19.72 ? 88  LEU A CD1 1 
ATOM   481  C  CD2 . LEU A 1 66 ? -8.281  -5.008  -12.551 1.00 18.01 ? 88  LEU A CD2 1 
ATOM   482  N  N   . PHE A 1 67 ? -8.627  -10.463 -13.096 1.00 21.04 ? 89  PHE A N   1 
ATOM   483  C  CA  . PHE A 1 67 ? -9.474  -11.634 -13.221 1.00 22.38 ? 89  PHE A CA  1 
ATOM   484  C  C   . PHE A 1 67 ? -10.044 -11.942 -11.837 1.00 22.12 ? 89  PHE A C   1 
ATOM   485  O  O   . PHE A 1 67 ? -11.237 -12.303 -11.715 1.00 23.12 ? 89  PHE A O   1 
ATOM   486  C  CB  . PHE A 1 67 ? -8.673  -12.807 -13.769 1.00 22.45 ? 89  PHE A CB  1 
ATOM   487  C  CG  . PHE A 1 67 ? -9.485  -14.027 -13.975 1.00 24.15 ? 89  PHE A CG  1 
ATOM   488  C  CD1 . PHE A 1 67 ? -10.619 -13.983 -14.766 1.00 26.66 ? 89  PHE A CD1 1 
ATOM   489  C  CD2 . PHE A 1 67 ? -9.112  -15.226 -13.385 1.00 25.52 ? 89  PHE A CD2 1 
ATOM   490  C  CE1 . PHE A 1 67 ? -11.393 -15.121 -14.970 1.00 27.38 ? 89  PHE A CE1 1 
ATOM   491  C  CE2 . PHE A 1 67 ? -9.885  -16.378 -13.588 1.00 26.04 ? 89  PHE A CE2 1 
ATOM   492  C  CZ  . PHE A 1 67 ? -11.021 -16.318 -14.368 1.00 29.54 ? 89  PHE A CZ  1 
ATOM   493  N  N   . CYS A 1 68 ? -9.211  -11.790 -10.806 1.00 21.22 ? 90  CYS A N   1 
ATOM   494  C  CA  . CYS A 1 68 ? -9.659  -12.022 -9.426  1.00 21.45 ? 90  CYS A CA  1 
ATOM   495  C  C   . CYS A 1 68 ? -10.084 -10.768 -8.698  1.00 21.42 ? 90  CYS A C   1 
ATOM   496  O  O   . CYS A 1 68 ? -10.948 -10.831 -7.822  1.00 21.19 ? 90  CYS A O   1 
ATOM   497  C  CB  . CYS A 1 68 ? -8.573  -12.707 -8.632  1.00 21.40 ? 90  CYS A CB  1 
ATOM   498  S  SG  . CYS A 1 68 ? -8.068  -14.239 -9.434  1.00 21.74 ? 90  CYS A SG  1 
ATOM   499  N  N   . HIS A 1 69 ? -9.455  -9.641  -9.015  1.00 21.09 ? 91  HIS A N   1 
ATOM   500  C  CA  . HIS A 1 69 ? -9.758  -8.372  -8.346  1.00 20.30 ? 91  HIS A CA  1 
ATOM   501  C  C   . HIS A 1 69 ? -10.517 -7.487  -9.328  1.00 21.03 ? 91  HIS A C   1 
ATOM   502  O  O   . HIS A 1 69 ? -9.930  -6.856  -10.209 1.00 21.68 ? 91  HIS A O   1 
ATOM   503  C  CB  . HIS A 1 69 ? -8.500  -7.643  -7.835  1.00 20.44 ? 91  HIS A CB  1 
ATOM   504  C  CG  . HIS A 1 69 ? -7.673  -8.427  -6.878  1.00 19.00 ? 91  HIS A CG  1 
ATOM   505  N  ND1 . HIS A 1 69 ? -8.006  -8.602  -5.539  1.00 18.32 ? 91  HIS A ND1 1 
ATOM   506  C  CD2 . HIS A 1 69 ? -6.508  -9.079  -7.071  1.00 18.16 ? 91  HIS A CD2 1 
ATOM   507  C  CE1 . HIS A 1 69 ? -7.053  -9.320  -4.963  1.00 18.92 ? 91  HIS A CE1 1 
ATOM   508  N  NE2 . HIS A 1 69 ? -6.132  -9.611  -5.866  1.00 17.65 ? 91  HIS A NE2 1 
ATOM   509  N  N   . LYS A 1 70 ? -11.844 -7.504  -9.193  1.00 21.98 ? 92  LYS A N   1 
ATOM   510  C  CA  . LYS A 1 70 ? -12.708 -6.708  -10.056 1.00 22.96 ? 92  LYS A CA  1 
ATOM   511  C  C   . LYS A 1 70 ? -12.591 -5.210  -9.792  1.00 22.64 ? 92  LYS A C   1 
ATOM   512  O  O   . LYS A 1 70 ? -12.321 -4.788  -8.670  1.00 21.57 ? 92  LYS A O   1 
ATOM   513  C  CB  . LYS A 1 70 ? -14.185 -7.151  -9.934  1.00 23.42 ? 92  LYS A CB  1 
ATOM   514  C  CG  . LYS A 1 70 ? -14.459 -8.605  -10.373 1.00 26.31 ? 92  LYS A CG  1 
ATOM   515  C  CD  . LYS A 1 70 ? -13.557 -9.111  -11.508 1.00 31.04 ? 92  LYS A CD  1 
ATOM   516  C  CE  . LYS A 1 70 ? -14.073 -8.827  -12.919 1.00 34.28 ? 92  LYS A CE  1 
ATOM   517  N  NZ  . LYS A 1 70 ? -13.161 -9.423  -13.947 1.00 35.32 ? 92  LYS A NZ  1 
ATOM   518  N  N   . PHE A 1 71 ? -12.768 -4.398  -10.825 1.00 23.22 ? 93  PHE A N   1 
ATOM   519  C  CA  . PHE A 1 71 ? -13.027 -2.979  -10.596 1.00 23.05 ? 93  PHE A CA  1 
ATOM   520  C  C   . PHE A 1 71 ? -14.367 -2.841  -9.907  1.00 24.18 ? 93  PHE A C   1 
ATOM   521  O  O   . PHE A 1 71 ? -15.270 -3.638  -10.160 1.00 24.92 ? 93  PHE A O   1 
ATOM   522  C  CB  . PHE A 1 71 ? -13.161 -2.257  -11.928 1.00 23.37 ? 93  PHE A CB  1 
ATOM   523  C  CG  . PHE A 1 71 ? -11.873 -2.091  -12.656 1.00 21.94 ? 93  PHE A CG  1 
ATOM   524  C  CD1 . PHE A 1 71 ? -11.652 -2.771  -13.838 1.00 23.23 ? 93  PHE A CD1 1 
ATOM   525  C  CD2 . PHE A 1 71 ? -10.878 -1.245  -12.158 1.00 22.18 ? 93  PHE A CD2 1 
ATOM   526  C  CE1 . PHE A 1 71 ? -10.487 -2.640  -14.533 1.00 21.69 ? 93  PHE A CE1 1 
ATOM   527  C  CE2 . PHE A 1 71 ? -9.697  -1.079  -12.846 1.00 21.62 ? 93  PHE A CE2 1 
ATOM   528  C  CZ  . PHE A 1 71 ? -9.474  -1.794  -14.034 1.00 19.32 ? 93  PHE A CZ  1 
ATOM   529  N  N   . LYS A 1 72 ? -14.498 -1.813  -9.071  1.00 25.50 ? 94  LYS A N   1 
ATOM   530  C  CA  . LYS A 1 72 ? -15.813 -1.414  -8.565  1.00 27.03 ? 94  LYS A CA  1 
ATOM   531  C  C   . LYS A 1 72 ? -16.509 -0.638  -9.670  1.00 28.11 ? 94  LYS A C   1 
ATOM   532  O  O   . LYS A 1 72 ? -15.942 -0.414  -10.741 1.00 28.09 ? 94  LYS A O   1 
ATOM   533  C  CB  . LYS A 1 72 ? -15.676 -0.528  -7.342  1.00 27.78 ? 94  LYS A CB  1 
ATOM   534  C  CG  . LYS A 1 72 ? -14.963 -1.179  -6.201  1.00 29.06 ? 94  LYS A CG  1 
ATOM   535  C  CD  . LYS A 1 72 ? -14.688 -0.140  -5.162  1.00 31.86 ? 94  LYS A CD  1 
ATOM   536  C  CE  . LYS A 1 72 ? -14.162 -0.753  -3.888  1.00 34.08 ? 94  LYS A CE  1 
ATOM   537  N  NZ  . LYS A 1 72 ? -14.055 0.273   -2.795  1.00 35.61 ? 94  LYS A NZ  1 
ATOM   538  N  N   . LEU A 1 73 ? -17.741 -0.218  -9.399  1.00 30.06 ? 95  LEU A N   1 
ATOM   539  C  CA  . LEU A 1 73 ? -18.538 0.551   -10.366 1.00 31.90 ? 95  LEU A CA  1 
ATOM   540  C  C   . LEU A 1 73 ? -18.826 -0.243  -11.648 1.00 33.76 ? 95  LEU A C   1 
ATOM   541  O  O   . LEU A 1 73 ? -18.989 0.328   -12.729 1.00 33.09 ? 95  LEU A O   1 
ATOM   542  C  CB  . LEU A 1 73 ? -17.852 1.892   -10.696 1.00 31.73 ? 95  LEU A CB  1 
ATOM   543  C  CG  . LEU A 1 73 ? -17.377 2.826   -9.572  1.00 32.72 ? 95  LEU A CG  1 
ATOM   544  C  CD1 . LEU A 1 73 ? -16.992 4.168   -10.174 1.00 34.00 ? 95  LEU A CD1 1 
ATOM   545  C  CD2 . LEU A 1 73 ? -18.418 3.034   -8.474  1.00 32.42 ? 95  LEU A CD2 1 
ATOM   546  N  N   . GLU A 1 74 ? -18.887 -1.566  -11.540 1.00 36.24 ? 96  GLU A N   1 
ATOM   547  C  CA  . GLU A 1 74 ? -19.060 -2.364  -12.752 1.00 39.27 ? 96  GLU A CA  1 
ATOM   548  C  C   . GLU A 1 74 ? -20.417 -3.028  -12.954 1.00 40.93 ? 96  GLU A C   1 
ATOM   549  O  O   . GLU A 1 74 ? -21.177 -3.252  -12.008 1.00 41.69 ? 96  GLU A O   1 
ATOM   550  C  CB  . GLU A 1 74 ? -17.909 -3.355  -12.952 1.00 39.16 ? 96  GLU A CB  1 
ATOM   551  C  CG  . GLU A 1 74 ? -16.744 -2.744  -13.722 1.00 41.19 ? 96  GLU A CG  1 
ATOM   552  C  CD  . GLU A 1 74 ? -17.173 -2.108  -15.050 1.00 43.14 ? 96  GLU A CD  1 
ATOM   553  O  OE1 . GLU A 1 74 ? -17.557 -2.854  -15.982 1.00 44.65 ? 96  GLU A OE1 1 
ATOM   554  O  OE2 . GLU A 1 74 ? -17.121 -0.862  -15.164 1.00 42.79 ? 96  GLU A OE2 1 
ATOM   555  N  N   . HIS A 1 75 ? -20.703 -3.276  -14.231 1.00 42.57 ? 97  HIS A N   1 
ATOM   556  C  CA  . HIS A 1 75 ? -21.839 -4.057  -14.688 1.00 43.86 ? 97  HIS A CA  1 
ATOM   557  C  C   . HIS A 1 75 ? -21.408 -4.801  -15.950 1.00 44.12 ? 97  HIS A C   1 
ATOM   558  O  O   . HIS A 1 75 ? -20.290 -4.600  -16.458 1.00 44.55 ? 97  HIS A O   1 
ATOM   559  C  CB  . HIS A 1 75 ? -23.029 -3.145  -14.985 1.00 44.28 ? 97  HIS A CB  1 
ATOM   560  C  CG  . HIS A 1 75 ? -24.355 -3.791  -14.743 1.00 45.83 ? 97  HIS A CG  1 
ATOM   561  N  ND1 . HIS A 1 75 ? -25.210 -3.381  -13.743 1.00 47.56 ? 97  HIS A ND1 1 
ATOM   562  C  CD2 . HIS A 1 75 ? -24.969 -4.830  -15.361 1.00 47.37 ? 97  HIS A CD2 1 
ATOM   563  C  CE1 . HIS A 1 75 ? -26.298 -4.133  -13.760 1.00 48.55 ? 97  HIS A CE1 1 
ATOM   564  N  NE2 . HIS A 1 75 ? -26.175 -5.022  -14.730 1.00 48.21 ? 97  HIS A NE2 1 
ATOM   565  N  N   . VAL B 1 6  ? -13.987 8.284   7.857   1.00 38.84 ? 28  VAL B N   1 
ATOM   566  C  CA  . VAL B 1 6  ? -13.713 9.338   8.881   1.00 39.19 ? 28  VAL B CA  1 
ATOM   567  C  C   . VAL B 1 6  ? -12.539 8.912   9.777   1.00 38.79 ? 28  VAL B C   1 
ATOM   568  O  O   . VAL B 1 6  ? -11.662 9.723   10.093  1.00 38.97 ? 28  VAL B O   1 
ATOM   569  C  CB  . VAL B 1 6  ? -15.003 9.708   9.692   1.00 39.46 ? 28  VAL B CB  1 
ATOM   570  C  CG1 . VAL B 1 6  ? -14.680 10.474  10.977  1.00 40.15 ? 28  VAL B CG1 1 
ATOM   571  C  CG2 . VAL B 1 6  ? -15.954 10.521  8.829   1.00 39.32 ? 28  VAL B CG2 1 
ATOM   572  N  N   . ARG B 1 7  ? -12.523 7.631   10.151  1.00 37.94 ? 29  ARG B N   1 
ATOM   573  C  CA  . ARG B 1 7  ? -11.450 7.038   10.956  1.00 37.03 ? 29  ARG B CA  1 
ATOM   574  C  C   . ARG B 1 7  ? -10.155 6.987   10.154  1.00 35.16 ? 29  ARG B C   1 
ATOM   575  O  O   . ARG B 1 7  ? -10.177 6.648   8.978   1.00 35.60 ? 29  ARG B O   1 
ATOM   576  C  CB  . ARG B 1 7  ? -11.849 5.619   11.368  1.00 37.54 ? 29  ARG B CB  1 
ATOM   577  C  CG  . ARG B 1 7  ? -10.951 5.004   12.428  1.00 41.00 ? 29  ARG B CG  1 
ATOM   578  C  CD  . ARG B 1 7  ? -11.429 5.397   13.804  1.00 44.41 ? 29  ARG B CD  1 
ATOM   579  N  NE  . ARG B 1 7  ? -10.328 5.518   14.750  1.00 47.76 ? 29  ARG B NE  1 
ATOM   580  C  CZ  . ARG B 1 7  ? -10.453 6.000   15.984  1.00 49.89 ? 29  ARG B CZ  1 
ATOM   581  N  NH1 . ARG B 1 7  ? -11.640 6.416   16.425  1.00 51.12 ? 29  ARG B NH1 1 
ATOM   582  N  NH2 . ARG B 1 7  ? -9.391  6.069   16.777  1.00 50.56 ? 29  ARG B NH2 1 
ATOM   583  N  N   . THR B 1 8  ? -9.027  7.317   10.772  1.00 33.09 ? 30  THR B N   1 
ATOM   584  C  CA  . THR B 1 8  ? -7.763  7.236   10.022  1.00 31.11 ? 30  THR B CA  1 
ATOM   585  C  C   . THR B 1 8  ? -7.111  5.873   10.197  1.00 29.13 ? 30  THR B C   1 
ATOM   586  O  O   . THR B 1 8  ? -7.220  5.259   11.263  1.00 29.27 ? 30  THR B O   1 
ATOM   587  C  CB  . THR B 1 8  ? -6.809  8.477   10.182  1.00 31.45 ? 30  THR B CB  1 
ATOM   588  O  OG1 . THR B 1 8  ? -5.569  8.138   10.825  1.00 33.39 ? 30  THR B OG1 1 
ATOM   589  C  CG2 . THR B 1 8  ? -7.524  9.607   10.882  1.00 29.93 ? 30  THR B CG2 1 
ATOM   590  N  N   . LYS B 1 9  ? -6.516  5.389   9.112   1.00 27.32 ? 31  LYS B N   1 
ATOM   591  C  CA  . LYS B 1 9  ? -6.037  4.014   9.028   1.00 26.26 ? 31  LYS B CA  1 
ATOM   592  C  C   . LYS B 1 9  ? -5.008  3.681   10.077  1.00 25.52 ? 31  LYS B C   1 
ATOM   593  O  O   . LYS B 1 9  ? -4.100  4.465   10.358  1.00 25.49 ? 31  LYS B O   1 
ATOM   594  C  CB  . LYS B 1 9  ? -5.485  3.706   7.639   1.00 26.41 ? 31  LYS B CB  1 
ATOM   595  C  CG  . LYS B 1 9  ? -6.547  3.687   6.533   1.00 28.12 ? 31  LYS B CG  1 
ATOM   596  C  CD  . LYS B 1 9  ? -7.478  2.480   6.632   1.00 30.70 ? 31  LYS B CD  1 
ATOM   597  C  CE  . LYS B 1 9  ? -7.986  2.104   5.236   1.00 33.73 ? 31  LYS B CE  1 
ATOM   598  N  NZ  . LYS B 1 9  ? -8.104  0.625   5.066   1.00 37.76 ? 31  LYS B NZ  1 
ATOM   599  N  N   . LYS B 1 10 ? -5.197  2.528   10.692  1.00 24.99 ? 32  LYS B N   1 
ATOM   600  C  CA  . LYS B 1 10 ? -4.222  2.075   11.658  1.00 25.06 ? 32  LYS B CA  1 
ATOM   601  C  C   . LYS B 1 10 ? -3.071  1.382   10.938  1.00 24.56 ? 32  LYS B C   1 
ATOM   602  O  O   . LYS B 1 10 ? -3.138  1.063   9.747   1.00 24.53 ? 32  LYS B O   1 
ATOM   603  C  CB  . LYS B 1 10 ? -4.878  1.166   12.714  1.00 25.68 ? 32  LYS B CB  1 
ATOM   604  C  CG  . LYS B 1 10 ? -5.895  1.929   13.581  1.00 27.92 ? 32  LYS B CG  1 
ATOM   605  C  CD  . LYS B 1 10 ? -6.383  1.161   14.795  1.00 33.07 ? 32  LYS B CD  1 
ATOM   606  C  CE  . LYS B 1 10 ? -6.907  2.103   15.886  1.00 34.83 ? 32  LYS B CE  1 
ATOM   607  N  NZ  . LYS B 1 10 ? -8.044  2.997   15.478  1.00 37.43 ? 32  LYS B NZ  1 
ATOM   608  N  N   . VAL B 1 11 ? -1.982  1.175   11.670  1.00 23.76 ? 33  VAL B N   1 
ATOM   609  C  CA  . VAL B 1 11 ? -0.818  0.479   11.099  1.00 23.82 ? 33  VAL B CA  1 
ATOM   610  C  C   . VAL B 1 11 ? -1.156  -0.975  10.741  1.00 24.40 ? 33  VAL B C   1 
ATOM   611  O  O   . VAL B 1 11 ? -1.616  -1.710  11.601  1.00 24.43 ? 33  VAL B O   1 
ATOM   612  C  CB  . VAL B 1 11 ? 0.371   0.512   12.118  1.00 22.76 ? 33  VAL B CB  1 
ATOM   613  C  CG1 . VAL B 1 11 ? 1.577   -0.276  11.621  1.00 22.43 ? 33  VAL B CG1 1 
ATOM   614  C  CG2 . VAL B 1 11 ? 0.762   1.947   12.494  1.00 22.75 ? 33  VAL B CG2 1 
ATOM   615  N  N   . PRO B 1 12 ? -0.959  -1.367  9.459   1.00 24.82 ? 34  PRO B N   1 
ATOM   616  C  CA  . PRO B 1 12 ? -1.238  -2.764  9.065   1.00 25.76 ? 34  PRO B CA  1 
ATOM   617  C  C   . PRO B 1 12 ? -0.437  -3.763  9.914   1.00 25.58 ? 34  PRO B C   1 
ATOM   618  O  O   . PRO B 1 12 ? 0.751   -3.568  10.097  1.00 24.38 ? 34  PRO B O   1 
ATOM   619  C  CB  . PRO B 1 12 ? -0.779  -2.815  7.601   1.00 25.96 ? 34  PRO B CB  1 
ATOM   620  C  CG  . PRO B 1 12 ? -0.946  -1.462  7.126   1.00 26.82 ? 34  PRO B CG  1 
ATOM   621  C  CD  . PRO B 1 12 ? -0.519  -0.580  8.298   1.00 25.29 ? 34  PRO B CD  1 
ATOM   622  N  N   . LEU B 1 13 ? -1.063  -4.831  10.422  1.00 24.49 ? 35  LEU B N   1 
ATOM   623  C  CA  . LEU B 1 13 ? -0.292  -5.940  10.995  1.00 24.91 ? 35  LEU B CA  1 
ATOM   624  C  C   . LEU B 1 13 ? 0.072   -6.892  9.888   1.00 24.68 ? 35  LEU B C   1 
ATOM   625  O  O   . LEU B 1 13 ? -0.671  -7.819  9.584   1.00 24.10 ? 35  LEU B O   1 
ATOM   626  C  CB  . LEU B 1 13 ? -1.050  -6.695  12.099  1.00 25.30 ? 35  LEU B CB  1 
ATOM   627  C  CG  . LEU B 1 13 ? -0.269  -7.353  13.259  1.00 28.23 ? 35  LEU B CG  1 
ATOM   628  C  CD1 . LEU B 1 13 ? -0.897  -8.707  13.656  1.00 28.44 ? 35  LEU B CD1 1 
ATOM   629  C  CD2 . LEU B 1 13 ? 1.270   -7.527  13.074  1.00 27.68 ? 35  LEU B CD2 1 
ATOM   630  N  N   . ASP B 1 14 ? 1.219   -6.641  9.277   1.00 23.85 ? 36  ASP B N   1 
ATOM   631  C  CA  . ASP B 1 14 ? 1.665   -7.451  8.147   1.00 24.09 ? 36  ASP B CA  1 
ATOM   632  C  C   . ASP B 1 14 ? 3.176   -7.562  8.207   1.00 23.58 ? 36  ASP B C   1 
ATOM   633  O  O   . ASP B 1 14 ? 3.794   -7.088  9.158   1.00 23.30 ? 36  ASP B O   1 
ATOM   634  C  CB  . ASP B 1 14 ? 1.132   -6.865  6.823   1.00 24.50 ? 36  ASP B CB  1 
ATOM   635  C  CG  . ASP B 1 14 ? 1.685   -5.472  6.508   1.00 26.95 ? 36  ASP B CG  1 
ATOM   636  O  OD1 . ASP B 1 14 ? 1.084   -4.805  5.640   1.00 32.40 ? 36  ASP B OD1 1 
ATOM   637  O  OD2 . ASP B 1 14 ? 2.708   -5.058  7.102   1.00 25.12 ? 36  ASP B OD2 1 
ATOM   638  N  N   . THR B 1 15 ? 3.786   -8.203  7.220   1.00 24.69 ? 37  THR B N   1 
ATOM   639  C  CA  . THR B 1 15 ? 5.218   -8.409  7.236   1.00 25.91 ? 37  THR B CA  1 
ATOM   640  C  C   . THR B 1 15 ? 6.067   -7.117  7.312   1.00 25.16 ? 37  THR B C   1 
ATOM   641  O  O   . THR B 1 15 ? 7.081   -7.060  8.018   1.00 26.90 ? 37  THR B O   1 
ATOM   642  C  CB  . THR B 1 15 ? 5.620   -9.326  6.060   1.00 26.43 ? 37  THR B CB  1 
ATOM   643  O  OG1 . THR B 1 15 ? 5.431   -10.677 6.477   1.00 31.39 ? 37  THR B OG1 1 
ATOM   644  C  CG2 . THR B 1 15 ? 7.048   -9.136  5.706   1.00 27.33 ? 37  THR B CG2 1 
ATOM   645  N  N   . ASN B 1 16 ? 5.613   -6.064  6.638   1.00 24.90 ? 38  ASN B N   1 
ATOM   646  C  CA  . ASN B 1 16 ? 6.334   -4.793  6.619   1.00 24.80 ? 38  ASN B CA  1 
ATOM   647  C  C   . ASN B 1 16 ? 6.247   -3.972  7.895   1.00 23.65 ? 38  ASN B C   1 
ATOM   648  O  O   . ASN B 1 16 ? 7.061   -3.083  8.102   1.00 25.52 ? 38  ASN B O   1 
ATOM   649  C  CB  . ASN B 1 16 ? 5.808   -3.938  5.493   1.00 24.06 ? 38  ASN B CB  1 
ATOM   650  C  CG  . ASN B 1 16 ? 6.488   -4.241  4.186   1.00 24.79 ? 38  ASN B CG  1 
ATOM   651  O  OD1 . ASN B 1 16 ? 7.635   -4.665  4.146   1.00 30.36 ? 38  ASN B OD1 1 
ATOM   652  N  ND2 . ASN B 1 16 ? 5.782   -4.008  3.118   1.00 25.62 ? 38  ASN B ND2 1 
ATOM   653  N  N   . HIS B 1 17 ? 5.268   -4.277  8.738   1.00 21.48 ? 39  HIS B N   1 
ATOM   654  C  CA  . HIS B 1 17 ? 5.052   -3.472  9.951   1.00 21.14 ? 39  HIS B CA  1 
ATOM   655  C  C   . HIS B 1 17 ? 5.228   -4.243  11.242  1.00 20.82 ? 39  HIS B C   1 
ATOM   656  O  O   . HIS B 1 17 ? 5.213   -3.628  12.318  1.00 20.07 ? 39  HIS B O   1 
ATOM   657  C  CB  . HIS B 1 17 ? 3.677   -2.777  9.907   1.00 20.67 ? 39  HIS B CB  1 
ATOM   658  C  CG  . HIS B 1 17 ? 3.500   -1.847  8.743   1.00 17.59 ? 39  HIS B CG  1 
ATOM   659  N  ND1 . HIS B 1 17 ? 2.994   -2.272  7.529   1.00 21.55 ? 39  HIS B ND1 1 
ATOM   660  C  CD2 . HIS B 1 17 ? 3.738   -0.522  8.603   1.00 17.66 ? 39  HIS B CD2 1 
ATOM   661  C  CE1 . HIS B 1 17 ? 2.953   -1.255  6.692   1.00 18.88 ? 39  HIS B CE1 1 
ATOM   662  N  NE2 . HIS B 1 17 ? 3.410   -0.181  7.312   1.00 20.35 ? 39  HIS B NE2 1 
ATOM   663  N  N   . LYS B 1 18 ? 5.433   -5.562  11.149  1.00 20.56 ? 40  LYS B N   1 
ATOM   664  C  CA  . LYS B 1 18 ? 5.556   -6.448  12.335  1.00 20.51 ? 40  LYS B CA  1 
ATOM   665  C  C   . LYS B 1 18 ? 6.671   -5.965  13.252  1.00 19.39 ? 40  LYS B C   1 
ATOM   666  O  O   . LYS B 1 18 ? 6.489   -6.002  14.474  1.00 19.88 ? 40  LYS B O   1 
ATOM   667  C  CB  . LYS B 1 18 ? 5.810   -7.926  11.957  1.00 20.33 ? 40  LYS B CB  1 
ATOM   668  C  CG  . LYS B 1 18 ? 5.942   -8.873  13.161  1.00 23.66 ? 40  LYS B CG  1 
ATOM   669  C  CD  . LYS B 1 18 ? 5.820   -10.351 12.810  1.00 30.46 ? 40  LYS B CD  1 
ATOM   670  C  CE  . LYS B 1 18 ? 6.793   -10.779 11.733  1.00 32.83 ? 40  LYS B CE  1 
ATOM   671  N  NZ  . LYS B 1 18 ? 8.160   -11.081 12.271  1.00 35.62 ? 40  LYS B NZ  1 
ATOM   672  N  N   . ARG B 1 19 ? 7.809   -5.553  12.691  1.00 19.15 ? 41  ARG B N   1 
ATOM   673  C  CA  . ARG B 1 19 ? 8.925   -5.041  13.512  1.00 20.99 ? 41  ARG B CA  1 
ATOM   674  C  C   . ARG B 1 19 ? 8.540   -3.914  14.456  1.00 19.85 ? 41  ARG B C   1 
ATOM   675  O  O   . ARG B 1 19 ? 9.058   -3.832  15.572  1.00 21.17 ? 41  ARG B O   1 
ATOM   676  C  CB  . ARG B 1 19 ? 10.141  -4.652  12.660  1.00 21.88 ? 41  ARG B CB  1 
ATOM   677  C  CG  . ARG B 1 19 ? 9.949   -3.536  11.626  1.00 25.91 ? 41  ARG B CG  1 
ATOM   678  C  CD  . ARG B 1 19 ? 11.193  -3.414  10.699  1.00 31.81 ? 41  ARG B CD  1 
ATOM   679  N  NE  . ARG B 1 19 ? 12.010  -2.211  10.914  1.00 35.19 ? 41  ARG B NE  1 
ATOM   680  C  CZ  . ARG B 1 19 ? 12.369  -1.353  9.956   1.00 36.47 ? 41  ARG B CZ  1 
ATOM   681  N  NH1 . ARG B 1 19 ? 11.977  -1.533  8.696   1.00 37.90 ? 41  ARG B NH1 1 
ATOM   682  N  NH2 . ARG B 1 19 ? 13.117  -0.299  10.256  1.00 35.78 ? 41  ARG B NH2 1 
ATOM   683  N  N   . PHE B 1 20 ? 7.632   -3.043  14.015  1.00 19.64 ? 42  PHE B N   1 
ATOM   684  C  CA  . PHE B 1 20 ? 7.224   -1.892  14.802  1.00 19.10 ? 42  PHE B CA  1 
ATOM   685  C  C   . PHE B 1 20 ? 6.258   -2.312  15.890  1.00 18.71 ? 42  PHE B C   1 
ATOM   686  O  O   . PHE B 1 20 ? 6.366   -1.853  17.018  1.00 18.24 ? 42  PHE B O   1 
ATOM   687  C  CB  . PHE B 1 20 ? 6.666   -0.831  13.893  1.00 19.71 ? 42  PHE B CB  1 
ATOM   688  C  CG  . PHE B 1 20 ? 7.599   -0.488  12.771  1.00 21.09 ? 42  PHE B CG  1 
ATOM   689  C  CD1 . PHE B 1 20 ? 7.260   -0.749  11.448  1.00 19.45 ? 42  PHE B CD1 1 
ATOM   690  C  CD2 . PHE B 1 20 ? 8.866   -0.006  13.051  1.00 22.44 ? 42  PHE B CD2 1 
ATOM   691  C  CE1 . PHE B 1 20 ? 8.152   -0.452  10.396  1.00 21.87 ? 42  PHE B CE1 1 
ATOM   692  C  CE2 . PHE B 1 20 ? 9.774   0.280   12.015  1.00 23.08 ? 42  PHE B CE2 1 
ATOM   693  C  CZ  . PHE B 1 20 ? 9.397   0.072   10.689  1.00 22.66 ? 42  PHE B CZ  1 
ATOM   694  N  N   . TYR B 1 21 ? 5.346   -3.222  15.592  1.00 19.06 ? 43  TYR B N   1 
ATOM   695  C  CA  . TYR B 1 21 ? 4.536   -3.845  16.638  1.00 18.65 ? 43  TYR B CA  1 
ATOM   696  C  C   . TYR B 1 21 ? 5.418   -4.458  17.733  1.00 19.51 ? 43  TYR B C   1 
ATOM   697  O  O   . TYR B 1 21 ? 5.198   -4.209  18.917  1.00 20.36 ? 43  TYR B O   1 
ATOM   698  C  CB  . TYR B 1 21 ? 3.599   -4.903  16.031  1.00 19.24 ? 43  TYR B CB  1 
ATOM   699  C  CG  . TYR B 1 21 ? 2.313   -4.364  15.443  1.00 19.41 ? 43  TYR B CG  1 
ATOM   700  C  CD1 . TYR B 1 21 ? 2.258   -3.898  14.135  1.00 20.87 ? 43  TYR B CD1 1 
ATOM   701  C  CD2 . TYR B 1 21 ? 1.148   -4.383  16.189  1.00 20.10 ? 43  TYR B CD2 1 
ATOM   702  C  CE1 . TYR B 1 21 ? 1.067   -3.427  13.576  1.00 21.96 ? 43  TYR B CE1 1 
ATOM   703  C  CE2 . TYR B 1 21 ? -0.056  -3.920  15.629  1.00 22.09 ? 43  TYR B CE2 1 
ATOM   704  C  CZ  . TYR B 1 21 ? -0.062  -3.437  14.335  1.00 21.25 ? 43  TYR B CZ  1 
ATOM   705  O  OH  . TYR B 1 21 ? -1.254  -2.964  13.793  1.00 25.49 ? 43  TYR B OH  1 
ATOM   706  N  N   . ASP B 1 22 ? 6.411   -5.245  17.321  1.00 20.22 ? 44  ASP B N   1 
ATOM   707  C  CA  . ASP B 1 22 ? 7.230   -5.994  18.269  1.00 21.37 ? 44  ASP B CA  1 
ATOM   708  C  C   . ASP B 1 22 ? 8.052   -5.011  19.089  1.00 21.41 ? 44  ASP B C   1 
ATOM   709  O  O   . ASP B 1 22 ? 8.142   -5.167  20.312  1.00 22.79 ? 44  ASP B O   1 
ATOM   710  C  CB  . ASP B 1 22 ? 8.189   -6.936  17.551  1.00 20.68 ? 44  ASP B CB  1 
ATOM   711  C  CG  . ASP B 1 22 ? 7.520   -8.157  16.933  1.00 22.94 ? 44  ASP B CG  1 
ATOM   712  O  OD1 . ASP B 1 22 ? 6.426   -8.597  17.364  1.00 26.52 ? 44  ASP B OD1 1 
ATOM   713  O  OD2 . ASP B 1 22 ? 8.146   -8.693  15.991  1.00 24.57 ? 44  ASP B OD2 1 
ATOM   714  N  N   . ALA B 1 23 ? 8.613   -3.980  18.438  1.00 21.18 ? 45  ALA B N   1 
ATOM   715  C  CA  . ALA B 1 23 ? 9.438   -2.990  19.142  1.00 21.02 ? 45  ALA B CA  1 
ATOM   716  C  C   . ALA B 1 23 ? 8.608   -2.208  20.156  1.00 21.96 ? 45  ALA B C   1 
ATOM   717  O  O   . ALA B 1 23 ? 9.031   -1.996  21.302  1.00 21.08 ? 45  ALA B O   1 
ATOM   718  C  CB  . ALA B 1 23 ? 10.129  -2.052  18.152  1.00 21.26 ? 45  ALA B CB  1 
ATOM   719  N  N   . PHE B 1 24 ? 7.400   -1.821  19.758  1.00 20.29 ? 46  PHE B N   1 
ATOM   720  C  CA  . PHE B 1 24 ? 6.502   -1.070  20.633  1.00 22.17 ? 46  PHE B CA  1 
ATOM   721  C  C   . PHE B 1 24 ? 6.162   -1.920  21.868  1.00 23.05 ? 46  PHE B C   1 
ATOM   722  O  O   . PHE B 1 24 ? 6.195   -1.424  23.001  1.00 24.78 ? 46  PHE B O   1 
ATOM   723  C  CB  . PHE B 1 24 ? 5.216   -0.658  19.889  1.00 21.33 ? 46  PHE B CB  1 
ATOM   724  C  CG  . PHE B 1 24 ? 4.310   0.234   20.696  1.00 23.28 ? 46  PHE B CG  1 
ATOM   725  C  CD1 . PHE B 1 24 ? 4.771   1.450   21.198  1.00 25.85 ? 46  PHE B CD1 1 
ATOM   726  C  CD2 . PHE B 1 24 ? 2.977   -0.130  20.934  1.00 25.72 ? 46  PHE B CD2 1 
ATOM   727  C  CE1 . PHE B 1 24 ? 3.932   2.289   21.941  1.00 26.54 ? 46  PHE B CE1 1 
ATOM   728  C  CE2 . PHE B 1 24 ? 2.138   0.706   21.699  1.00 28.42 ? 46  PHE B CE2 1 
ATOM   729  C  CZ  . PHE B 1 24 ? 2.626   1.919   22.187  1.00 28.72 ? 46  PHE B CZ  1 
ATOM   730  N  N   . ALA B 1 25 ? 5.858   -3.194  21.644  1.00 23.57 ? 47  ALA B N   1 
ATOM   731  C  CA  . ALA B 1 25 ? 5.521   -4.091  22.752  1.00 25.76 ? 47  ALA B CA  1 
ATOM   732  C  C   . ALA B 1 25 ? 6.729   -4.279  23.678  1.00 26.22 ? 47  ALA B C   1 
ATOM   733  O  O   . ALA B 1 25 ? 6.571   -4.529  24.875  1.00 27.25 ? 47  ALA B O   1 
ATOM   734  C  CB  . ALA B 1 25 ? 5.011   -5.413  22.220  1.00 25.63 ? 47  ALA B CB  1 
ATOM   735  N  N   . GLN B 1 26 ? 7.929   -4.133  23.113  1.00 27.02 ? 48  GLN B N   1 
ATOM   736  C  CA  . GLN B 1 26 ? 9.183   -4.194  23.885  1.00 27.72 ? 48  GLN B CA  1 
ATOM   737  C  C   . GLN B 1 26 ? 9.548   -2.844  24.553  1.00 27.83 ? 48  GLN B C   1 
ATOM   738  O  O   . GLN B 1 26 ? 10.543  -2.752  25.299  1.00 29.28 ? 48  GLN B O   1 
ATOM   739  C  CB  . GLN B 1 26 ? 10.309  -4.764  23.007  1.00 27.72 ? 48  GLN B CB  1 
ATOM   740  C  CG  . GLN B 1 26 ? 10.094  -6.275  22.701  1.00 30.05 ? 48  GLN B CG  1 
ATOM   741  C  CD  . GLN B 1 26 ? 10.905  -6.785  21.520  1.00 33.75 ? 48  GLN B CD  1 
ATOM   742  O  OE1 . GLN B 1 26 ? 11.004  -7.998  21.290  1.00 37.90 ? 48  GLN B OE1 1 
ATOM   743  N  NE2 . GLN B 1 26 ? 11.481  -5.859  20.751  1.00 38.46 ? 48  GLN B NE2 1 
ATOM   744  N  N   . GLY B 1 27 ? 8.735   -1.812  24.326  1.00 27.58 ? 49  GLY B N   1 
ATOM   745  C  CA  . GLY B 1 27 ? 8.938   -0.525  24.970  1.00 27.05 ? 49  GLY B CA  1 
ATOM   746  C  C   . GLY B 1 27 ? 9.669   0.555   24.185  1.00 26.20 ? 49  GLY B C   1 
ATOM   747  O  O   . GLY B 1 27 ? 10.070  1.567   24.747  1.00 26.82 ? 49  GLY B O   1 
ATOM   748  N  N   . ALA B 1 28 ? 9.862   0.360   22.888  1.00 25.38 ? 50  ALA B N   1 
ATOM   749  C  CA  . ALA B 1 28 ? 10.368  1.431   22.058  1.00 24.51 ? 50  ALA B CA  1 
ATOM   750  C  C   . ALA B 1 28 ? 9.462   2.666   22.087  1.00 24.17 ? 50  ALA B C   1 
ATOM   751  O  O   . ALA B 1 28 ? 8.241   2.546   22.121  1.00 24.88 ? 50  ALA B O   1 
ATOM   752  C  CB  . ALA B 1 28 ? 10.560  0.936   20.636  1.00 23.97 ? 50  ALA B CB  1 
ATOM   753  N  N   . GLY B 1 29 ? 10.070  3.847   22.037  1.00 23.39 ? 51  GLY B N   1 
ATOM   754  C  CA  . GLY B 1 29 ? 9.322   5.092   22.012  1.00 22.79 ? 51  GLY B CA  1 
ATOM   755  C  C   . GLY B 1 29 ? 8.726   5.385   20.653  1.00 22.36 ? 51  GLY B C   1 
ATOM   756  O  O   . GLY B 1 29 ? 9.308   5.031   19.617  1.00 21.23 ? 51  GLY B O   1 
ATOM   757  N  N   . LYS B 1 30 ? 7.558   6.024   20.655  1.00 22.13 ? 52  LYS B N   1 
ATOM   758  C  CA  . LYS B 1 30 ? 6.871   6.312   19.389  1.00 22.52 ? 52  LYS B CA  1 
ATOM   759  C  C   . LYS B 1 30 ? 7.637   7.266   18.462  1.00 21.95 ? 52  LYS B C   1 
ATOM   760  O  O   . LYS B 1 30 ? 7.604   7.078   17.236  1.00 20.57 ? 52  LYS B O   1 
ATOM   761  C  CB  . LYS B 1 30 ? 5.427   6.786   19.618  1.00 23.64 ? 52  LYS B CB  1 
ATOM   762  C  CG  . LYS B 1 30 ? 4.567   5.744   20.290  1.00 26.25 ? 52  LYS B CG  1 
ATOM   763  C  CD  . LYS B 1 30 ? 3.093   6.078   20.253  1.00 31.19 ? 52  LYS B CD  1 
ATOM   764  C  CE  . LYS B 1 30 ? 2.426   5.528   21.502  1.00 33.52 ? 52  LYS B CE  1 
ATOM   765  N  NZ  . LYS B 1 30 ? 0.965   5.778   21.504  1.00 33.96 ? 52  LYS B NZ  1 
ATOM   766  N  N   . LEU B 1 31 ? 8.338   8.272   18.998  1.00 21.82 ? 53  LEU B N   1 
ATOM   767  C  CA  . LEU B 1 31 ? 9.124   9.122   18.110  1.00 23.20 ? 53  LEU B CA  1 
ATOM   768  C  C   . LEU B 1 31 ? 10.230  8.320   17.437  1.00 22.55 ? 53  LEU B C   1 
ATOM   769  O  O   . LEU B 1 31 ? 10.463  8.516   16.241  1.00 22.05 ? 53  LEU B O   1 
ATOM   770  C  CB  . LEU B 1 31 ? 9.727   10.334  18.821  1.00 24.04 ? 53  LEU B CB  1 
ATOM   771  C  CG  . LEU B 1 31 ? 8.785   11.494  19.112  1.00 26.56 ? 53  LEU B CG  1 
ATOM   772  C  CD1 . LEU B 1 31 ? 9.640   12.633  19.658  1.00 29.11 ? 53  LEU B CD1 1 
ATOM   773  C  CD2 . LEU B 1 31 ? 7.952   11.986  17.935  1.00 25.92 ? 53  LEU B CD2 1 
ATOM   774  N  N   . ASP B 1 32 ? 10.925  7.435   18.179  1.00 22.57 ? 54  ASP B N   1 
ATOM   775  C  CA  . ASP B 1 32 ? 11.996  6.600   17.579  1.00 22.47 ? 54  ASP B CA  1 
ATOM   776  C  C   . ASP B 1 32 ? 11.417  5.738   16.456  1.00 21.21 ? 54  ASP B C   1 
ATOM   777  O  O   . ASP B 1 32 ? 11.977  5.659   15.365  1.00 21.98 ? 54  ASP B O   1 
ATOM   778  C  CB  . ASP B 1 32 ? 12.710  5.693   18.607  1.00 22.90 ? 54  ASP B CB  1 
ATOM   779  C  CG  . ASP B 1 32 ? 13.627  6.451   19.574  1.00 27.99 ? 54  ASP B CG  1 
ATOM   780  O  OD1 . ASP B 1 32 ? 14.111  7.541   19.235  1.00 30.58 ? 54  ASP B OD1 1 
ATOM   781  O  OD2 . ASP B 1 32 ? 13.874  5.935   20.691  1.00 32.21 ? 54  ASP B OD2 1 
ATOM   782  N  N   . LEU B 1 33 ? 10.274  5.089   16.706  1.00 20.35 ? 55  LEU B N   1 
ATOM   783  C  CA  . LEU B 1 33 ? 9.635   4.309   15.648  1.00 18.63 ? 55  LEU B CA  1 
ATOM   784  C  C   . LEU B 1 33 ? 9.198   5.197   14.509  1.00 18.67 ? 55  LEU B C   1 
ATOM   785  O  O   . LEU B 1 33 ? 9.409   4.856   13.337  1.00 19.13 ? 55  LEU B O   1 
ATOM   786  C  CB  . LEU B 1 33 ? 8.434   3.541   16.178  1.00 19.49 ? 55  LEU B CB  1 
ATOM   787  C  CG  . LEU B 1 33 ? 8.759   2.630   17.340  1.00 18.35 ? 55  LEU B CG  1 
ATOM   788  C  CD1 . LEU B 1 33 ? 7.476   1.976   17.879  1.00 18.78 ? 55  LEU B CD1 1 
ATOM   789  C  CD2 . LEU B 1 33 ? 9.728   1.545   16.920  1.00 22.12 ? 55  LEU B CD2 1 
ATOM   790  N  N   . ASP B 1 34 ? 8.598   6.346   14.809  1.00 18.11 ? 56  ASP B N   1 
ATOM   791  C  CA  . ASP B 1 34 ? 8.237   7.312   13.731  1.00 18.00 ? 56  ASP B CA  1 
ATOM   792  C  C   . ASP B 1 34 ? 9.377   7.591   12.723  1.00 18.67 ? 56  ASP B C   1 
ATOM   793  O  O   . ASP B 1 34 ? 9.152   7.708   11.553  1.00 18.56 ? 56  ASP B O   1 
ATOM   794  C  CB  . ASP B 1 34 ? 7.759   8.671   14.257  1.00 18.82 ? 56  ASP B CB  1 
ATOM   795  C  CG  . ASP B 1 34 ? 6.447   8.605   15.000  1.00 19.73 ? 56  ASP B CG  1 
ATOM   796  O  OD1 . ASP B 1 34 ? 5.603   7.733   14.732  1.00 19.30 ? 56  ASP B OD1 1 
ATOM   797  O  OD2 . ASP B 1 34 ? 6.262   9.504   15.856  1.00 20.42 ? 56  ASP B OD2 1 
ATOM   798  N  N   . ARG B 1 35 ? 10.611  7.647   13.210  1.00 19.83 ? 57  ARG B N   1 
ATOM   799  C  CA  . ARG B 1 35 ? 11.732  7.989   12.342  1.00 20.81 ? 57  ARG B CA  1 
ATOM   800  C  C   . ARG B 1 35 ? 12.015  6.892   11.339  0.50 19.47 ? 57  ARG B C   1 
ATOM   801  O  O   . ARG B 1 35 ? 12.555  7.131   10.265  0.50 19.32 ? 57  ARG B O   1 
ATOM   802  C  CB  . ARG B 1 35 ? 12.970  8.299   13.162  1.00 21.47 ? 57  ARG B CB  1 
ATOM   803  C  CG  . ARG B 1 35 ? 12.912  9.694   13.759  1.00 23.81 ? 57  ARG B CG  1 
ATOM   804  C  CD  . ARG B 1 35 ? 14.207  10.057  14.492  1.00 26.42 ? 57  ARG B CD  1 
ATOM   805  N  NE  . ARG B 1 35 ? 14.078  11.347  15.168  1.00 26.10 ? 57  ARG B NE  1 
ATOM   806  C  CZ  . ARG B 1 35 ? 13.820  11.479  16.464  0.50 24.94 ? 57  ARG B CZ  1 
ATOM   807  N  NH1 . ARG B 1 35 ? 13.684  10.397  17.217  0.50 24.72 ? 57  ARG B NH1 1 
ATOM   808  N  NH2 . ARG B 1 35 ? 13.719  12.688  17.000  0.50 25.51 ? 57  ARG B NH2 1 
ATOM   809  N  N   . GLN B 1 36 ? 11.628  5.680   11.694  1.00 19.82 ? 58  GLN B N   1 
ATOM   810  C  CA  . GLN B 1 36 ? 11.877  4.525   10.828  1.00 19.20 ? 58  GLN B CA  1 
ATOM   811  C  C   . GLN B 1 36 ? 10.826  4.334   9.750   1.00 19.35 ? 58  GLN B C   1 
ATOM   812  O  O   . GLN B 1 36 ? 11.111  3.740   8.724   1.00 19.97 ? 58  GLN B O   1 
ATOM   813  C  CB  . GLN B 1 36 ? 11.978  3.260   11.647  1.00 19.70 ? 58  GLN B CB  1 
ATOM   814  C  CG  . GLN B 1 36 ? 13.166  3.288   12.576  1.00 24.25 ? 58  GLN B CG  1 
ATOM   815  C  CD  . GLN B 1 36 ? 13.315  2.048   13.425  1.00 32.06 ? 58  GLN B CD  1 
ATOM   816  O  OE1 . GLN B 1 36 ? 14.408  1.773   13.923  1.00 35.64 ? 58  GLN B OE1 1 
ATOM   817  N  NE2 . GLN B 1 36 ? 12.232  1.292   13.605  1.00 33.73 ? 58  GLN B NE2 1 
ATOM   818  N  N   . CYS B 1 37 ? 9.635   4.872   9.959   1.00 20.12 ? 59  CYS B N   1 
ATOM   819  C  CA  . CYS B 1 37 ? 8.565   4.775   8.985   1.00 20.64 ? 59  CYS B CA  1 
ATOM   820  C  C   . CYS B 1 37 ? 8.935   5.400   7.657   1.00 21.19 ? 59  CYS B C   1 
ATOM   821  O  O   . CYS B 1 37 ? 8.492   4.916   6.611   1.00 20.87 ? 59  CYS B O   1 
ATOM   822  C  CB  . CYS B 1 37 ? 7.332   5.481   9.514   1.00 19.42 ? 59  CYS B CB  1 
ATOM   823  S  SG  . CYS B 1 37 ? 6.771   5.027   11.148  1.00 18.47 ? 59  CYS B SG  1 
ATOM   824  N  N   . VAL B 1 38 ? 9.743   6.450   7.701   1.00 22.36 ? 60  VAL B N   1 
ATOM   825  C  CA  . VAL B 1 38 ? 10.109  7.194   6.488   1.00 24.98 ? 60  VAL B CA  1 
ATOM   826  C  C   . VAL B 1 38 ? 11.091  6.483   5.582   1.00 25.48 ? 60  VAL B C   1 
ATOM   827  O  O   . VAL B 1 38 ? 11.297  6.938   4.438   1.00 24.13 ? 60  VAL B O   1 
ATOM   828  C  CB  . VAL B 1 38 ? 10.587  8.637   6.786   1.00 26.21 ? 60  VAL B CB  1 
ATOM   829  C  CG1 . VAL B 1 38 ? 9.532   9.391   7.609   1.00 27.17 ? 60  VAL B CG1 1 
ATOM   830  C  CG2 . VAL B 1 38 ? 11.926  8.637   7.467   1.00 27.47 ? 60  VAL B CG2 1 
ATOM   831  N  N   . GLU B 1 39 ? 11.661  5.370   6.041   1.00 25.63 ? 61  GLU B N   1 
ATOM   832  C  CA  . GLU B 1 39 ? 12.427  4.492   5.126   1.00 25.61 ? 61  GLU B CA  1 
ATOM   833  C  C   . GLU B 1 39 ? 11.568  4.164   3.898   1.00 25.34 ? 61  GLU B C   1 
ATOM   834  O  O   . GLU B 1 39 ? 12.055  4.118   2.757   1.00 26.99 ? 61  GLU B O   1 
ATOM   835  C  CB  . GLU B 1 39 ? 12.882  3.192   5.812   1.00 26.37 ? 61  GLU B CB  1 
ATOM   836  C  CG  . GLU B 1 39 ? 13.724  3.406   7.066   1.00 30.29 ? 61  GLU B CG  1 
ATOM   837  C  CD  . GLU B 1 39 ? 13.872  2.149   7.938   1.00 33.61 ? 61  GLU B CD  1 
ATOM   838  O  OE1 . GLU B 1 39 ? 15.030  1.806   8.299   1.00 38.34 ? 61  GLU B OE1 1 
ATOM   839  O  OE2 . GLU B 1 39 ? 12.845  1.514   8.300   1.00 38.50 ? 61  GLU B OE2 1 
ATOM   840  N  N   . CYS B 1 40 ? 10.280  3.966   4.119   1.00 23.29 ? 62  CYS B N   1 
ATOM   841  C  CA  . CYS B 1 40 ? 9.376   3.577   3.050   1.00 23.22 ? 62  CYS B CA  1 
ATOM   842  C  C   . CYS B 1 40 ? 8.366   4.634   2.674   1.00 23.12 ? 62  CYS B C   1 
ATOM   843  O  O   . CYS B 1 40 ? 8.009   4.748   1.515   1.00 22.74 ? 62  CYS B O   1 
ATOM   844  C  CB  . CYS B 1 40 ? 8.647   2.315   3.446   1.00 22.58 ? 62  CYS B CB  1 
ATOM   845  S  SG  . CYS B 1 40 ? 9.726   0.898   3.658   1.00 22.43 ? 62  CYS B SG  1 
ATOM   846  N  N   . HIS B 1 41 ? 7.837   5.340   3.658   1.00 22.48 ? 63  HIS B N   1 
ATOM   847  C  CA  . HIS B 1 41 ? 6.794   6.308   3.437   1.00 23.02 ? 63  HIS B CA  1 
ATOM   848  C  C   . HIS B 1 41 ? 7.478   7.657   3.204   1.00 23.92 ? 63  HIS B C   1 
ATOM   849  O  O   . HIS B 1 41 ? 7.855   8.360   4.146   1.00 24.41 ? 63  HIS B O   1 
ATOM   850  C  CB  . HIS B 1 41 ? 5.894   6.309   4.678   1.00 21.56 ? 63  HIS B CB  1 
ATOM   851  C  CG  . HIS B 1 41 ? 5.058   5.065   4.829   1.00 19.46 ? 63  HIS B CG  1 
ATOM   852  N  ND1 . HIS B 1 41 ? 3.886   4.870   4.128   1.00 20.70 ? 63  HIS B ND1 1 
ATOM   853  C  CD2 . HIS B 1 41 ? 5.184   3.985   5.650   1.00 17.33 ? 63  HIS B CD2 1 
ATOM   854  C  CE1 . HIS B 1 41 ? 3.350   3.715   4.481   1.00 20.35 ? 63  HIS B CE1 1 
ATOM   855  N  NE2 . HIS B 1 41 ? 4.118   3.156   5.401   1.00 19.69 ? 63  HIS B NE2 1 
ATOM   856  N  N   . HIS B 1 42 ? 7.696   7.984   1.930   1.00 25.03 ? 64  HIS B N   1 
ATOM   857  C  CA  . HIS B 1 42 ? 8.400   9.199   1.556   1.00 26.07 ? 64  HIS B CA  1 
ATOM   858  C  C   . HIS B 1 42 ? 8.184   9.513   0.090   1.00 27.29 ? 64  HIS B C   1 
ATOM   859  O  O   . HIS B 1 42 ? 7.606   8.718   -0.633  1.00 26.25 ? 64  HIS B O   1 
ATOM   860  C  CB  . HIS B 1 42 ? 9.905   9.059   1.820   1.00 26.15 ? 64  HIS B CB  1 
ATOM   861  C  CG  . HIS B 1 42 ? 10.586  8.131   0.873   1.00 24.15 ? 64  HIS B CG  1 
ATOM   862  N  ND1 . HIS B 1 42 ? 11.079  6.905   1.247   1.00 23.43 ? 64  HIS B ND1 1 
ATOM   863  C  CD2 . HIS B 1 42 ? 10.828  8.247   -0.456  1.00 21.94 ? 64  HIS B CD2 1 
ATOM   864  C  CE1 . HIS B 1 42 ? 11.617  6.313   0.191   1.00 25.66 ? 64  HIS B CE1 1 
ATOM   865  N  NE2 . HIS B 1 42 ? 11.442  7.093   -0.857  1.00 26.02 ? 64  HIS B NE2 1 
ATOM   866  N  N   . GLU B 1 43 ? 8.712   10.650  -0.352  1.00 28.08 ? 65  GLU B N   1 
ATOM   867  C  CA  . GLU B 1 43 ? 8.441   11.120  -1.701  1.00 30.62 ? 65  GLU B CA  1 
ATOM   868  C  C   . GLU B 1 43 ? 9.411   10.559  -2.736  1.00 31.00 ? 65  GLU B C   1 
ATOM   869  O  O   . GLU B 1 43 ? 10.414  9.944   -2.373  1.00 31.10 ? 65  GLU B O   1 
ATOM   870  C  CB  . GLU B 1 43 ? 8.389   12.643  -1.724  1.00 31.14 ? 65  GLU B CB  1 
ATOM   871  C  CG  . GLU B 1 43 ? 7.252   13.220  -0.865  1.00 33.56 ? 65  GLU B CG  1 
ATOM   872  C  CD  . GLU B 1 43 ? 5.867   12.672  -1.237  1.00 35.91 ? 65  GLU B CD  1 
ATOM   873  O  OE1 . GLU B 1 43 ? 5.297   13.118  -2.261  1.00 38.79 ? 65  GLU B OE1 1 
ATOM   874  O  OE2 . GLU B 1 43 ? 5.349   11.804  -0.499  1.00 34.76 ? 65  GLU B OE2 1 
ATOM   875  N  N   . LYS B 1 44 ? 9.063   10.721  -4.013  1.00 32.27 ? 66  LYS B N   1 
ATOM   876  C  CA  . LYS B 1 44 ? 9.939   10.305  -5.119  1.00 34.30 ? 66  LYS B CA  1 
ATOM   877  C  C   . LYS B 1 44 ? 11.360  10.827  -4.926  1.00 34.35 ? 66  LYS B C   1 
ATOM   878  O  O   . LYS B 1 44 ? 11.535  11.999  -4.587  1.00 34.70 ? 66  LYS B O   1 
ATOM   879  C  CB  . LYS B 1 44 ? 9.371   10.750  -6.465  1.00 34.71 ? 66  LYS B CB  1 
ATOM   880  C  CG  . LYS B 1 44 ? 8.626   9.642   -7.163  1.00 36.74 ? 66  LYS B CG  1 
ATOM   881  C  CD  . LYS B 1 44 ? 7.336   9.292   -6.443  1.00 38.93 ? 66  LYS B CD  1 
ATOM   882  C  CE  . LYS B 1 44 ? 6.965   7.849   -6.693  1.00 40.88 ? 66  LYS B CE  1 
ATOM   883  N  NZ  . LYS B 1 44 ? 5.851   7.435   -5.817  1.00 40.75 ? 66  LYS B NZ  1 
ATOM   884  N  N   . PRO B 1 45 ? 12.382  9.972   -5.174  1.00 34.62 ? 67  PRO B N   1 
ATOM   885  C  CA  . PRO B 1 45 ? 12.307  8.735   -5.955  1.00 34.52 ? 67  PRO B CA  1 
ATOM   886  C  C   . PRO B 1 45 ? 11.927  7.522   -5.098  1.00 34.14 ? 67  PRO B C   1 
ATOM   887  O  O   . PRO B 1 45 ? 12.430  7.371   -3.973  1.00 34.63 ? 67  PRO B O   1 
ATOM   888  C  CB  . PRO B 1 45 ? 13.734  8.591   -6.520  1.00 34.38 ? 67  PRO B CB  1 
ATOM   889  C  CG  . PRO B 1 45 ? 14.641  9.374   -5.531  1.00 34.88 ? 67  PRO B CG  1 
ATOM   890  C  CD  . PRO B 1 45 ? 13.730  10.165  -4.594  1.00 34.78 ? 67  PRO B CD  1 
ATOM   891  N  N   . GLY B 1 46 ? 11.027  6.694   -5.621  1.00 33.80 ? 68  GLY B N   1 
ATOM   892  C  CA  . GLY B 1 46 ? 10.674  5.443   -4.973  1.00 33.03 ? 68  GLY B CA  1 
ATOM   893  C  C   . GLY B 1 46 ? 9.826   5.633   -3.731  1.00 32.06 ? 68  GLY B C   1 
ATOM   894  O  O   . GLY B 1 46 ? 9.262   6.699   -3.514  1.00 32.60 ? 68  GLY B O   1 
ATOM   895  N  N   . GLY B 1 47 ? 9.723   4.567   -2.947  1.00 31.02 ? 69  GLY B N   1 
ATOM   896  C  CA  . GLY B 1 47 ? 8.925   4.567   -1.726  1.00 30.14 ? 69  GLY B CA  1 
ATOM   897  C  C   . GLY B 1 47 ? 7.438   4.619   -2.001  1.00 29.40 ? 69  GLY B C   1 
ATOM   898  O  O   . GLY B 1 47 ? 6.983   4.382   -3.118  1.00 29.05 ? 69  GLY B O   1 
ATOM   899  N  N   . ILE B 1 48 ? 6.687   4.929   -0.949  1.00 29.26 ? 70  ILE B N   1 
ATOM   900  C  CA  . ILE B 1 48 ? 5.251   4.987   -0.985  1.00 29.71 ? 70  ILE B CA  1 
ATOM   901  C  C   . ILE B 1 48 ? 4.903   6.437   -0.685  1.00 29.38 ? 70  ILE B C   1 
ATOM   902  O  O   . ILE B 1 48 ? 5.077   6.905   0.450   1.00 29.18 ? 70  ILE B O   1 
ATOM   903  C  CB  . ILE B 1 48 ? 4.622   4.041   0.067   1.00 29.98 ? 70  ILE B CB  1 
ATOM   904  C  CG1 . ILE B 1 48 ? 5.201   2.612   -0.032  1.00 30.48 ? 70  ILE B CG1 1 
ATOM   905  C  CG2 . ILE B 1 48 ? 3.087   4.068   -0.045  1.00 30.63 ? 70  ILE B CG2 1 
ATOM   906  C  CD1 . ILE B 1 48 ? 4.701   1.773   -1.211  1.00 31.98 ? 70  ILE B CD1 1 
ATOM   907  N  N   . PRO B 1 49 ? 4.453   7.181   -1.713  1.00 30.07 ? 71  PRO B N   1 
ATOM   908  C  CA  . PRO B 1 49 ? 4.156   8.576   -1.469  1.00 30.34 ? 71  PRO B CA  1 
ATOM   909  C  C   . PRO B 1 49 ? 2.849   8.744   -0.703  1.00 30.64 ? 71  PRO B C   1 
ATOM   910  O  O   . PRO B 1 49 ? 1.907   7.951   -0.862  1.00 30.45 ? 71  PRO B O   1 
ATOM   911  C  CB  . PRO B 1 49 ? 4.003   9.145   -2.882  1.00 30.83 ? 71  PRO B CB  1 
ATOM   912  C  CG  . PRO B 1 49 ? 3.420   7.999   -3.642  1.00 30.43 ? 71  PRO B CG  1 
ATOM   913  C  CD  . PRO B 1 49 ? 4.154   6.790   -3.105  1.00 30.28 ? 71  PRO B CD  1 
ATOM   914  N  N   . PHE B 1 50 ? 2.802   9.791   0.098   1.00 30.87 ? 72  PHE B N   1 
ATOM   915  C  CA  . PHE B 1 50 ? 1.597   10.157  0.831   1.00 31.27 ? 72  PHE B CA  1 
ATOM   916  C  C   . PHE B 1 50 ? 0.540   10.692  -0.128  1.00 32.75 ? 72  PHE B C   1 
ATOM   917  O  O   . PHE B 1 50 ? 0.889   11.244  -1.189  1.00 32.52 ? 72  PHE B O   1 
ATOM   918  C  CB  . PHE B 1 50 ? 1.936   11.231  1.862   1.00 30.98 ? 72  PHE B CB  1 
ATOM   919  C  CG  . PHE B 1 50 ? 2.960   10.805  2.869   1.00 30.16 ? 72  PHE B CG  1 
ATOM   920  C  CD1 . PHE B 1 50 ? 4.304   11.094  2.682   1.00 29.17 ? 72  PHE B CD1 1 
ATOM   921  C  CD2 . PHE B 1 50 ? 2.575   10.085  3.993   1.00 28.75 ? 72  PHE B CD2 1 
ATOM   922  C  CE1 . PHE B 1 50 ? 5.248   10.701  3.605   1.00 30.56 ? 72  PHE B CE1 1 
ATOM   923  C  CE2 . PHE B 1 50 ? 3.508   9.692   4.932   1.00 27.75 ? 72  PHE B CE2 1 
ATOM   924  C  CZ  . PHE B 1 50 ? 4.854   10.004  4.738   1.00 28.90 ? 72  PHE B CZ  1 
ATOM   925  N  N   . PRO B 1 51 ? -0.750  10.547  0.236   1.00 33.16 ? 73  PRO B N   1 
ATOM   926  C  CA  . PRO B 1 51 ? -1.828  11.189  -0.526  1.00 33.94 ? 73  PRO B CA  1 
ATOM   927  C  C   . PRO B 1 51 ? -1.578  12.685  -0.689  1.00 34.68 ? 73  PRO B C   1 
ATOM   928  O  O   . PRO B 1 51 ? -0.902  13.293  0.135   1.00 35.19 ? 73  PRO B O   1 
ATOM   929  C  CB  . PRO B 1 51 ? -3.062  10.964  0.353   1.00 33.94 ? 73  PRO B CB  1 
ATOM   930  C  CG  . PRO B 1 51 ? -2.758  9.743   1.144   1.00 34.00 ? 73  PRO B CG  1 
ATOM   931  C  CD  . PRO B 1 51 ? -1.268  9.755   1.369   1.00 33.09 ? 73  PRO B CD  1 
ATOM   932  N  N   . LYS B 1 52 ? -2.094  13.287  -1.754  1.00 35.25 ? 74  LYS B N   1 
ATOM   933  C  CA  . LYS B 1 52 ? -2.095  14.735  -1.820  1.00 36.00 ? 74  LYS B CA  1 
ATOM   934  C  C   . LYS B 1 52 ? -2.961  15.193  -0.650  1.00 35.71 ? 74  LYS B C   1 
ATOM   935  O  O   . LYS B 1 52 ? -3.950  14.532  -0.309  1.00 36.90 ? 74  LYS B O   1 
ATOM   936  C  CB  . LYS B 1 52 ? -2.673  15.228  -3.148  1.00 36.38 ? 74  LYS B CB  1 
ATOM   937  C  CG  . LYS B 1 52 ? -2.356  16.676  -3.471  1.00 37.25 ? 74  LYS B CG  1 
ATOM   938  C  CD  . LYS B 1 52 ? -2.823  17.025  -4.881  1.00 39.47 ? 74  LYS B CD  1 
ATOM   939  C  CE  . LYS B 1 52 ? -3.287  18.463  -4.973  1.00 38.46 ? 74  LYS B CE  1 
ATOM   940  N  NZ  . LYS B 1 52 ? -4.337  18.570  -6.019  1.00 38.65 ? 74  LYS B NZ  1 
ATOM   941  N  N   . ASN B 1 53 ? -2.562  16.298  -0.027  1.00 35.66 ? 75  ASN B N   1 
ATOM   942  C  CA  . ASN B 1 53 ? -3.234  16.845  1.162   1.00 34.60 ? 75  ASN B CA  1 
ATOM   943  C  C   . ASN B 1 53 ? -2.800  16.202  2.478   1.00 33.75 ? 75  ASN B C   1 
ATOM   944  O  O   . ASN B 1 53 ? -3.220  16.654  3.541   1.00 33.63 ? 75  ASN B O   1 
ATOM   945  C  CB  . ASN B 1 53 ? -4.763  16.777  1.034   1.00 35.09 ? 75  ASN B CB  1 
ATOM   946  C  CG  . ASN B 1 53 ? -5.300  17.591  -0.145  1.00 36.36 ? 75  ASN B CG  1 
ATOM   947  O  OD1 . ASN B 1 53 ? -4.574  18.379  -0.763  1.00 38.74 ? 75  ASN B OD1 1 
ATOM   948  N  ND2 . ASN B 1 53 ? -6.583  17.411  -0.447  1.00 35.33 ? 75  ASN B ND2 1 
ATOM   949  N  N   . HIS B 1 54 ? -1.981  15.149  2.418   1.00 32.11 ? 76  HIS B N   1 
ATOM   950  C  CA  . HIS B 1 54 ? -1.418  14.560  3.643   1.00 30.25 ? 76  HIS B CA  1 
ATOM   951  C  C   . HIS B 1 54 ? -0.539  15.584  4.345   1.00 30.20 ? 76  HIS B C   1 
ATOM   952  O  O   . HIS B 1 54 ? 0.107   16.387  3.677   1.00 29.93 ? 76  HIS B O   1 
ATOM   953  C  CB  . HIS B 1 54 ? -0.575  13.312  3.336   1.00 29.71 ? 76  HIS B CB  1 
ATOM   954  C  CG  . HIS B 1 54 ? -0.272  12.482  4.551   1.00 26.18 ? 76  HIS B CG  1 
ATOM   955  N  ND1 . HIS B 1 54 ? 0.802   12.732  5.382   1.00 24.09 ? 76  HIS B ND1 1 
ATOM   956  C  CD2 . HIS B 1 54 ? -0.925  11.427  5.084   1.00 24.85 ? 76  HIS B CD2 1 
ATOM   957  C  CE1 . HIS B 1 54 ? 0.795   11.853  6.372   1.00 20.73 ? 76  HIS B CE1 1 
ATOM   958  N  NE2 . HIS B 1 54 ? -0.242  11.055  6.214   1.00 22.77 ? 76  HIS B NE2 1 
ATOM   959  N  N   . PRO B 1 55 ? -0.502  15.556  5.694   1.00 29.34 ? 77  PRO B N   1 
ATOM   960  C  CA  . PRO B 1 55 ? 0.436   16.381  6.448   1.00 29.55 ? 77  PRO B CA  1 
ATOM   961  C  C   . PRO B 1 55 ? 1.875   16.232  5.973   1.00 30.33 ? 77  PRO B C   1 
ATOM   962  O  O   . PRO B 1 55 ? 2.279   15.148  5.537   1.00 31.26 ? 77  PRO B O   1 
ATOM   963  C  CB  . PRO B 1 55 ? 0.312   15.837  7.877   1.00 29.05 ? 77  PRO B CB  1 
ATOM   964  C  CG  . PRO B 1 55 ? -1.010  15.222  7.941   1.00 28.45 ? 77  PRO B CG  1 
ATOM   965  C  CD  . PRO B 1 55 ? -1.378  14.756  6.579   1.00 28.92 ? 77  PRO B CD  1 
ATOM   966  N  N   . VAL B 1 56 ? 2.640   17.311  6.092   1.00 31.86 ? 78  VAL B N   1 
ATOM   967  C  CA  . VAL B 1 56 ? 4.049   17.307  5.721   1.00 33.16 ? 78  VAL B CA  1 
ATOM   968  C  C   . VAL B 1 56 ? 4.910   17.364  6.991   1.00 33.29 ? 78  VAL B C   1 
ATOM   969  O  O   . VAL B 1 56 ? 4.422   17.766  8.041   1.00 33.94 ? 78  VAL B O   1 
ATOM   970  C  CB  . VAL B 1 56 ? 4.342   18.468  4.732   1.00 33.56 ? 78  VAL B CB  1 
ATOM   971  C  CG1 . VAL B 1 56 ? 4.876   19.704  5.463   1.00 34.20 ? 78  VAL B CG1 1 
ATOM   972  C  CG2 . VAL B 1 56 ? 5.269   18.004  3.617   1.00 34.69 ? 78  VAL B CG2 1 
ATOM   973  N  N   . LYS B 1 57 ? 6.181   16.964  6.909   1.00 33.91 ? 79  LYS B N   1 
ATOM   974  C  CA  . LYS B 1 57 ? 7.057   16.929  8.085   1.00 34.43 ? 79  LYS B CA  1 
ATOM   975  C  C   . LYS B 1 57 ? 7.205   18.282  8.820   1.00 34.46 ? 79  LYS B C   1 
ATOM   976  O  O   . LYS B 1 57 ? 7.253   19.334  8.172   1.00 34.50 ? 79  LYS B O   1 
ATOM   977  C  CB  . LYS B 1 57 ? 8.445   16.383  7.713   1.00 35.20 ? 79  LYS B CB  1 
ATOM   978  C  CG  . LYS B 1 57 ? 9.292   16.036  8.915   1.00 36.21 ? 79  LYS B CG  1 
ATOM   979  C  CD  . LYS B 1 57 ? 10.738  15.812  8.570   1.00 38.18 ? 79  LYS B CD  1 
ATOM   980  C  CE  . LYS B 1 57 ? 11.597  16.243  9.738   1.00 39.30 ? 79  LYS B CE  1 
ATOM   981  N  NZ  . LYS B 1 57 ? 12.451  15.148  10.236  1.00 38.91 ? 79  LYS B NZ  1 
ATOM   982  N  N   . PRO B 1 58 ? 7.285   18.256  10.170  1.00 34.40 ? 80  PRO B N   1 
ATOM   983  C  CA  . PRO B 1 58 ? 7.526   19.479  10.930  1.00 35.03 ? 80  PRO B CA  1 
ATOM   984  C  C   . PRO B 1 58 ? 8.986   19.922  10.838  1.00 35.63 ? 80  PRO B C   1 
ATOM   985  O  O   . PRO B 1 58 ? 9.840   19.147  10.367  1.00 35.44 ? 80  PRO B O   1 
ATOM   986  C  CB  . PRO B 1 58 ? 7.202   19.063  12.364  1.00 34.68 ? 80  PRO B CB  1 
ATOM   987  C  CG  . PRO B 1 58 ? 7.504   17.638  12.411  1.00 34.78 ? 80  PRO B CG  1 
ATOM   988  C  CD  . PRO B 1 58 ? 7.154   17.091  11.067  1.00 34.36 ? 80  PRO B CD  1 
ATOM   989  N  N   . ALA B 1 59 ? 9.267   21.144  11.291  1.00 37.02 ? 81  ALA B N   1 
ATOM   990  C  CA  . ALA B 1 59 ? 10.641  21.657  11.304  1.00 37.82 ? 81  ALA B CA  1 
ATOM   991  C  C   . ALA B 1 59 ? 11.496  20.965  12.372  1.00 38.28 ? 81  ALA B C   1 
ATOM   992  O  O   . ALA B 1 59 ? 12.657  20.624  12.128  1.00 38.84 ? 81  ALA B O   1 
ATOM   993  C  CB  . ALA B 1 59 ? 10.648  23.170  11.497  1.00 37.96 ? 81  ALA B CB  1 
ATOM   994  N  N   . ASP B 1 60 ? 10.913  20.757  13.549  1.00 38.41 ? 82  ASP B N   1 
ATOM   995  C  CA  . ASP B 1 60 ? 11.583  20.048  14.639  1.00 37.97 ? 82  ASP B CA  1 
ATOM   996  C  C   . ASP B 1 60 ? 10.962  18.668  14.825  1.00 36.94 ? 82  ASP B C   1 
ATOM   997  O  O   . ASP B 1 60 ? 9.736   18.525  14.930  1.00 37.56 ? 82  ASP B O   1 
ATOM   998  C  CB  . ASP B 1 60 ? 11.472  20.835  15.946  1.00 38.63 ? 82  ASP B CB  1 
ATOM   999  C  CG  . ASP B 1 60 ? 11.901  22.284  15.797  1.00 40.89 ? 82  ASP B CG  1 
ATOM   1000 O  OD1 . ASP B 1 60 ? 12.703  22.600  14.885  1.00 44.22 ? 82  ASP B OD1 1 
ATOM   1001 O  OD2 . ASP B 1 60 ? 11.433  23.111  16.606  1.00 42.61 ? 82  ASP B OD2 1 
ATOM   1002 N  N   . GLY B 1 61 ? 11.814  17.654  14.860  1.00 35.01 ? 83  GLY B N   1 
ATOM   1003 C  CA  . GLY B 1 61 ? 11.368  16.294  15.088  1.00 32.57 ? 83  GLY B CA  1 
ATOM   1004 C  C   . GLY B 1 61 ? 10.749  15.629  13.874  1.00 30.24 ? 83  GLY B C   1 
ATOM   1005 O  O   . GLY B 1 61 ? 10.554  16.260  12.825  1.00 30.26 ? 83  GLY B O   1 
ATOM   1006 N  N   . PRO B 1 62 ? 10.459  14.331  14.005  1.00 29.13 ? 84  PRO B N   1 
ATOM   1007 C  CA  . PRO B 1 62 ? 9.862   13.586  12.900  1.00 27.74 ? 84  PRO B CA  1 
ATOM   1008 C  C   . PRO B 1 62 ? 8.367   13.855  12.772  1.00 26.60 ? 84  PRO B C   1 
ATOM   1009 O  O   . PRO B 1 62 ? 7.737   14.323  13.723  1.00 25.81 ? 84  PRO B O   1 
ATOM   1010 C  CB  . PRO B 1 62 ? 10.089  12.132  13.316  1.00 28.13 ? 84  PRO B CB  1 
ATOM   1011 C  CG  . PRO B 1 62 ? 10.015  12.173  14.787  1.00 27.75 ? 84  PRO B CG  1 
ATOM   1012 C  CD  . PRO B 1 62 ? 10.664  13.481  15.191  1.00 28.57 ? 84  PRO B CD  1 
ATOM   1013 N  N   . MET B 1 63 ? 7.818   13.561  11.596  1.00 24.38 ? 85  MET B N   1 
ATOM   1014 C  CA  . MET B 1 63 ? 6.361   13.536  11.456  1.00 22.90 ? 85  MET B CA  1 
ATOM   1015 C  C   . MET B 1 63 ? 5.850   12.458  12.397  1.00 21.27 ? 85  MET B C   1 
ATOM   1016 O  O   . MET B 1 63 ? 6.379   11.350  12.443  1.00 22.22 ? 85  MET B O   1 
ATOM   1017 C  CB  . MET B 1 63 ? 5.946   13.249  10.027  1.00 23.16 ? 85  MET B CB  1 
ATOM   1018 C  CG  . MET B 1 63 ? 4.548   13.755  9.713   1.00 25.09 ? 85  MET B CG  1 
ATOM   1019 S  SD  . MET B 1 63 ? 3.997   13.137  8.097   1.00 30.42 ? 85  MET B SD  1 
ATOM   1020 C  CE  . MET B 1 63 ? 5.250   13.730  6.950   1.00 27.16 ? 85  MET B CE  1 
ATOM   1021 N  N   . ARG B 1 64 ? 4.832   12.808  13.176  1.00 19.66 ? 86  ARG B N   1 
ATOM   1022 C  CA  . ARG B 1 64 ? 4.362   11.957  14.270  1.00 19.78 ? 86  ARG B CA  1 
ATOM   1023 C  C   . ARG B 1 64 ? 3.360   10.910  13.771  1.00 20.14 ? 86  ARG B C   1 
ATOM   1024 O  O   . ARG B 1 64 ? 2.160   10.987  14.073  1.00 20.42 ? 86  ARG B O   1 
ATOM   1025 C  CB  . ARG B 1 64 ? 3.768   12.819  15.395  1.00 21.37 ? 86  ARG B CB  1 
ATOM   1026 C  CG  . ARG B 1 64 ? 4.809   13.663  16.079  1.00 24.02 ? 86  ARG B CG  1 
ATOM   1027 C  CD  . ARG B 1 64 ? 4.188   14.420  17.207  1.00 29.00 ? 86  ARG B CD  1 
ATOM   1028 N  NE  . ARG B 1 64 ? 3.704   13.520  18.247  1.00 33.10 ? 86  ARG B NE  1 
ATOM   1029 C  CZ  . ARG B 1 64 ? 2.860   13.881  19.211  1.00 37.43 ? 86  ARG B CZ  1 
ATOM   1030 N  NH1 . ARG B 1 64 ? 2.403   15.124  19.256  1.00 38.31 ? 86  ARG B NH1 1 
ATOM   1031 N  NH2 . ARG B 1 64 ? 2.468   12.999  20.127  1.00 39.29 ? 86  ARG B NH2 1 
ATOM   1032 N  N   . CYS B 1 65 ? 3.868   9.923   13.024  1.00 19.00 ? 87  CYS B N   1 
ATOM   1033 C  CA  . CYS B 1 65 ? 3.011   8.916   12.407  1.00 18.75 ? 87  CYS B CA  1 
ATOM   1034 C  C   . CYS B 1 65 ? 2.042   8.270   13.368  1.00 18.53 ? 87  CYS B C   1 
ATOM   1035 O  O   . CYS B 1 65 ? 0.837   8.197   13.078  1.00 19.04 ? 87  CYS B O   1 
ATOM   1036 C  CB  . CYS B 1 65 ? 3.825   7.793   11.707  1.00 18.84 ? 87  CYS B CB  1 
ATOM   1037 S  SG  . CYS B 1 65 ? 5.185   8.346   10.641  1.00 19.31 ? 87  CYS B SG  1 
ATOM   1038 N  N   . LEU B 1 66 ? 2.575   7.781   14.491  1.00 17.48 ? 88  LEU B N   1 
ATOM   1039 C  CA  . LEU B 1 66 ? 1.859   6.927   15.421  1.00 19.29 ? 88  LEU B CA  1 
ATOM   1040 C  C   . LEU B 1 66 ? 0.867   7.704   16.255  1.00 19.66 ? 88  LEU B C   1 
ATOM   1041 O  O   . LEU B 1 66 ? 0.026   7.101   16.903  1.00 21.34 ? 88  LEU B O   1 
ATOM   1042 C  CB  . LEU B 1 66 ? 2.826   6.100   16.253  1.00 18.85 ? 88  LEU B CB  1 
ATOM   1043 C  CG  . LEU B 1 66 ? 3.593   5.076   15.408  1.00 18.34 ? 88  LEU B CG  1 
ATOM   1044 C  CD1 . LEU B 1 66 ? 4.818   4.485   16.148  1.00 22.08 ? 88  LEU B CD1 1 
ATOM   1045 C  CD2 . LEU B 1 66 ? 2.658   3.930   14.940  1.00 18.86 ? 88  LEU B CD2 1 
ATOM   1046 N  N   . PHE B 1 67 ? 0.937   9.026   16.187  1.00 19.71 ? 89  PHE B N   1 
ATOM   1047 C  CA  . PHE B 1 67 ? -0.058  9.866   16.888  1.00 19.83 ? 89  PHE B CA  1 
ATOM   1048 C  C   . PHE B 1 67 ? -1.394  9.758   16.140  1.00 19.24 ? 89  PHE B C   1 
ATOM   1049 O  O   . PHE B 1 67 ? -2.449  9.582   16.765  1.00 20.69 ? 89  PHE B O   1 
ATOM   1050 C  CB  . PHE B 1 67 ? 0.440   11.302  16.908  1.00 20.75 ? 89  PHE B CB  1 
ATOM   1051 C  CG  . PHE B 1 67 ? -0.434  12.241  17.664  1.00 23.10 ? 89  PHE B CG  1 
ATOM   1052 C  CD1 . PHE B 1 67 ? -0.736  12.007  19.001  1.00 25.55 ? 89  PHE B CD1 1 
ATOM   1053 C  CD2 . PHE B 1 67 ? -0.942  13.367  17.027  1.00 24.71 ? 89  PHE B CD2 1 
ATOM   1054 C  CE1 . PHE B 1 67 ? -1.546  12.882  19.695  1.00 27.48 ? 89  PHE B CE1 1 
ATOM   1055 C  CE2 . PHE B 1 67 ? -1.733  14.258  17.723  1.00 25.49 ? 89  PHE B CE2 1 
ATOM   1056 C  CZ  . PHE B 1 67 ? -2.032  14.010  19.051  1.00 26.94 ? 89  PHE B CZ  1 
ATOM   1057 N  N   . CYS B 1 68 ? -1.344  9.813   14.817  1.00 18.35 ? 90  CYS B N   1 
ATOM   1058 C  CA  . CYS B 1 68 ? -2.556  9.746   14.006  1.00 19.03 ? 90  CYS B CA  1 
ATOM   1059 C  C   . CYS B 1 68 ? -2.947  8.356   13.583  1.00 19.78 ? 90  CYS B C   1 
ATOM   1060 O  O   . CYS B 1 68 ? -4.142  8.095   13.391  1.00 19.73 ? 90  CYS B O   1 
ATOM   1061 C  CB  . CYS B 1 68 ? -2.407  10.620  12.778  1.00 19.86 ? 90  CYS B CB  1 
ATOM   1062 S  SG  . CYS B 1 68 ? -2.180  12.339  13.273  1.00 20.14 ? 90  CYS B SG  1 
ATOM   1063 N  N   . HIS B 1 69 ? -1.948  7.497   13.351  1.00 18.93 ? 91  HIS B N   1 
ATOM   1064 C  CA  . HIS B 1 69 ? -2.146  6.122   12.872  1.00 19.31 ? 91  HIS B CA  1 
ATOM   1065 C  C   . HIS B 1 69 ? -1.755  5.185   13.998  1.00 20.91 ? 91  HIS B C   1 
ATOM   1066 O  O   . HIS B 1 69 ? -0.575  4.904   14.229  1.00 20.97 ? 91  HIS B O   1 
ATOM   1067 C  CB  . HIS B 1 69 ? -1.296  5.819   11.628  1.00 19.21 ? 91  HIS B CB  1 
ATOM   1068 C  CG  . HIS B 1 69 ? -1.562  6.727   10.465  1.00 18.04 ? 91  HIS B CG  1 
ATOM   1069 N  ND1 . HIS B 1 69 ? -2.645  6.570   9.617   1.00 18.75 ? 91  HIS B ND1 1 
ATOM   1070 C  CD2 . HIS B 1 69 ? -0.873  7.794   10.000  1.00 20.43 ? 91  HIS B CD2 1 
ATOM   1071 C  CE1 . HIS B 1 69 ? -2.598  7.499   8.677   1.00 18.20 ? 91  HIS B CE1 1 
ATOM   1072 N  NE2 . HIS B 1 69 ? -1.522  8.239   8.874   1.00 19.56 ? 91  HIS B NE2 1 
ATOM   1073 N  N   . LYS B 1 70 ? -2.756  4.742   14.744  1.00 21.51 ? 92  LYS B N   1 
ATOM   1074 C  CA  . LYS B 1 70 ? -2.482  3.898   15.898  1.00 22.66 ? 92  LYS B CA  1 
ATOM   1075 C  C   . LYS B 1 70 ? -2.117  2.474   15.461  1.00 22.15 ? 92  LYS B C   1 
ATOM   1076 O  O   . LYS B 1 70 ? -2.477  2.036   14.376  1.00 22.11 ? 92  LYS B O   1 
ATOM   1077 C  CB  . LYS B 1 70 ? -3.697  3.857   16.830  1.00 23.02 ? 92  LYS B CB  1 
ATOM   1078 C  CG  . LYS B 1 70 ? -4.228  5.234   17.197  1.00 25.25 ? 92  LYS B CG  1 
ATOM   1079 C  CD  . LYS B 1 70 ? -3.125  6.206   17.579  1.00 29.38 ? 92  LYS B CD  1 
ATOM   1080 C  CE  . LYS B 1 70 ? -3.003  6.445   19.083  1.00 33.17 ? 92  LYS B CE  1 
ATOM   1081 N  NZ  . LYS B 1 70 ? -2.351  7.764   19.377  1.00 33.81 ? 92  LYS B NZ  1 
ATOM   1082 N  N   . PHE B 1 71 ? -1.383  1.742   16.293  1.00 23.80 ? 93  PHE B N   1 
ATOM   1083 C  CA  . PHE B 1 71 ? -1.273  0.303   16.042  1.00 24.97 ? 93  PHE B CA  1 
ATOM   1084 C  C   . PHE B 1 71 ? -2.653  -0.357  16.254  1.00 26.22 ? 93  PHE B C   1 
ATOM   1085 O  O   . PHE B 1 71 ? -3.441  0.101   17.093  1.00 26.52 ? 93  PHE B O   1 
ATOM   1086 C  CB  . PHE B 1 71 ? -0.274  -0.365  16.988  1.00 24.34 ? 93  PHE B CB  1 
ATOM   1087 C  CG  . PHE B 1 71 ? 1.175   0.048   16.791  1.00 24.26 ? 93  PHE B CG  1 
ATOM   1088 C  CD1 . PHE B 1 71 ? 1.803   0.899   17.698  1.00 22.40 ? 93  PHE B CD1 1 
ATOM   1089 C  CD2 . PHE B 1 71 ? 1.918   -0.466  15.732  1.00 23.76 ? 93  PHE B CD2 1 
ATOM   1090 C  CE1 . PHE B 1 71 ? 3.143   1.250   17.536  1.00 23.96 ? 93  PHE B CE1 1 
ATOM   1091 C  CE2 . PHE B 1 71 ? 3.270   -0.118  15.565  1.00 20.28 ? 93  PHE B CE2 1 
ATOM   1092 C  CZ  . PHE B 1 71 ? 3.869   0.735   16.462  1.00 21.06 ? 93  PHE B CZ  1 
ATOM   1093 N  N   . LYS B 1 72 ? -2.934  -1.420  15.509  1.00 28.21 ? 94  LYS B N   1 
ATOM   1094 C  CA  . LYS B 1 72 ? -4.020  -2.342  15.878  1.00 29.39 ? 94  LYS B CA  1 
ATOM   1095 C  C   . LYS B 1 72 ? -3.534  -3.143  17.088  1.00 30.31 ? 94  LYS B C   1 
ATOM   1096 O  O   . LYS B 1 72 ? -2.376  -2.998  17.509  1.00 30.92 ? 94  LYS B O   1 
ATOM   1097 C  CB  . LYS B 1 72 ? -4.370  -3.264  14.713  1.00 30.45 ? 94  LYS B CB  1 
ATOM   1098 C  CG  . LYS B 1 72 ? -4.738  -2.517  13.450  1.00 31.78 ? 94  LYS B CG  1 
ATOM   1099 C  CD  . LYS B 1 72 ? -4.524  -3.363  12.217  1.00 36.45 ? 94  LYS B CD  1 
ATOM   1100 C  CE  . LYS B 1 72 ? -5.604  -4.422  12.041  1.00 39.37 ? 94  LYS B CE  1 
ATOM   1101 N  NZ  . LYS B 1 72 ? -6.932  -3.795  11.773  1.00 40.27 ? 94  LYS B NZ  1 
ATOM   1102 N  N   . LEU B 1 73 ? -4.412  -3.985  17.637  1.00 31.28 ? 95  LEU B N   1 
ATOM   1103 C  CA  . LEU B 1 73 ? -4.139  -4.783  18.861  1.00 32.31 ? 95  LEU B CA  1 
ATOM   1104 C  C   . LEU B 1 73 ? -3.878  -3.932  20.118  1.00 33.21 ? 95  LEU B C   1 
ATOM   1105 O  O   . LEU B 1 73 ? -3.112  -4.320  21.026  1.00 32.16 ? 95  LEU B O   1 
ATOM   1106 C  CB  . LEU B 1 73 ? -3.009  -5.806  18.635  1.00 32.32 ? 95  LEU B CB  1 
ATOM   1107 C  CG  . LEU B 1 73 ? -2.941  -6.597  17.323  1.00 32.08 ? 95  LEU B CG  1 
ATOM   1108 C  CD1 . LEU B 1 73 ? -1.746  -7.571  17.377  1.00 31.85 ? 95  LEU B CD1 1 
ATOM   1109 C  CD2 . LEU B 1 73 ? -4.218  -7.353  16.974  1.00 33.36 ? 95  LEU B CD2 1 
ATOM   1110 N  N   . GLU B 1 74 ? -4.540  -2.780  20.176  1.00 34.03 ? 96  GLU B N   1 
ATOM   1111 C  CA  . GLU B 1 74 ? -4.442  -1.900  21.327  1.00 35.64 ? 96  GLU B CA  1 
ATOM   1112 C  C   . GLU B 1 74 ? -5.803  -1.636  21.968  1.00 35.68 ? 96  GLU B C   1 
ATOM   1113 O  O   . GLU B 1 74 ? -5.866  -1.151  23.102  1.00 36.23 ? 96  GLU B O   1 
ATOM   1114 C  CB  . GLU B 1 74 ? -3.771  -0.589  20.923  1.00 35.80 ? 96  GLU B CB  1 
ATOM   1115 C  CG  . GLU B 1 74 ? -2.278  -0.739  20.646  1.00 39.28 ? 96  GLU B CG  1 
ATOM   1116 C  CD  . GLU B 1 74 ? -1.534  -1.355  21.815  1.00 42.32 ? 96  GLU B CD  1 
ATOM   1117 O  OE1 . GLU B 1 74 ? -0.854  -2.387  21.617  1.00 43.76 ? 96  GLU B OE1 1 
ATOM   1118 O  OE2 . GLU B 1 74 ? -1.642  -0.816  22.942  1.00 45.02 ? 96  GLU B OE2 1 
HETATM 1119 S  S   . SO4 C 2 .  ? 8.322   -9.544  -8.236  0.75 39.17 ? 201 SO4 A S   1 
HETATM 1120 O  O1  . SO4 C 2 .  ? 7.953   -9.459  -9.647  0.75 39.27 ? 201 SO4 A O1  1 
HETATM 1121 O  O2  . SO4 C 2 .  ? 9.274   -8.476  -7.922  0.75 37.76 ? 201 SO4 A O2  1 
HETATM 1122 O  O3  . SO4 C 2 .  ? 7.132   -9.387  -7.413  0.75 39.12 ? 201 SO4 A O3  1 
HETATM 1123 O  O4  . SO4 C 2 .  ? 8.894   -10.865 -7.970  0.75 39.03 ? 201 SO4 A O4  1 
HETATM 1124 S  S   . SO4 D 2 .  ? -11.553 -17.646 -18.329 0.75 41.43 ? 203 SO4 A S   1 
HETATM 1125 O  O1  . SO4 D 2 .  ? -11.613 -17.747 -19.789 0.75 39.70 ? 203 SO4 A O1  1 
HETATM 1126 O  O2  . SO4 D 2 .  ? -12.608 -18.496 -17.786 0.75 39.64 ? 203 SO4 A O2  1 
HETATM 1127 O  O3  . SO4 D 2 .  ? -10.224 -18.073 -17.867 0.75 40.98 ? 203 SO4 A O3  1 
HETATM 1128 O  O4  . SO4 D 2 .  ? -11.771 -16.265 -17.894 0.75 41.78 ? 203 SO4 A O4  1 
HETATM 1129 NA NA  . NA  E 3 .  ? -7.087  -10.313 -16.275 1.00 22.83 ? 302 NA  A NA  1 
HETATM 1130 C  CHA . HEM F 4 .  ? -4.158  -1.802  -2.976  1.00 21.16 ? 500 HEM A CHA 1 
HETATM 1131 C  CHB . HEM F 4 .  ? -5.218  -3.928  -7.138  1.00 18.70 ? 500 HEM A CHB 1 
HETATM 1132 C  CHC . HEM F 4 .  ? -2.225  -0.901  -9.444  1.00 20.30 ? 500 HEM A CHC 1 
HETATM 1133 C  CHD . HEM F 4 .  ? -0.974  1.075   -5.233  1.00 21.26 ? 500 HEM A CHD 1 
HETATM 1134 C  C1A . HEM F 4 .  ? -4.698  -2.646  -3.889  1.00 21.86 ? 500 HEM A C1A 1 
HETATM 1135 C  C2A . HEM F 4 .  ? -5.591  -3.722  -3.563  1.00 22.76 ? 500 HEM A C2A 1 
HETATM 1136 C  C3A . HEM F 4 .  ? -5.875  -4.314  -4.727  1.00 22.27 ? 500 HEM A C3A 1 
HETATM 1137 C  C4A . HEM F 4 .  ? -5.173  -3.619  -5.789  1.00 18.93 ? 500 HEM A C4A 1 
HETATM 1138 C  CMA . HEM F 4 .  ? -6.793  -5.523  -4.969  1.00 21.65 ? 500 HEM A CMA 1 
HETATM 1139 C  CAA . HEM F 4 .  ? -6.053  -4.099  -2.128  1.00 25.93 ? 500 HEM A CAA 1 
HETATM 1140 C  CBA . HEM F 4 .  ? -7.205  -3.218  -1.684  1.00 30.73 ? 500 HEM A CBA 1 
HETATM 1141 C  CGA . HEM F 4 .  ? -7.772  -3.637  -0.349  1.00 31.46 ? 500 HEM A CGA 1 
HETATM 1142 O  O1A . HEM F 4 .  ? -7.072  -4.233  0.518   1.00 34.41 ? 500 HEM A O1A 1 
HETATM 1143 O  O2A . HEM F 4 .  ? -8.985  -3.366  -0.185  1.00 34.48 ? 500 HEM A O2A 1 
HETATM 1144 C  C1B . HEM F 4 .  ? -4.527  -3.278  -8.125  1.00 19.47 ? 500 HEM A C1B 1 
HETATM 1145 C  C2B . HEM F 4 .  ? -4.593  -3.600  -9.529  1.00 17.85 ? 500 HEM A C2B 1 
HETATM 1146 C  C3B . HEM F 4 .  ? -3.776  -2.749  -10.193 1.00 18.25 ? 500 HEM A C3B 1 
HETATM 1147 C  C4B . HEM F 4 .  ? -3.142  -1.877  -9.220  1.00 18.52 ? 500 HEM A C4B 1 
HETATM 1148 C  CMB . HEM F 4 .  ? -5.496  -4.738  -10.069 1.00 20.26 ? 500 HEM A CMB 1 
HETATM 1149 C  CAB . HEM F 4 .  ? -3.535  -2.658  -11.714 1.00 18.54 ? 500 HEM A CAB 1 
HETATM 1150 C  CBB . HEM F 4 .  ? -4.609  -2.454  -12.547 1.00 17.77 ? 500 HEM A CBB 1 
HETATM 1151 C  C1C . HEM F 4 .  ? -1.580  -0.170  -8.465  1.00 16.94 ? 500 HEM A C1C 1 
HETATM 1152 C  C2C . HEM F 4 .  ? -0.502  0.777   -8.762  1.00 20.52 ? 500 HEM A C2C 1 
HETATM 1153 C  C3C . HEM F 4 .  ? -0.162  1.339   -7.571  1.00 21.14 ? 500 HEM A C3C 1 
HETATM 1154 C  C4C . HEM F 4 .  ? -1.012  0.761   -6.565  1.00 21.90 ? 500 HEM A C4C 1 
HETATM 1155 C  CMC . HEM F 4 .  ? 0.125   1.027   -10.146 1.00 21.05 ? 500 HEM A CMC 1 
HETATM 1156 C  CAC . HEM F 4 .  ? 0.910   2.416   -7.284  1.00 23.92 ? 500 HEM A CAC 1 
HETATM 1157 C  CBC . HEM F 4 .  ? 0.689   3.660   -7.728  1.00 25.09 ? 500 HEM A CBC 1 
HETATM 1158 C  C1D . HEM F 4 .  ? -1.748  0.544   -4.243  1.00 23.21 ? 500 HEM A C1D 1 
HETATM 1159 C  C2D . HEM F 4 .  ? -1.777  0.929   -2.841  1.00 23.17 ? 500 HEM A C2D 1 
HETATM 1160 C  C3D . HEM F 4 .  ? -2.748  0.012   -2.142  1.00 25.80 ? 500 HEM A C3D 1 
HETATM 1161 C  C4D . HEM F 4 .  ? -3.235  -0.841  -3.190  1.00 21.50 ? 500 HEM A C4D 1 
HETATM 1162 C  CMD . HEM F 4 .  ? -0.975  2.046   -2.151  1.00 22.07 ? 500 HEM A CMD 1 
HETATM 1163 C  CAD . HEM F 4 .  ? -3.157  0.046   -0.647  1.00 27.44 ? 500 HEM A CAD 1 
HETATM 1164 C  CBD . HEM F 4 .  ? -4.621  0.447   -0.466  1.00 33.91 ? 500 HEM A CBD 1 
HETATM 1165 C  CGD . HEM F 4 .  ? -4.892  1.735   -1.180  1.00 36.11 ? 500 HEM A CGD 1 
HETATM 1166 O  O1D . HEM F 4 .  ? -4.507  2.791   -0.627  1.00 38.33 ? 500 HEM A O1D 1 
HETATM 1167 O  O2D . HEM F 4 .  ? -5.480  1.711   -2.292  1.00 36.26 ? 500 HEM A O2D 1 
HETATM 1168 N  NA  . HEM F 4 .  ? -4.438  -2.604  -5.226  1.00 21.89 ? 500 HEM A NA  1 
HETATM 1169 N  NB  . HEM F 4 .  ? -3.618  -2.226  -7.973  1.00 19.15 ? 500 HEM A NB  1 
HETATM 1170 N  NC  . HEM F 4 .  ? -1.868  -0.162  -7.134  1.00 21.91 ? 500 HEM A NC  1 
HETATM 1171 N  ND  . HEM F 4 .  ? -2.610  -0.518  -4.395  1.00 18.61 ? 500 HEM A ND  1 
HETATM 1172 FE FE  . HEM F 4 .  ? -3.147  -1.381  -6.218  1.00 20.04 ? 500 HEM A FE  1 
HETATM 1173 C  CHA . HEM G 4 .  ? -4.819  -10.498 -1.931  1.00 22.75 ? 501 HEM A CHA 1 
HETATM 1174 C  CHB . HEM G 4 .  ? -3.367  -7.566  -5.450  1.00 19.99 ? 501 HEM A CHB 1 
HETATM 1175 C  CHC . HEM G 4 .  ? -3.425  -11.173 -8.587  1.00 20.84 ? 501 HEM A CHC 1 
HETATM 1176 C  CHD . HEM G 4 .  ? -6.529  -13.326 -5.508  1.00 22.02 ? 501 HEM A CHD 1 
HETATM 1177 C  C1A . HEM G 4 .  ? -4.325  -9.392  -2.563  1.00 20.97 ? 501 HEM A C1A 1 
HETATM 1178 C  C2A . HEM G 4 .  ? -3.886  -8.150  -1.966  1.00 23.26 ? 501 HEM A C2A 1 
HETATM 1179 C  C3A . HEM G 4 .  ? -3.467  -7.354  -2.957  1.00 21.76 ? 501 HEM A C3A 1 
HETATM 1180 C  C4A . HEM G 4 .  ? -3.651  -8.068  -4.202  1.00 19.61 ? 501 HEM A C4A 1 
HETATM 1181 C  CMA . HEM G 4 .  ? -2.917  -5.919  -2.838  1.00 21.64 ? 501 HEM A CMA 1 
HETATM 1182 C  CAA . HEM G 4 .  ? -3.901  -7.857  -0.437  1.00 23.56 ? 501 HEM A CAA 1 
HETATM 1183 C  CBA . HEM G 4 .  ? -5.308  -7.458  -0.008  1.00 30.36 ? 501 HEM A CBA 1 
HETATM 1184 C  CGA . HEM G 4 .  ? -5.320  -6.899  1.406   1.00 35.74 ? 501 HEM A CGA 1 
HETATM 1185 O  O1A . HEM G 4 .  ? -4.413  -6.092  1.763   1.00 38.52 ? 501 HEM A O1A 1 
HETATM 1186 O  O2A . HEM G 4 .  ? -6.251  -7.255  2.188   1.00 39.64 ? 501 HEM A O2A 1 
HETATM 1187 C  C1B . HEM G 4 .  ? -3.185  -8.260  -6.601  1.00 17.35 ? 501 HEM A C1B 1 
HETATM 1188 C  C2B . HEM G 4 .  ? -2.522  -7.776  -7.803  1.00 20.62 ? 501 HEM A C2B 1 
HETATM 1189 C  C3B . HEM G 4 .  ? -2.537  -8.810  -8.661  1.00 20.17 ? 501 HEM A C3B 1 
HETATM 1190 C  C4B . HEM G 4 .  ? -3.178  -9.940  -8.048  1.00 20.06 ? 501 HEM A C4B 1 
HETATM 1191 C  CMB . HEM G 4 .  ? -1.971  -6.345  -8.025  1.00 19.28 ? 501 HEM A CMB 1 
HETATM 1192 C  CAB . HEM G 4 .  ? -1.906  -8.885  -10.079 1.00 19.47 ? 501 HEM A CAB 1 
HETATM 1193 C  CBB . HEM G 4 .  ? -0.536  -8.762  -10.030 1.00 21.05 ? 501 HEM A CBB 1 
HETATM 1194 C  C1C . HEM G 4 .  ? -4.340  -12.069 -8.078  1.00 21.72 ? 501 HEM A C1C 1 
HETATM 1195 C  C2C . HEM G 4 .  ? -4.894  -13.225 -8.731  1.00 20.87 ? 501 HEM A C2C 1 
HETATM 1196 C  C3C . HEM G 4 .  ? -5.755  -13.813 -7.904  1.00 22.43 ? 501 HEM A C3C 1 
HETATM 1197 C  C4C . HEM G 4 .  ? -5.788  -13.045 -6.653  1.00 20.22 ? 501 HEM A C4C 1 
HETATM 1198 C  CMC . HEM G 4 .  ? -4.525  -13.611 -10.185 1.00 18.23 ? 501 HEM A CMC 1 
HETATM 1199 C  CAC . HEM G 4 .  ? -6.592  -15.081 -8.145  1.00 25.54 ? 501 HEM A CAC 1 
HETATM 1200 C  CBC . HEM G 4 .  ? -6.058  -16.154 -8.754  1.00 23.22 ? 501 HEM A CBC 1 
HETATM 1201 C  C1D . HEM G 4 .  ? -6.346  -12.796 -4.246  1.00 20.27 ? 501 HEM A C1D 1 
HETATM 1202 C  C2D . HEM G 4 .  ? -6.974  -13.275 -3.020  1.00 21.05 ? 501 HEM A C2D 1 
HETATM 1203 C  C3D . HEM G 4 .  ? -6.437  -12.413 -1.898  1.00 23.13 ? 501 HEM A C3D 1 
HETATM 1204 C  C4D . HEM G 4 .  ? -5.537  -11.488 -2.538  1.00 19.83 ? 501 HEM A C4D 1 
HETATM 1205 C  CMD . HEM G 4 .  ? -7.994  -14.426 -2.854  1.00 25.39 ? 501 HEM A CMD 1 
HETATM 1206 C  CAD . HEM G 4 .  ? -6.816  -12.489 -0.404  1.00 25.21 ? 501 HEM A CAD 1 
HETATM 1207 C  CBD . HEM G 4 .  ? -8.208  -11.855 -0.291  1.00 33.17 ? 501 HEM A CBD 1 
HETATM 1208 C  CGD . HEM G 4 .  ? -8.150  -10.372 -0.572  1.00 34.74 ? 501 HEM A CGD 1 
HETATM 1209 O  O1D . HEM G 4 .  ? -7.528  -9.644  0.253   1.00 38.33 ? 501 HEM A O1D 1 
HETATM 1210 O  O2D . HEM G 4 .  ? -8.713  -9.928  -1.618  1.00 31.89 ? 501 HEM A O2D 1 
HETATM 1211 N  NA  . HEM G 4 .  ? -4.158  -9.293  -3.930  1.00 20.63 ? 501 HEM A NA  1 
HETATM 1212 N  NB  . HEM G 4 .  ? -3.536  -9.578  -6.768  1.00 19.85 ? 501 HEM A NB  1 
HETATM 1213 N  NC  . HEM G 4 .  ? -4.907  -12.011 -6.803  1.00 19.17 ? 501 HEM A NC  1 
HETATM 1214 N  ND  . HEM G 4 .  ? -5.519  -11.752 -3.919  1.00 21.15 ? 501 HEM A ND  1 
HETATM 1215 FE FE  . HEM G 4 .  ? -4.511  -10.693 -5.385  1.00 20.48 ? 501 HEM A FE  1 
HETATM 1216 S  S   . SO4 H 2 .  ? 10.717  12.827  1.924   0.75 41.35 ? 202 SO4 B S   1 
HETATM 1217 O  O1  . SO4 H 2 .  ? 10.594  14.249  2.221   0.75 39.67 ? 202 SO4 B O1  1 
HETATM 1218 O  O2  . SO4 H 2 .  ? 11.478  12.170  2.986   0.75 40.78 ? 202 SO4 B O2  1 
HETATM 1219 O  O3  . SO4 H 2 .  ? 9.377   12.269  1.808   0.75 40.24 ? 202 SO4 B O3  1 
HETATM 1220 O  O4  . SO4 H 2 .  ? 11.475  12.593  0.704   0.75 38.98 ? 202 SO4 B O4  1 
HETATM 1221 S  S   . SO4 I 2 .  ? -0.234  15.632  22.601  0.75 46.73 ? 204 SO4 B S   1 
HETATM 1222 O  O1  . SO4 I 2 .  ? -1.693  15.619  22.678  0.75 44.52 ? 204 SO4 B O1  1 
HETATM 1223 O  O2  . SO4 I 2 .  ? 0.269   16.301  21.396  0.75 43.26 ? 204 SO4 B O2  1 
HETATM 1224 O  O3  . SO4 I 2 .  ? 0.272   16.343  23.779  0.75 45.82 ? 204 SO4 B O3  1 
HETATM 1225 O  O4  . SO4 I 2 .  ? 0.270   14.254  22.552  0.75 45.58 ? 204 SO4 B O4  1 
HETATM 1226 NA NA  . NA  J 3 .  ? 3.991   9.793   17.548  1.00 19.74 ? 301 NA  B NA  1 
HETATM 1227 C  CHA . HEM K 4 .  ? 0.827   1.124   4.528   1.00 21.31 ? 500 HEM B CHA 1 
HETATM 1228 C  CHB . HEM K 4 .  ? 1.922   3.353   8.669   1.00 19.10 ? 500 HEM B CHB 1 
HETATM 1229 C  CHC . HEM K 4 .  ? 6.516   1.780   8.287   1.00 18.53 ? 500 HEM B CHC 1 
HETATM 1230 C  CHD . HEM K 4 .  ? 5.499   -0.100  3.911   1.00 19.41 ? 500 HEM B CHD 1 
HETATM 1231 C  C1A . HEM K 4 .  ? 0.704   1.860   5.674   1.00 20.15 ? 500 HEM B C1A 1 
HETATM 1232 C  C2A . HEM K 4 .  ? -0.502  2.503   6.139   1.00 20.76 ? 500 HEM B C2A 1 
HETATM 1233 C  C3A . HEM K 4 .  ? -0.181  3.116   7.296   1.00 20.34 ? 500 HEM B C3A 1 
HETATM 1234 C  C4A . HEM K 4 .  ? 1.212   2.886   7.584   1.00 20.15 ? 500 HEM B C4A 1 
HETATM 1235 C  CMA . HEM K 4 .  ? -1.125  3.946   8.195   1.00 21.77 ? 500 HEM B CMA 1 
HETATM 1236 C  CAA . HEM K 4 .  ? -1.882  2.480   5.425   1.00 25.20 ? 500 HEM B CAA 1 
HETATM 1237 C  CBA . HEM K 4 .  ? -2.721  1.316   5.918   1.00 26.43 ? 500 HEM B CBA 1 
HETATM 1238 C  CGA . HEM K 4 .  ? -4.022  1.304   5.154   1.00 31.04 ? 500 HEM B CGA 1 
HETATM 1239 O  O1A . HEM K 4 .  ? -4.125  1.925   4.060   1.00 31.76 ? 500 HEM B O1A 1 
HETATM 1240 O  O2A . HEM K 4 .  ? -4.966  0.654   5.660   1.00 32.20 ? 500 HEM B O2A 1 
HETATM 1241 C  C1B . HEM K 4 .  ? 3.254   3.102   8.954   1.00 18.42 ? 500 HEM B C1B 1 
HETATM 1242 C  C2B . HEM K 4 .  ? 3.954   3.473   10.142  1.00 18.51 ? 500 HEM B C2B 1 
HETATM 1243 C  C3B . HEM K 4 .  ? 5.224   3.047   10.083  1.00 17.73 ? 500 HEM B C3B 1 
HETATM 1244 C  C4B . HEM K 4 .  ? 5.384   2.389   8.797   1.00 16.28 ? 500 HEM B C4B 1 
HETATM 1245 C  CMB . HEM K 4 .  ? 3.247   4.252   11.252  1.00 18.82 ? 500 HEM B CMB 1 
HETATM 1246 C  CAB . HEM K 4 .  ? 6.360   3.198   11.123  1.00 21.17 ? 500 HEM B CAB 1 
HETATM 1247 C  CBB . HEM K 4 .  ? 6.105   2.804   12.418  1.00 20.21 ? 500 HEM B CBB 1 
HETATM 1248 C  C1C . HEM K 4 .  ? 6.640   1.184   7.046   1.00 17.06 ? 500 HEM B C1C 1 
HETATM 1249 C  C2C . HEM K 4 .  ? 7.894   0.700   6.513   1.00 17.30 ? 500 HEM B C2C 1 
HETATM 1250 C  C3C . HEM K 4 .  ? 7.588   0.185   5.301   1.00 18.99 ? 500 HEM B C3C 1 
HETATM 1251 C  C4C . HEM K 4 .  ? 6.174   0.310   5.049   1.00 19.41 ? 500 HEM B C4C 1 
HETATM 1252 C  CMC . HEM K 4 .  ? 9.239   0.825   7.254   1.00 19.22 ? 500 HEM B CMC 1 
HETATM 1253 C  CAC . HEM K 4 .  ? 8.537   -0.501  4.273   1.00 19.49 ? 500 HEM B CAC 1 
HETATM 1254 C  CBC . HEM K 4 .  ? 9.010   -1.711  4.631   1.00 24.33 ? 500 HEM B CBC 1 
HETATM 1255 C  C1D . HEM K 4 .  ? 4.140   0.011   3.715   1.00 21.20 ? 500 HEM B C1D 1 
HETATM 1256 C  C2D . HEM K 4 .  ? 3.424   -0.577  2.604   1.00 23.31 ? 500 HEM B C2D 1 
HETATM 1257 C  C3D . HEM K 4 .  ? 1.974   -0.207  2.781   1.00 23.37 ? 500 HEM B C3D 1 
HETATM 1258 C  C4D . HEM K 4 .  ? 1.970   0.588   3.992   1.00 20.43 ? 500 HEM B C4D 1 
HETATM 1259 C  CMD . HEM K 4 .  ? 3.998   -1.435  1.473   1.00 25.32 ? 500 HEM B CMD 1 
HETATM 1260 C  CAD . HEM K 4 .  ? 0.780   -0.629  1.889   1.00 24.14 ? 500 HEM B CAD 1 
HETATM 1261 C  CBD . HEM K 4 .  ? 0.559   0.339   0.762   1.00 31.88 ? 500 HEM B CBD 1 
HETATM 1262 C  CGD . HEM K 4 .  ? -0.194  1.523   1.296   1.00 32.66 ? 500 HEM B CGD 1 
HETATM 1263 O  O1D . HEM K 4 .  ? 0.364   2.630   1.160   1.00 36.83 ? 500 HEM B O1D 1 
HETATM 1264 O  O2D . HEM K 4 .  ? -1.320  1.370   1.852   1.00 36.04 ? 500 HEM B O2D 1 
HETATM 1265 N  NA  . HEM K 4 .  ? 1.710   2.118   6.553   1.00 19.69 ? 500 HEM B NA  1 
HETATM 1266 N  NB  . HEM K 4 .  ? 4.157   2.414   8.145   1.00 16.10 ? 500 HEM B NB  1 
HETATM 1267 N  NC  . HEM K 4 .  ? 5.615   0.981   6.145   1.00 18.38 ? 500 HEM B NC  1 
HETATM 1268 N  ND  . HEM K 4 .  ? 3.263   0.714   4.538   1.00 17.52 ? 500 HEM B ND  1 
HETATM 1269 FE FE  . HEM K 4 .  ? 3.696   1.501   6.311   1.00 18.61 ? 500 HEM B FE  1 
HETATM 1270 C  CHA . HEM L 4 .  ? -3.072  8.923   5.044   1.00 21.62 ? 501 HEM B CHA 1 
HETATM 1271 C  CHB . HEM L 4 .  ? 1.118   7.082   6.634   1.00 20.48 ? 501 HEM B CHB 1 
HETATM 1272 C  CHC . HEM L 4 .  ? 1.754   10.943  9.457   1.00 21.37 ? 501 HEM B CHC 1 
HETATM 1273 C  CHD . HEM L 4 .  ? -3.074  11.463  9.220   1.00 23.27 ? 501 HEM B CHD 1 
HETATM 1274 C  C1A . HEM L 4 .  ? -1.952  8.125   5.135   1.00 23.68 ? 501 HEM B C1A 1 
HETATM 1275 C  C2A . HEM L 4 .  ? -1.617  7.012   4.265   1.00 23.67 ? 501 HEM B C2A 1 
HETATM 1276 C  C3A . HEM L 4 .  ? -0.440  6.525   4.710   1.00 24.65 ? 501 HEM B C3A 1 
HETATM 1277 C  C4A . HEM L 4 .  ? -0.010  7.286   5.859   1.00 21.88 ? 501 HEM B C4A 1 
HETATM 1278 C  CMA . HEM L 4 .  ? 0.391   5.339   4.173   1.00 24.23 ? 501 HEM B CMA 1 
HETATM 1279 C  CAA . HEM L 4 .  ? -2.479  6.553   3.041   1.00 24.90 ? 501 HEM B CAA 1 
HETATM 1280 C  CBA . HEM L 4 .  ? -3.406  5.419   3.447   1.00 27.60 ? 501 HEM B CBA 1 
HETATM 1281 C  CGA . HEM L 4 .  ? -4.070  4.796   2.238   1.00 35.16 ? 501 HEM B CGA 1 
HETATM 1282 O  O1A . HEM L 4 .  ? -3.357  4.326   1.304   1.00 38.03 ? 501 HEM B O1A 1 
HETATM 1283 O  O2A . HEM L 4 .  ? -5.333  4.756   2.220   1.00 39.23 ? 501 HEM B O2A 1 
HETATM 1284 C  C1B . HEM L 4 .  ? 1.673   7.968   7.490   1.00 21.44 ? 501 HEM B C1B 1 
HETATM 1285 C  C2B . HEM L 4 .  ? 3.014   7.893   8.001   1.00 19.92 ? 501 HEM B C2B 1 
HETATM 1286 C  C3B . HEM L 4 .  ? 3.189   8.967   8.748   1.00 20.93 ? 501 HEM B C3B 1 
HETATM 1287 C  C4B . HEM L 4 .  ? 1.981   9.772   8.757   1.00 20.18 ? 501 HEM B C4B 1 
HETATM 1288 C  CMB . HEM L 4 .  ? 3.985   6.722   7.659   1.00 22.59 ? 501 HEM B CMB 1 
HETATM 1289 C  CAB . HEM L 4 .  ? 4.502   9.364   9.431   1.00 21.56 ? 501 HEM B CAB 1 
HETATM 1290 C  CBB . HEM L 4 .  ? 5.445   9.707   8.499   1.00 22.70 ? 501 HEM B CBB 1 
HETATM 1291 C  C1C . HEM L 4 .  ? 0.478   11.409  9.721   1.00 21.41 ? 501 HEM B C1C 1 
HETATM 1292 C  C2C . HEM L 4 .  ? 0.073   12.376  10.717  1.00 19.24 ? 501 HEM B C2C 1 
HETATM 1293 C  C3C . HEM L 4 .  ? -1.256  12.500  10.631  1.00 21.51 ? 501 HEM B C3C 1 
HETATM 1294 C  C4C . HEM L 4 .  ? -1.765  11.628  9.608   1.00 21.06 ? 501 HEM B C4C 1 
HETATM 1295 C  CMC . HEM L 4 .  ? 1.046   13.118  11.662  1.00 21.51 ? 501 HEM B CMC 1 
HETATM 1296 C  CAC . HEM L 4 .  ? -2.167  13.428  11.479  1.00 23.06 ? 501 HEM B CAC 1 
HETATM 1297 C  CBC . HEM L 4 .  ? -1.824  14.687  11.800  1.00 24.07 ? 501 HEM B CBC 1 
HETATM 1298 C  C1D . HEM L 4 .  ? -3.527  10.891  8.032   1.00 23.11 ? 501 HEM B C1D 1 
HETATM 1299 C  C2D . HEM L 4 .  ? -4.872  11.025  7.510   1.00 22.89 ? 501 HEM B C2D 1 
HETATM 1300 C  C3D . HEM L 4 .  ? -4.889  10.220  6.223   1.00 24.39 ? 501 HEM B C3D 1 
HETATM 1301 C  C4D . HEM L 4 .  ? -3.548  9.697   6.075   1.00 22.51 ? 501 HEM B C4D 1 
HETATM 1302 C  CMD . HEM L 4 .  ? -6.033  11.782  8.175   1.00 24.92 ? 501 HEM B CMD 1 
HETATM 1303 C  CAD . HEM L 4 .  ? -6.049  10.021  5.224   1.00 25.12 ? 501 HEM B CAD 1 
HETATM 1304 C  CBD . HEM L 4 .  ? -7.008  9.007   5.825   1.00 30.92 ? 501 HEM B CBD 1 
HETATM 1305 C  CGD . HEM L 4 .  ? -6.369  7.642   5.994   1.00 32.90 ? 501 HEM B CGD 1 
HETATM 1306 O  O1D . HEM L 4 .  ? -6.273  6.916   4.958   1.00 37.08 ? 501 HEM B O1D 1 
HETATM 1307 O  O2D . HEM L 4 .  ? -5.967  7.284   7.143   1.00 27.99 ? 501 HEM B O2D 1 
HETATM 1308 N  NA  . HEM L 4 .  ? -0.950  8.267   6.078   1.00 19.69 ? 501 HEM B NA  1 
HETATM 1309 N  NB  . HEM L 4 .  ? 1.066   9.117   7.973   1.00 18.06 ? 501 HEM B NB  1 
HETATM 1310 N  NC  . HEM L 4 .  ? -0.683  10.985  9.081   1.00 20.38 ? 501 HEM B NC  1 
HETATM 1311 N  ND  . HEM L 4 .  ? -2.790  10.111  7.157   1.00 21.19 ? 501 HEM B ND  1 
HETATM 1312 FE FE  . HEM L 4 .  ? -0.857  9.619   7.470   1.00 20.84 ? 501 HEM B FE  1 
HETATM 1313 O  O   . HOH M 5 .  ? -12.941 -8.828  -6.705  1.00 27.08 ? 502 HOH A O   1 
HETATM 1314 O  O   . HOH M 5 .  ? -11.040 -2.193  -2.269  1.00 30.65 ? 503 HOH A O   1 
HETATM 1315 O  O   . HOH M 5 .  ? -13.448 -4.703  -2.150  1.00 34.76 ? 504 HOH A O   1 
HETATM 1316 O  O   . HOH M 5 .  ? -4.119  6.339   -10.929 1.00 36.31 ? 505 HOH A O   1 
HETATM 1317 O  O   . HOH M 5 .  ? -1.372  5.203   -10.470 1.00 35.17 ? 506 HOH A O   1 
HETATM 1318 O  O   . HOH M 5 .  ? -5.978  6.270   -17.988 1.00 41.77 ? 507 HOH A O   1 
HETATM 1319 O  O   . HOH M 5 .  ? -3.449  2.654   -17.890 1.00 39.34 ? 508 HOH A O   1 
HETATM 1320 O  O   . HOH M 5 .  ? -14.112 1.950   -15.131 1.00 32.07 ? 509 HOH A O   1 
HETATM 1321 O  O   . HOH M 5 .  ? -5.223  -1.990  -24.115 1.00 39.46 ? 510 HOH A O   1 
HETATM 1322 O  O   . HOH M 5 .  ? -9.859  -11.421 -16.921 1.00 36.74 ? 511 HOH A O   1 
HETATM 1323 O  O   . HOH M 5 .  ? 0.324   -8.548  -13.518 1.00 23.74 ? 512 HOH A O   1 
HETATM 1324 O  O   . HOH M 5 .  ? 2.486   -10.068 -13.722 1.00 37.15 ? 513 HOH A O   1 
HETATM 1325 O  O   . HOH M 5 .  ? 4.767   -8.605  -8.993  1.00 33.17 ? 514 HOH A O   1 
HETATM 1326 O  O   . HOH M 5 .  ? 0.724   -6.357  -3.608  1.00 29.66 ? 515 HOH A O   1 
HETATM 1327 O  O   . HOH M 5 .  ? 11.865  -4.812  -6.133  1.00 32.44 ? 516 HOH A O   1 
HETATM 1328 O  O   . HOH M 5 .  ? 5.364   -9.874  -2.474  1.00 35.11 ? 517 HOH A O   1 
HETATM 1329 O  O   . HOH M 5 .  ? 4.099   -10.424 2.402   1.00 38.66 ? 518 HOH A O   1 
HETATM 1330 O  O   . HOH M 5 .  ? -6.695  -5.993  4.352   1.00 51.98 ? 519 HOH A O   1 
HETATM 1331 O  O   . HOH M 5 .  ? -2.756  -18.964 -3.134  1.00 33.66 ? 520 HOH A O   1 
HETATM 1332 O  O   . HOH M 5 .  ? -2.238  -16.800 -15.781 1.00 36.62 ? 521 HOH A O   1 
HETATM 1333 O  O   . HOH M 5 .  ? -0.990  -15.253 -17.656 1.00 41.79 ? 522 HOH A O   1 
HETATM 1334 O  O   . HOH M 5 .  ? -14.235 -5.432  -13.458 1.00 30.53 ? 523 HOH A O   1 
HETATM 1335 O  O   . HOH M 5 .  ? -16.333 -5.779  -16.666 1.00 58.08 ? 524 HOH A O   1 
HETATM 1336 O  O   . HOH M 5 .  ? -0.801  8.834   -3.895  1.00 51.93 ? 525 HOH A O   1 
HETATM 1337 O  O   . HOH M 5 .  ? -5.027  -10.481 2.114   1.00 44.13 ? 526 HOH A O   1 
HETATM 1338 O  O   . HOH M 5 .  ? -4.427  -2.778  0.585   1.00 35.36 ? 527 HOH A O   1 
HETATM 1339 O  O   . HOH M 5 .  ? -1.442  -7.188  2.316   1.00 47.86 ? 528 HOH A O   1 
HETATM 1340 O  O   . HOH M 5 .  ? -16.644 -0.018  -1.680  1.00 51.52 ? 529 HOH A O   1 
HETATM 1341 O  O   . HOH M 5 .  ? -19.210 -0.837  -5.937  1.00 35.36 ? 530 HOH A O   1 
HETATM 1342 O  O   . HOH M 5 .  ? -9.645  -1.681  2.248   1.00 50.70 ? 531 HOH A O   1 
HETATM 1343 O  O   . HOH M 5 .  ? 7.475   -1.151  0.833   1.00 32.41 ? 532 HOH A O   1 
HETATM 1344 O  O   . HOH M 5 .  ? 8.387   1.419   0.187   1.00 38.90 ? 533 HOH A O   1 
HETATM 1345 O  O   . HOH M 5 .  ? -0.900  -21.040 -0.220  1.00 47.96 ? 534 HOH A O   1 
HETATM 1346 O  O   . HOH M 5 .  ? -9.773  11.084  -14.506 1.00 28.14 ? 535 HOH A O   1 
HETATM 1347 O  O   . HOH M 5 .  ? -13.858 1.116   -26.497 1.00 37.44 ? 536 HOH A O   1 
HETATM 1348 O  O   . HOH M 5 .  ? 1.645   -18.752 -3.909  1.00 41.72 ? 537 HOH A O   1 
HETATM 1349 O  O   . HOH M 5 .  ? 3.645   -19.172 0.961   1.00 49.20 ? 538 HOH A O   1 
HETATM 1350 O  O   . HOH M 5 .  ? 1.788   -20.997 -13.274 1.00 42.37 ? 539 HOH A O   1 
HETATM 1351 O  O   . HOH M 5 .  ? 2.412   -23.813 -12.307 1.00 39.18 ? 540 HOH A O   1 
HETATM 1352 O  O   . HOH M 5 .  ? 3.511   -23.858 -23.021 1.00 60.29 ? 541 HOH A O   1 
HETATM 1353 O  O   . HOH M 5 .  ? -2.407  -15.230 -13.538 1.00 24.10 ? 542 HOH A O   1 
HETATM 1354 O  O   . HOH M 5 .  ? -4.478  -6.622  -23.131 1.00 36.60 ? 543 HOH A O   1 
HETATM 1355 O  O   . HOH M 5 .  ? -16.665 4.815   -21.420 1.00 32.74 ? 544 HOH A O   1 
HETATM 1356 O  O   . HOH M 5 .  ? -8.963  13.213  -5.158  1.00 51.25 ? 545 HOH A O   1 
HETATM 1357 O  O   . HOH M 5 .  ? -6.811  2.681   -23.143 1.00 42.47 ? 546 HOH A O   1 
HETATM 1358 O  O   . HOH M 5 .  ? -13.487 6.526   -24.244 1.00 36.76 ? 547 HOH A O   1 
HETATM 1359 O  O   . HOH M 5 .  ? -6.850  -8.121  -22.246 1.00 41.67 ? 548 HOH A O   1 
HETATM 1360 O  O   . HOH M 5 .  ? 11.048  1.686   0.046   1.00 44.18 ? 549 HOH A O   1 
HETATM 1361 O  O   . HOH M 5 .  ? 3.091   -13.617 -1.256  1.00 51.14 ? 550 HOH A O   1 
HETATM 1362 O  O   . HOH M 5 .  ? 3.319   -15.989 -2.511  1.00 42.86 ? 551 HOH A O   1 
HETATM 1363 O  O   . HOH M 5 .  ? -11.952 -10.963 -16.055 1.00 36.98 ? 552 HOH A O   1 
HETATM 1364 O  O   . HOH M 5 .  ? -15.378 0.262   -13.492 1.00 35.75 ? 553 HOH A O   1 
HETATM 1365 O  O   . HOH M 5 .  ? -3.802  -0.343  -22.079 1.00 41.60 ? 554 HOH A O   1 
HETATM 1366 O  O   . HOH M 5 .  ? -1.625  1.648   -21.112 1.00 56.54 ? 555 HOH A O   1 
HETATM 1367 O  O   . HOH M 5 .  ? -13.184 -8.747  0.270   1.00 50.24 ? 556 HOH A O   1 
HETATM 1368 O  O   . HOH M 5 .  ? -0.203  -19.486 7.064   1.00 58.55 ? 557 HOH A O   1 
HETATM 1369 O  O   . HOH M 5 .  ? -7.311  -11.669 -19.041 1.00 46.31 ? 558 HOH A O   1 
HETATM 1370 O  O   . HOH M 5 .  ? 4.860   3.494   -16.128 1.00 41.23 ? 559 HOH A O   1 
HETATM 1371 O  O   . HOH M 5 .  ? 4.571   -12.742 -7.355  1.00 55.24 ? 560 HOH A O   1 
HETATM 1372 O  O   . HOH M 5 .  ? 0.158   -6.031  0.667   1.00 41.64 ? 561 HOH A O   1 
HETATM 1373 O  O   . HOH M 5 .  ? -4.570  6.523   -3.804  1.00 35.78 ? 562 HOH A O   1 
HETATM 1374 O  O   . HOH M 5 .  ? -5.542  4.448   -21.848 1.00 42.54 ? 563 HOH A O   1 
HETATM 1375 O  O   . HOH M 5 .  ? -10.494 7.254   -25.517 1.00 48.63 ? 564 HOH A O   1 
HETATM 1376 O  O   . HOH M 5 .  ? -19.149 -6.412  -19.955 1.00 50.74 ? 565 HOH A O   1 
HETATM 1377 O  O   . HOH M 5 .  ? -6.869  -13.460 -20.997 1.00 58.52 ? 566 HOH A O   1 
HETATM 1378 O  O   . HOH M 5 .  ? -1.607  -14.197 -19.808 1.00 46.73 ? 567 HOH A O   1 
HETATM 1379 O  O   . HOH M 5 .  ? 4.491   -8.881  -15.509 1.00 44.89 ? 568 HOH A O   1 
HETATM 1380 O  O   . HOH M 5 .  ? 2.040   -6.200  2.550   1.00 46.40 ? 569 HOH A O   1 
HETATM 1381 O  O   . HOH M 5 .  ? -20.945 -10.250 -6.539  1.00 51.71 ? 570 HOH A O   1 
HETATM 1382 O  O   . HOH N 5 .  ? -3.203  11.719  -3.589  1.00 42.26 ? 502 HOH B O   1 
HETATM 1383 O  O   . HOH N 5 .  ? -7.354  5.686   15.454  1.00 40.50 ? 503 HOH B O   1 
HETATM 1384 O  O   . HOH N 5 .  ? -13.504 8.358   13.245  1.00 69.45 ? 504 HOH B O   1 
HETATM 1385 O  O   . HOH N 5 .  ? 14.815  20.829  15.995  1.00 44.08 ? 505 HOH B O   1 
HETATM 1386 O  O   . HOH N 5 .  ? 3.947   -6.652  4.357   1.00 35.70 ? 506 HOH B O   1 
HETATM 1387 O  O   . HOH N 5 .  ? -0.853  4.648   0.238   1.00 36.11 ? 507 HOH B O   1 
HETATM 1388 O  O   . HOH N 5 .  ? -5.470  5.574   13.643  1.00 27.07 ? 508 HOH B O   1 
HETATM 1389 O  O   . HOH N 5 .  ? -4.892  -0.476  8.155   1.00 35.73 ? 509 HOH B O   1 
HETATM 1390 O  O   . HOH N 5 .  ? -7.433  0.614   9.774   1.00 30.60 ? 510 HOH B O   1 
HETATM 1391 O  O   . HOH N 5 .  ? 8.592   -6.005  9.972   1.00 33.20 ? 511 HOH B O   1 
HETATM 1392 O  O   . HOH N 5 .  ? 9.871   -3.467  7.904   1.00 34.56 ? 512 HOH B O   1 
HETATM 1393 O  O   . HOH N 5 .  ? 8.721   -3.435  1.573   1.00 42.21 ? 513 HOH B O   1 
HETATM 1394 O  O   . HOH N 5 .  ? 11.174  -11.624 15.815  1.00 40.68 ? 514 HOH B O   1 
HETATM 1395 O  O   . HOH N 5 .  ? 11.345  -14.164 13.344  1.00 41.94 ? 515 HOH B O   1 
HETATM 1396 O  O   . HOH N 5 .  ? 11.635  -1.017  15.108  1.00 35.57 ? 516 HOH B O   1 
HETATM 1397 O  O   . HOH N 5 .  ? 11.181  -5.384  16.859  1.00 36.90 ? 517 HOH B O   1 
HETATM 1398 O  O   . HOH N 5 .  ? 2.514   -4.131  19.745  1.00 33.86 ? 518 HOH B O   1 
HETATM 1399 O  O   . HOH N 5 .  ? 0.028   -2.936  19.275  1.00 30.11 ? 519 HOH B O   1 
HETATM 1400 O  O   . HOH N 5 .  ? 4.894   -6.568  25.692  1.00 34.67 ? 520 HOH B O   1 
HETATM 1401 O  O   . HOH N 5 .  ? 10.075  6.687   25.003  1.00 38.27 ? 521 HOH B O   1 
HETATM 1402 O  O   . HOH N 5 .  ? 12.473  6.202   23.509  1.00 43.31 ? 522 HOH B O   1 
HETATM 1403 O  O   . HOH N 5 .  ? 11.093  7.850   21.254  1.00 33.75 ? 523 HOH B O   1 
HETATM 1404 O  O   . HOH N 5 .  ? 8.446   9.080   22.062  1.00 34.59 ? 524 HOH B O   1 
HETATM 1405 O  O   . HOH N 5 .  ? 6.068   6.220   23.147  1.00 37.95 ? 525 HOH B O   1 
HETATM 1406 O  O   . HOH N 5 .  ? 9.462   12.512  9.701   1.00 29.20 ? 526 HOH B O   1 
HETATM 1407 O  O   . HOH N 5 .  ? 8.261   10.298  10.645  1.00 20.82 ? 527 HOH B O   1 
HETATM 1408 O  O   . HOH N 5 .  ? 14.246  8.696   9.011   1.00 38.90 ? 528 HOH B O   1 
HETATM 1409 O  O   . HOH N 5 .  ? 3.303   6.950   2.385   1.00 25.62 ? 529 HOH B O   1 
HETATM 1410 O  O   . HOH N 5 .  ? 8.721   11.097  4.961   1.00 35.59 ? 530 HOH B O   1 
HETATM 1411 O  O   . HOH N 5 .  ? 12.575  3.591   24.624  1.00 41.32 ? 531 HOH B O   1 
HETATM 1412 O  O   . HOH N 5 .  ? 4.104   15.577  13.136  1.00 22.08 ? 532 HOH B O   1 
HETATM 1413 O  O   . HOH N 5 .  ? 7.844   16.305  15.716  1.00 28.35 ? 533 HOH B O   1 
HETATM 1414 O  O   . HOH N 5 .  ? -0.892  2.864   19.219  1.00 33.50 ? 534 HOH B O   1 
HETATM 1415 O  O   . HOH N 5 .  ? -0.444  2.850   22.235  1.00 43.94 ? 535 HOH B O   1 
HETATM 1416 O  O   . HOH N 5 .  ? 2.340   3.480   -4.120  1.00 49.36 ? 536 HOH B O   1 
HETATM 1417 O  O   . HOH N 5 .  ? 7.292   4.052   -5.730  1.00 38.23 ? 537 HOH B O   1 
HETATM 1418 O  O   . HOH N 5 .  ? 7.299   8.017   -2.859  1.00 40.60 ? 538 HOH B O   1 
HETATM 1419 O  O   . HOH N 5 .  ? 0.536   6.891   0.975   1.00 44.69 ? 539 HOH B O   1 
HETATM 1420 O  O   . HOH N 5 .  ? 5.656   14.601  3.030   1.00 43.40 ? 540 HOH B O   1 
HETATM 1421 O  O   . HOH N 5 .  ? 15.104  4.481   9.392   1.00 31.33 ? 541 HOH B O   1 
HETATM 1422 O  O   . HOH N 5 .  ? 15.993  -0.678  8.166   1.00 44.35 ? 542 HOH B O   1 
HETATM 1423 O  O   . HOH N 5 .  ? 8.441   20.119  5.975   1.00 40.05 ? 543 HOH B O   1 
HETATM 1424 O  O   . HOH N 5 .  ? -4.247  -3.085  6.259   1.00 43.26 ? 544 HOH B O   1 
HETATM 1425 O  O   . HOH N 5 .  ? -9.329  8.126   13.725  1.00 48.84 ? 545 HOH B O   1 
HETATM 1426 O  O   . HOH N 5 .  ? -3.562  -5.211  8.819   1.00 32.28 ? 546 HOH B O   1 
HETATM 1427 O  O   . HOH N 5 .  ? 5.559   -13.977 7.103   1.00 48.64 ? 547 HOH B O   1 
HETATM 1428 O  O   . HOH N 5 .  ? 9.130   -11.919 4.637   1.00 43.65 ? 548 HOH B O   1 
HETATM 1429 O  O   . HOH N 5 .  ? 8.187   -11.383 15.326  1.00 31.91 ? 549 HOH B O   1 
HETATM 1430 O  O   . HOH N 5 .  ? -9.850  2.703   17.754  1.00 48.31 ? 550 HOH B O   1 
HETATM 1431 O  O   . HOH N 5 .  ? 10.783  1.992   -3.738  1.00 57.43 ? 551 HOH B O   1 
HETATM 1432 O  O   . HOH N 5 .  ? 17.549  7.268   19.066  1.00 35.96 ? 552 HOH B O   1 
HETATM 1433 O  O   . HOH N 5 .  ? 12.989  3.924   22.152  1.00 31.28 ? 553 HOH B O   1 
HETATM 1434 O  O   . HOH N 5 .  ? 13.042  10.780  10.264  1.00 38.91 ? 554 HOH B O   1 
HETATM 1435 O  O   . HOH N 5 .  ? 12.660  3.816   -0.464  1.00 38.44 ? 555 HOH B O   1 
HETATM 1436 O  O   . HOH N 5 .  ? -4.524  19.837  2.493   1.00 43.85 ? 556 HOH B O   1 
HETATM 1437 O  O   . HOH N 5 .  ? -7.942  19.460  -4.218  1.00 49.20 ? 557 HOH B O   1 
HETATM 1438 O  O   . HOH N 5 .  ? 2.176   10.113  20.098  1.00 37.65 ? 558 HOH B O   1 
HETATM 1439 O  O   . HOH N 5 .  ? 13.978  17.987  11.197  1.00 46.51 ? 559 HOH B O   1 
HETATM 1440 O  O   . HOH N 5 .  ? 12.484  25.933  17.930  1.00 51.74 ? 560 HOH B O   1 
HETATM 1441 O  O   . HOH N 5 .  ? 15.206  24.315  13.702  1.00 45.58 ? 561 HOH B O   1 
HETATM 1442 O  O   . HOH N 5 .  ? 7.710   15.580  18.325  1.00 43.32 ? 562 HOH B O   1 
HETATM 1443 O  O   . HOH N 5 .  ? 12.599  13.843  -1.629  1.00 42.99 ? 563 HOH B O   1 
HETATM 1444 O  O   . HOH N 5 .  ? 4.946   17.261  15.209  1.00 36.04 ? 564 HOH B O   1 
HETATM 1445 O  O   . HOH N 5 .  ? 3.709   17.654  17.522  1.00 42.02 ? 565 HOH B O   1 
HETATM 1446 O  O   . HOH N 5 .  ? -5.674  0.213   18.371  1.00 47.00 ? 566 HOH B O   1 
HETATM 1447 O  O   . HOH N 5 .  ? -5.369  -3.234  9.067   1.00 45.58 ? 567 HOH B O   1 
HETATM 1448 O  O   . HOH N 5 .  ? 9.277   2.263   -6.219  1.00 39.10 ? 568 HOH B O   1 
HETATM 1449 O  O   . HOH N 5 .  ? -2.895  6.303   -0.636  1.00 50.11 ? 569 HOH B O   1 
HETATM 1450 O  O   . HOH N 5 .  ? -9.267  7.434   7.100   1.00 50.78 ? 570 HOH B O   1 
HETATM 1451 O  O   . HOH N 5 .  ? 12.467  15.000  18.600  1.00 58.21 ? 571 HOH B O   1 
HETATM 1452 O  O   . HOH N 5 .  ? 5.999   12.742  21.087  1.00 40.96 ? 572 HOH B O   1 
HETATM 1453 O  O   . HOH N 5 .  ? 3.055   14.577  2.761   1.00 34.60 ? 573 HOH B O   1 
HETATM 1454 O  O   . HOH N 5 .  ? 12.784  -2.275  21.449  1.00 48.85 ? 574 HOH B O   1 
HETATM 1455 O  O   . HOH N 5 .  ? 6.734   -2.547  27.222  1.00 47.93 ? 575 HOH B O   1 
HETATM 1456 O  O   . HOH N 5 .  ? 13.201  -2.467  13.468  1.00 47.29 ? 576 HOH B O   1 
HETATM 1457 O  O   . HOH N 5 .  ? 0.287   -3.288  2.676   1.00 46.59 ? 577 HOH B O   1 
HETATM 1458 O  O   . HOH N 5 .  ? 11.716  -3.056  27.818  1.00 50.37 ? 578 HOH B O   1 
HETATM 1459 O  O   . HOH N 5 .  ? 4.109   5.305   -6.261  1.00 48.28 ? 579 HOH B O   1 
HETATM 1460 O  O   . HOH N 5 .  ? 7.941   -7.923  2.328   1.00 49.52 ? 580 HOH B O   1 
HETATM 1461 O  O   . HOH N 5 .  ? -9.626  2.622   9.602   1.00 39.39 ? 581 HOH B O   1 
HETATM 1462 O  O   . HOH N 5 .  ? -12.688 2.651   10.096  1.00 47.47 ? 582 HOH B O   1 
HETATM 1463 O  O   . HOH N 5 .  ? 10.512  6.784   -8.287  1.00 43.51 ? 583 HOH B O   1 
HETATM 1464 O  O   . HOH N 5 .  ? 7.942   21.760  14.753  1.00 44.71 ? 584 HOH B O   1 
HETATM 1465 O  O   . HOH N 5 .  ? 14.630  5.365   14.918  1.00 26.65 ? 585 HOH B O   1 
# 
